data_6Z7Q
#
_entry.id   6Z7Q
#
_cell.length_a   1.00
_cell.length_b   1.00
_cell.length_c   1.00
_cell.angle_alpha   90.00
_cell.angle_beta   90.00
_cell.angle_gamma   90.00
#
_symmetry.space_group_name_H-M   'P 1'
#
_entity_poly.entity_id   1
_entity_poly.type   'polypeptide(L)'
_entity_poly.pdbx_seq_one_letter_code
;MRRAVGVPPVMAYAEGPPPSYESVMGSADSPATLEALYVPPRYLGPTEGRNSIRYSELAPLYDTTRVYLVDNKSADIASL
NYQNDHSNFQTTVVQNNDFTPAEAGTQTINFDERSRWGADLKTILRTNMPNINEFMSTNKFKARLMVEKKNKETGLPRYE
WFEFTLPEGNYSETMTIDLMNNAIVDNYLEVGRQNGVLESDIGVKFDTRNFRLGWDPVTKLVMPGVYTNEAFHPDIVLLP
GCGVDFTQSRLSNLLGIRKRLPFQEGFQIMYEDLEGGNIPALLDVAKYEASIQKAKEEGKEIGDDTFATRPQDLVIEPVA
KDSKNRSYNLLPNDQNNTAYRSWFLAYNYGDPKKGVQSWTLLTTADVTCGSQQVYWSLPDMMQDPVTFRPSTQVSNYPVV
GVELLPVHAKSFYNEQAVYSQLIRQSTALTHVFNRFPENQILVRPPAPTITTVSENVPALTDHGTLPLRSSISGVQRVTI
TDARRRTCPYVHKALGIVAPKVLSSRTF
;
_entity_poly.pdbx_strand_id   A,B,C,D,E
#
# COMPACT_ATOMS: atom_id res chain seq x y z
N ARG A 50 -20.59 -46.94 -3.83
CA ARG A 50 -20.53 -45.76 -2.95
C ARG A 50 -20.18 -44.53 -3.76
N ASN A 51 -20.18 -43.39 -3.08
CA ASN A 51 -19.78 -42.12 -3.68
C ASN A 51 -20.62 -41.80 -4.91
N SER A 52 -21.83 -41.30 -4.70
CA SER A 52 -22.70 -40.96 -5.82
C SER A 52 -23.74 -39.93 -5.42
N ILE A 53 -23.35 -38.65 -5.44
CA ILE A 53 -24.28 -37.58 -5.10
C ILE A 53 -25.42 -37.56 -6.10
N ARG A 54 -26.64 -37.44 -5.58
CA ARG A 54 -27.85 -37.48 -6.39
C ARG A 54 -28.68 -36.23 -6.14
N TYR A 55 -29.68 -36.01 -6.99
CA TYR A 55 -30.59 -34.89 -6.84
C TYR A 55 -32.01 -35.33 -7.13
N SER A 56 -32.19 -36.63 -7.39
CA SER A 56 -33.48 -37.24 -7.72
C SER A 56 -33.98 -36.79 -9.09
N GLU A 57 -33.82 -37.67 -10.08
CA GLU A 57 -34.37 -37.50 -11.42
C GLU A 57 -33.66 -36.43 -12.24
N LEU A 58 -32.41 -36.09 -11.87
CA LEU A 58 -31.58 -35.22 -12.70
C LEU A 58 -30.22 -35.84 -13.00
N ALA A 59 -30.15 -37.17 -13.03
CA ALA A 59 -28.94 -37.91 -13.39
C ALA A 59 -27.84 -37.72 -12.35
N PRO A 60 -27.46 -38.76 -11.63
CA PRO A 60 -26.46 -38.61 -10.58
C PRO A 60 -25.11 -38.21 -11.15
N LEU A 61 -24.61 -37.07 -10.68
CA LEU A 61 -23.29 -36.59 -11.06
C LEU A 61 -22.24 -37.01 -10.04
N TYR A 62 -22.01 -38.32 -9.96
CA TYR A 62 -21.28 -38.93 -8.86
C TYR A 62 -19.90 -38.33 -8.64
N ASP A 63 -19.38 -38.51 -7.41
CA ASP A 63 -18.12 -37.98 -6.92
C ASP A 63 -18.19 -36.48 -6.74
N THR A 64 -17.05 -35.85 -6.45
CA THR A 64 -16.98 -34.49 -5.94
C THR A 64 -17.72 -33.53 -6.86
N THR A 65 -18.58 -32.71 -6.29
CA THR A 65 -19.27 -31.63 -6.99
C THR A 65 -19.07 -30.34 -6.21
N ARG A 66 -19.91 -29.35 -6.48
CA ARG A 66 -19.89 -28.10 -5.72
C ARG A 66 -21.31 -27.58 -5.62
N VAL A 67 -21.53 -26.71 -4.63
CA VAL A 67 -22.84 -26.13 -4.38
C VAL A 67 -22.65 -24.75 -3.79
N TYR A 68 -23.37 -23.77 -4.34
CA TYR A 68 -23.05 -22.36 -4.14
C TYR A 68 -24.12 -21.70 -3.28
N LEU A 69 -23.86 -21.61 -1.98
CA LEU A 69 -24.71 -20.84 -1.09
C LEU A 69 -24.58 -19.36 -1.43
N VAL A 70 -25.15 -18.97 -2.56
CA VAL A 70 -25.09 -17.57 -2.99
C VAL A 70 -26.00 -16.74 -2.10
N ASP A 71 -26.15 -15.47 -2.44
CA ASP A 71 -26.86 -14.55 -1.57
C ASP A 71 -27.84 -13.66 -2.34
N ASN A 72 -27.38 -13.07 -3.43
CA ASN A 72 -28.17 -12.11 -4.18
C ASN A 72 -29.43 -12.75 -4.74
N LYS A 73 -29.42 -14.07 -4.91
CA LYS A 73 -30.62 -14.78 -5.36
C LYS A 73 -30.44 -16.29 -5.20
N SER A 79 -35.90 -14.95 -5.74
CA SER A 79 -35.79 -15.70 -4.50
C SER A 79 -35.57 -14.76 -3.32
N LEU A 80 -35.58 -13.46 -3.60
CA LEU A 80 -35.58 -12.42 -2.58
C LEU A 80 -37.01 -12.10 -2.17
N ASN A 81 -37.87 -13.10 -2.22
CA ASN A 81 -39.29 -12.93 -1.94
C ASN A 81 -39.72 -13.55 -0.62
N TYR A 82 -39.07 -14.62 -0.17
CA TYR A 82 -39.46 -15.28 1.07
C TYR A 82 -38.39 -15.14 2.14
N GLN A 83 -37.46 -14.20 1.95
CA GLN A 83 -36.49 -13.93 3.00
C GLN A 83 -36.32 -12.43 3.21
N ASN A 84 -37.33 -11.65 2.83
CA ASN A 84 -37.41 -10.28 3.30
C ASN A 84 -37.74 -10.28 4.79
N ASP A 85 -37.50 -9.14 5.44
CA ASP A 85 -37.66 -9.02 6.88
C ASP A 85 -36.67 -9.95 7.59
N HIS A 86 -36.90 -11.26 7.49
CA HIS A 86 -35.95 -12.26 7.98
C HIS A 86 -34.72 -12.18 7.09
N SER A 87 -33.85 -11.22 7.39
CA SER A 87 -32.82 -10.86 6.43
C SER A 87 -31.55 -10.34 7.09
N ASN A 88 -31.42 -9.02 7.20
CA ASN A 88 -30.13 -8.39 7.44
C ASN A 88 -29.16 -8.98 6.45
N PHE A 89 -28.23 -9.81 6.94
CA PHE A 89 -27.53 -10.74 6.06
C PHE A 89 -27.16 -12.00 6.84
N GLN A 90 -27.99 -12.38 7.79
CA GLN A 90 -28.09 -13.77 8.24
C GLN A 90 -29.20 -14.47 7.47
N THR A 91 -29.08 -14.35 6.15
CA THR A 91 -30.12 -14.72 5.20
C THR A 91 -30.50 -16.19 5.26
N THR A 92 -31.52 -16.56 4.49
CA THR A 92 -31.94 -17.94 4.33
C THR A 92 -32.01 -18.18 2.83
N VAL A 93 -30.89 -18.55 2.22
CA VAL A 93 -30.80 -18.62 0.77
C VAL A 93 -31.20 -20.00 0.29
N VAL A 94 -31.23 -20.17 -1.02
CA VAL A 94 -31.70 -21.39 -1.65
C VAL A 94 -30.62 -21.94 -2.58
N GLN A 95 -30.63 -23.24 -2.78
CA GLN A 95 -29.86 -23.84 -3.87
C GLN A 95 -30.84 -24.24 -4.98
N ASN A 96 -30.46 -25.19 -5.83
CA ASN A 96 -31.28 -25.55 -6.98
C ASN A 96 -31.64 -24.29 -7.77
N ASN A 97 -30.65 -23.48 -8.10
CA ASN A 97 -30.93 -22.17 -8.68
C ASN A 97 -31.45 -22.26 -10.12
N ASP A 98 -32.27 -23.27 -10.40
CA ASP A 98 -33.10 -23.27 -11.59
C ASP A 98 -34.40 -22.52 -11.30
N PHE A 99 -35.28 -22.47 -12.29
CA PHE A 99 -36.62 -21.91 -12.10
C PHE A 99 -37.49 -22.22 -13.31
N THR A 108 -34.53 -31.77 -2.44
CA THR A 108 -33.72 -32.27 -1.34
C THR A 108 -32.52 -33.05 -1.86
N ILE A 109 -31.36 -32.38 -1.90
CA ILE A 109 -30.15 -32.98 -2.45
C ILE A 109 -29.70 -34.12 -1.54
N ASN A 110 -30.21 -35.31 -1.78
CA ASN A 110 -29.80 -36.45 -0.98
C ASN A 110 -28.39 -36.88 -1.38
N PHE A 111 -27.43 -36.63 -0.49
CA PHE A 111 -26.07 -37.11 -0.72
C PHE A 111 -26.03 -38.62 -0.56
N ASP A 112 -25.02 -39.24 -1.16
CA ASP A 112 -24.90 -40.69 -1.10
C ASP A 112 -24.49 -41.13 0.29
N GLU A 113 -25.25 -42.05 0.85
CA GLU A 113 -24.88 -42.66 2.13
C GLU A 113 -23.68 -43.58 1.88
N ARG A 114 -23.32 -44.36 2.91
CA ARG A 114 -22.14 -45.22 2.86
C ARG A 114 -20.87 -44.41 2.66
N SER A 115 -20.87 -43.15 3.08
CA SER A 115 -19.69 -42.29 2.99
C SER A 115 -19.91 -41.01 3.77
N ARG A 116 -19.17 -40.82 4.85
CA ARG A 116 -19.30 -39.63 5.67
C ARG A 116 -18.85 -38.42 4.85
N TRP A 117 -19.78 -37.84 4.11
CA TRP A 117 -19.45 -36.76 3.18
C TRP A 117 -18.89 -35.55 3.91
N GLY A 118 -17.66 -35.19 3.60
CA GLY A 118 -17.10 -33.93 4.04
C GLY A 118 -17.22 -32.86 2.99
N ALA A 119 -16.81 -31.65 3.36
CA ALA A 119 -17.00 -30.54 2.45
C ALA A 119 -16.00 -29.44 2.74
N ASP A 120 -15.33 -28.95 1.71
CA ASP A 120 -14.59 -27.72 1.81
C ASP A 120 -15.55 -26.54 1.81
N LEU A 121 -15.18 -25.50 2.56
CA LEU A 121 -16.03 -24.33 2.73
C LEU A 121 -15.21 -23.07 2.52
N LYS A 122 -14.97 -22.71 1.27
CA LYS A 122 -14.49 -21.37 1.00
C LYS A 122 -15.62 -20.38 1.24
N THR A 123 -15.31 -19.09 1.17
CA THR A 123 -16.33 -18.09 1.41
C THR A 123 -15.83 -16.73 0.96
N ILE A 124 -16.72 -15.76 1.04
CA ILE A 124 -16.42 -14.36 0.77
C ILE A 124 -17.21 -13.54 1.79
N LEU A 125 -16.55 -12.56 2.38
CA LEU A 125 -17.06 -11.89 3.56
C LEU A 125 -16.95 -10.37 3.42
N ARG A 126 -17.41 -9.86 2.29
CA ARG A 126 -17.31 -8.42 2.05
C ARG A 126 -18.15 -7.70 3.09
N THR A 127 -17.50 -7.32 4.19
CA THR A 127 -18.18 -6.64 5.27
C THR A 127 -18.32 -5.15 4.96
N ASN A 128 -18.81 -4.41 5.94
CA ASN A 128 -19.09 -2.98 5.76
C ASN A 128 -19.48 -2.38 7.11
N MET A 129 -18.53 -1.79 7.79
CA MET A 129 -18.79 -1.38 9.16
C MET A 129 -17.88 -0.23 9.58
N PRO A 130 -18.44 0.87 10.06
CA PRO A 130 -17.59 1.96 10.57
C PRO A 130 -16.92 1.57 11.88
N ASN A 131 -15.87 2.31 12.21
CA ASN A 131 -15.15 2.03 13.45
C ASN A 131 -15.87 2.54 14.68
N ILE A 132 -16.92 3.34 14.52
CA ILE A 132 -17.71 3.85 15.64
C ILE A 132 -19.16 3.47 15.37
N ASN A 133 -19.64 2.41 16.03
CA ASN A 133 -20.95 1.85 15.74
C ASN A 133 -21.62 1.37 17.01
N GLU A 134 -22.79 1.91 17.29
CA GLU A 134 -23.49 1.54 18.52
C GLU A 134 -23.97 0.09 18.53
N PHE A 135 -23.60 -0.71 17.53
CA PHE A 135 -23.94 -2.14 17.56
C PHE A 135 -23.06 -2.84 18.58
N MET A 136 -21.76 -2.94 18.30
CA MET A 136 -20.79 -3.34 19.32
C MET A 136 -20.41 -2.07 20.08
N SER A 137 -20.74 -2.02 21.37
CA SER A 137 -20.61 -0.82 22.16
C SER A 137 -19.26 -0.16 21.94
N THR A 138 -19.26 0.94 21.20
CA THR A 138 -18.02 1.61 20.83
C THR A 138 -18.18 3.13 20.78
N ASN A 139 -19.41 3.63 20.72
CA ASN A 139 -19.67 5.06 20.69
C ASN A 139 -20.13 5.60 22.04
N LYS A 140 -19.78 4.90 23.13
CA LYS A 140 -20.14 5.33 24.47
C LYS A 140 -18.94 5.15 25.38
N PHE A 141 -18.89 5.97 26.42
CA PHE A 141 -17.82 5.87 27.42
C PHE A 141 -18.23 6.68 28.63
N LYS A 142 -18.54 6.02 29.74
CA LYS A 142 -18.95 6.74 30.93
C LYS A 142 -17.79 7.57 31.44
N ALA A 143 -18.01 8.87 31.56
CA ALA A 143 -16.96 9.79 31.99
C ALA A 143 -17.50 10.68 33.09
N ARG A 144 -16.79 10.73 34.21
CA ARG A 144 -17.14 11.64 35.29
C ARG A 144 -16.80 13.07 34.88
N LEU A 145 -17.39 14.03 35.58
CA LEU A 145 -17.17 15.42 35.23
C LEU A 145 -17.74 16.29 36.33
N MET A 146 -17.11 17.45 36.55
CA MET A 146 -17.51 18.37 37.61
C MET A 146 -18.82 19.04 37.23
N VAL A 147 -19.92 18.59 37.83
CA VAL A 147 -21.23 19.07 37.44
C VAL A 147 -21.55 20.41 38.09
N GLU A 148 -21.39 20.51 39.40
CA GLU A 148 -21.79 21.69 40.15
C GLU A 148 -20.59 22.23 40.91
N LYS A 149 -20.36 23.54 40.80
CA LYS A 149 -19.28 24.20 41.51
C LYS A 149 -19.83 24.94 42.71
N LYS A 150 -19.37 24.55 43.90
CA LYS A 150 -19.77 25.20 45.15
C LYS A 150 -21.29 25.19 45.32
N ASN A 151 -21.82 23.99 45.52
CA ASN A 151 -23.22 23.88 45.84
C ASN A 151 -23.48 24.46 47.23
N LYS A 152 -24.76 24.70 47.53
CA LYS A 152 -25.12 25.33 48.80
C LYS A 152 -24.69 24.46 49.98
N GLU A 153 -25.22 23.24 50.07
CA GLU A 153 -24.81 22.33 51.12
C GLU A 153 -23.41 21.81 50.85
N THR A 154 -22.55 21.88 51.86
CA THR A 154 -21.16 21.43 51.76
C THR A 154 -20.41 22.23 50.71
N GLY A 155 -19.75 23.31 51.11
CA GLY A 155 -19.11 24.19 50.16
C GLY A 155 -17.95 23.51 49.46
N LEU A 156 -18.29 22.63 48.52
CA LEU A 156 -17.33 21.76 47.85
C LEU A 156 -17.97 21.28 46.56
N PRO A 157 -17.26 21.26 45.44
CA PRO A 157 -17.88 20.89 44.17
C PRO A 157 -18.43 19.48 44.18
N ARG A 158 -19.31 19.20 43.23
CA ARG A 158 -20.01 17.93 43.14
C ARG A 158 -19.70 17.25 41.82
N TYR A 159 -19.55 15.93 41.86
CA TYR A 159 -19.22 15.13 40.70
C TYR A 159 -20.31 14.09 40.48
N GLU A 160 -20.71 13.90 39.22
CA GLU A 160 -21.76 12.95 38.88
C GLU A 160 -21.42 12.31 37.55
N TRP A 161 -21.30 10.98 37.55
CA TRP A 161 -21.00 10.24 36.32
C TRP A 161 -21.98 10.60 35.20
N PHE A 162 -21.44 10.98 34.06
CA PHE A 162 -22.21 11.16 32.85
C PHE A 162 -21.90 10.05 31.86
N GLU A 163 -22.84 9.79 30.96
CA GLU A 163 -22.69 8.74 29.95
C GLU A 163 -22.80 9.37 28.58
N PHE A 164 -21.70 9.40 27.85
CA PHE A 164 -21.59 10.16 26.62
C PHE A 164 -21.81 9.29 25.39
N THR A 165 -22.09 9.95 24.28
CA THR A 165 -22.28 9.29 23.00
C THR A 165 -21.80 10.22 21.89
N LEU A 166 -20.98 9.69 21.00
CA LEU A 166 -20.50 10.47 19.87
C LEU A 166 -21.06 9.91 18.57
N PRO A 167 -21.23 10.75 17.54
CA PRO A 167 -21.86 10.28 16.30
C PRO A 167 -21.12 9.10 15.70
N GLU A 168 -21.84 8.35 14.86
CA GLU A 168 -21.26 7.21 14.18
C GLU A 168 -20.46 7.67 12.97
N GLY A 169 -20.00 6.72 12.18
CA GLY A 169 -19.23 7.09 10.99
C GLY A 169 -17.80 6.60 11.11
N ASN A 170 -17.33 5.99 10.03
CA ASN A 170 -16.01 5.39 10.01
C ASN A 170 -14.95 6.48 10.16
N TYR A 171 -14.60 6.80 11.39
CA TYR A 171 -13.79 7.96 11.69
C TYR A 171 -12.32 7.60 11.78
N SER A 172 -11.47 8.52 11.30
CA SER A 172 -10.04 8.37 11.43
C SER A 172 -9.63 8.55 12.89
N GLU A 173 -8.33 8.43 13.14
CA GLU A 173 -7.84 8.52 14.50
C GLU A 173 -8.01 9.92 15.06
N THR A 174 -7.21 10.86 14.57
CA THR A 174 -7.13 12.19 15.17
C THR A 174 -8.43 12.97 15.09
N MET A 175 -9.51 12.32 14.64
CA MET A 175 -10.83 12.92 14.74
C MET A 175 -11.68 12.30 15.82
N THR A 176 -11.53 10.99 16.07
CA THR A 176 -12.27 10.38 17.16
C THR A 176 -11.92 11.03 18.49
N ILE A 177 -10.62 11.11 18.80
CA ILE A 177 -10.19 11.85 19.98
C ILE A 177 -10.64 13.30 19.88
N ASP A 178 -10.41 13.93 18.72
CA ASP A 178 -10.86 15.30 18.54
C ASP A 178 -12.36 15.44 18.61
N LEU A 179 -13.09 14.32 18.60
CA LEU A 179 -14.52 14.32 18.88
C LEU A 179 -14.81 14.02 20.34
N MET A 180 -13.99 13.19 20.98
CA MET A 180 -14.17 12.91 22.40
C MET A 180 -14.16 14.19 23.21
N ASN A 181 -13.07 14.94 23.17
CA ASN A 181 -12.99 16.18 23.92
C ASN A 181 -13.82 17.28 23.27
N ASN A 182 -14.79 16.88 22.45
CA ASN A 182 -15.91 17.76 22.10
C ASN A 182 -17.21 17.30 22.73
N ALA A 183 -17.42 15.98 22.86
CA ALA A 183 -18.57 15.50 23.60
C ALA A 183 -18.54 15.99 25.04
N ILE A 184 -17.42 15.77 25.72
CA ILE A 184 -17.27 16.18 27.13
C ILE A 184 -16.99 17.67 27.20
N VAL A 185 -17.29 18.38 26.12
CA VAL A 185 -17.47 19.82 26.17
C VAL A 185 -18.94 20.21 26.06
N ASP A 186 -19.74 19.47 25.29
CA ASP A 186 -21.17 19.74 25.24
C ASP A 186 -21.78 19.56 26.62
N ASN A 187 -21.51 18.43 27.28
CA ASN A 187 -22.03 18.23 28.62
C ASN A 187 -21.29 19.07 29.64
N TYR A 188 -20.51 20.04 29.16
CA TYR A 188 -20.12 21.20 29.93
C TYR A 188 -20.94 22.43 29.59
N LEU A 189 -21.24 22.64 28.31
CA LEU A 189 -22.10 23.74 27.92
C LEU A 189 -23.56 23.47 28.28
N GLU A 190 -23.96 22.20 28.23
CA GLU A 190 -25.34 21.82 28.49
C GLU A 190 -25.65 21.95 29.98
N VAL A 191 -25.24 20.96 30.77
CA VAL A 191 -25.48 20.96 32.20
C VAL A 191 -24.16 21.13 32.94
N GLY A 192 -23.79 22.38 33.20
CA GLY A 192 -22.52 22.64 33.84
C GLY A 192 -22.12 24.10 33.78
N ARG A 193 -21.98 24.63 32.57
CA ARG A 193 -21.59 26.04 32.43
C ARG A 193 -22.63 26.97 33.00
N GLN A 194 -23.90 26.55 33.02
CA GLN A 194 -24.94 27.40 33.57
C GLN A 194 -24.84 27.52 35.08
N ASN A 195 -24.32 26.49 35.75
CA ASN A 195 -24.21 26.52 37.21
C ASN A 195 -23.01 27.33 37.64
N GLY A 196 -21.82 26.73 37.65
CA GLY A 196 -20.67 27.42 38.19
C GLY A 196 -19.33 27.09 37.57
N VAL A 197 -19.26 26.02 36.78
CA VAL A 197 -17.97 25.62 36.18
C VAL A 197 -17.45 26.75 35.31
N LEU A 198 -16.21 27.15 35.54
CA LEU A 198 -15.63 28.33 34.92
C LEU A 198 -14.67 27.97 33.78
N GLU A 199 -15.05 26.98 32.97
CA GLU A 199 -14.41 26.63 31.70
C GLU A 199 -12.97 26.15 31.85
N SER A 200 -12.33 26.45 32.97
CA SER A 200 -11.01 25.91 33.25
C SER A 200 -11.08 24.58 33.99
N ASP A 201 -12.27 24.15 34.40
CA ASP A 201 -12.44 22.92 35.15
C ASP A 201 -13.25 21.91 34.36
N ILE A 202 -12.97 21.82 33.06
CA ILE A 202 -13.72 20.92 32.18
C ILE A 202 -13.65 19.49 32.69
N GLY A 203 -12.57 19.13 33.37
CA GLY A 203 -12.41 17.79 33.87
C GLY A 203 -11.61 16.95 32.90
N VAL A 204 -12.08 15.73 32.64
CA VAL A 204 -11.44 14.88 31.64
C VAL A 204 -11.35 15.62 30.33
N LYS A 205 -10.22 15.46 29.64
CA LYS A 205 -10.06 16.02 28.31
C LYS A 205 -9.00 15.19 27.60
N PHE A 206 -9.45 14.31 26.70
CA PHE A 206 -8.53 13.48 25.95
C PHE A 206 -7.53 14.35 25.19
N ASP A 207 -6.28 13.93 25.20
CA ASP A 207 -5.20 14.66 24.53
C ASP A 207 -4.24 13.63 23.98
N THR A 208 -3.15 14.09 23.38
CA THR A 208 -2.22 13.16 22.76
C THR A 208 -0.80 13.74 22.71
N ARG A 209 -0.41 14.43 23.77
CA ARG A 209 0.93 15.00 23.85
C ARG A 209 1.71 14.37 25.00
N ASN A 210 2.93 14.86 25.18
CA ASN A 210 3.79 14.49 26.29
C ASN A 210 4.27 15.80 26.89
N PHE A 211 3.51 16.30 27.87
CA PHE A 211 3.67 17.66 28.33
C PHE A 211 5.03 17.96 28.92
N ARG A 212 5.71 16.96 29.45
CA ARG A 212 6.97 17.15 30.15
C ARG A 212 8.13 16.79 29.23
N LEU A 213 8.52 17.73 28.37
CA LEU A 213 9.76 17.60 27.63
C LEU A 213 10.74 18.72 27.98
N GLY A 214 10.45 19.95 27.57
CA GLY A 214 11.34 21.05 27.88
C GLY A 214 11.40 21.37 29.36
N TRP A 215 11.62 20.33 30.17
CA TRP A 215 11.48 20.41 31.63
C TRP A 215 12.86 20.22 32.24
N ASP A 216 13.64 21.29 32.27
CA ASP A 216 15.00 21.21 32.79
C ASP A 216 14.98 21.07 34.31
N PRO A 217 15.45 19.97 34.85
CA PRO A 217 15.29 19.71 36.30
C PRO A 217 16.12 20.61 37.20
N VAL A 218 16.47 21.80 36.74
CA VAL A 218 17.01 22.82 37.63
C VAL A 218 15.92 23.76 38.12
N THR A 219 14.87 23.98 37.34
CA THR A 219 13.72 24.75 37.76
C THR A 219 12.43 23.95 37.78
N LYS A 220 12.40 22.77 37.14
CA LYS A 220 11.27 21.87 37.11
C LYS A 220 10.05 22.44 36.40
N LEU A 221 10.22 23.49 35.59
CA LEU A 221 9.12 24.02 34.80
C LEU A 221 9.14 23.40 33.40
N VAL A 222 8.60 24.11 32.42
CA VAL A 222 8.67 23.72 31.02
C VAL A 222 9.13 24.94 30.24
N MET A 223 10.40 24.96 29.88
CA MET A 223 11.02 26.19 29.39
C MET A 223 10.41 26.74 28.10
N PRO A 224 10.24 25.98 27.02
CA PRO A 224 9.86 26.60 25.75
C PRO A 224 8.45 27.15 25.77
N GLY A 225 8.18 28.09 26.67
CA GLY A 225 6.93 28.82 26.73
C GLY A 225 5.68 27.97 26.72
N VAL A 226 5.52 27.12 25.72
CA VAL A 226 4.32 26.31 25.54
C VAL A 226 4.71 24.84 25.47
N TYR A 227 3.74 23.98 25.74
CA TYR A 227 3.98 22.55 25.59
C TYR A 227 4.32 22.23 24.14
N THR A 228 4.93 21.07 23.95
CA THR A 228 5.37 20.67 22.62
C THR A 228 4.22 20.05 21.85
N ASN A 229 4.18 20.34 20.54
CA ASN A 229 3.07 19.94 19.69
C ASN A 229 3.30 18.61 18.98
N GLU A 230 4.46 17.99 19.16
CA GLU A 230 4.70 16.72 18.50
C GLU A 230 3.94 15.64 19.24
N ALA A 231 2.84 15.19 18.66
CA ALA A 231 1.96 14.24 19.33
C ALA A 231 2.60 12.87 19.38
N PHE A 232 2.68 12.30 20.58
CA PHE A 232 3.25 10.97 20.74
C PHE A 232 2.14 9.93 20.82
N HIS A 233 1.71 9.63 22.00
CA HIS A 233 0.58 8.75 22.15
C HIS A 233 -0.61 9.51 22.73
N PRO A 234 -1.83 9.12 22.39
CA PRO A 234 -2.99 9.68 23.08
C PRO A 234 -2.96 9.34 24.55
N ASP A 235 -3.65 10.17 25.34
CA ASP A 235 -3.65 10.02 26.78
C ASP A 235 -4.76 10.88 27.36
N ILE A 236 -5.13 10.57 28.59
CA ILE A 236 -6.18 11.29 29.30
C ILE A 236 -5.53 12.40 30.10
N VAL A 237 -6.31 13.45 30.40
CA VAL A 237 -5.87 14.56 31.22
C VAL A 237 -7.00 14.90 32.18
N LEU A 238 -6.76 14.74 33.48
CA LEU A 238 -7.86 14.77 34.43
C LEU A 238 -7.94 16.09 35.19
N LEU A 239 -8.40 16.03 36.44
CA LEU A 239 -8.50 17.16 37.35
C LEU A 239 -8.93 16.64 38.71
N PRO A 240 -8.56 17.29 39.82
CA PRO A 240 -8.95 16.78 41.14
C PRO A 240 -10.41 16.39 41.25
N GLY A 241 -10.65 15.09 41.29
CA GLY A 241 -12.00 14.55 41.38
C GLY A 241 -12.67 14.41 40.03
N CYS A 242 -12.11 13.58 39.15
CA CYS A 242 -12.74 13.29 37.86
C CYS A 242 -12.49 11.83 37.49
N GLY A 243 -12.25 11.57 36.21
CA GLY A 243 -11.95 10.23 35.74
C GLY A 243 -12.96 9.73 34.74
N VAL A 244 -12.60 8.61 34.11
CA VAL A 244 -13.41 8.01 33.06
C VAL A 244 -13.67 6.56 33.39
N ASP A 245 -14.67 6.00 32.72
CA ASP A 245 -14.95 4.58 32.76
C ASP A 245 -15.04 4.08 31.32
N PHE A 246 -14.49 2.89 31.08
CA PHE A 246 -14.53 2.33 29.74
C PHE A 246 -15.12 0.92 29.69
N THR A 247 -15.35 0.28 30.84
CA THR A 247 -16.19 -0.90 30.87
C THR A 247 -17.61 -0.52 30.49
N GLN A 248 -18.39 -1.51 30.08
CA GLN A 248 -19.69 -1.27 29.44
C GLN A 248 -19.51 -0.39 28.21
N SER A 249 -18.35 -0.51 27.59
CA SER A 249 -17.95 0.27 26.42
C SER A 249 -16.67 -0.35 25.89
N ARG A 250 -16.02 0.33 24.94
CA ARG A 250 -14.79 -0.22 24.38
C ARG A 250 -13.97 0.83 23.66
N LEU A 251 -14.26 2.12 23.85
CA LEU A 251 -13.43 3.15 23.25
C LEU A 251 -12.16 3.31 24.09
N SER A 252 -11.44 2.20 24.23
CA SER A 252 -10.16 2.18 24.89
C SER A 252 -9.05 1.73 23.94
N ASN A 253 -9.25 0.62 23.24
CA ASN A 253 -8.30 0.19 22.23
C ASN A 253 -8.07 1.31 21.21
N LEU A 254 -9.12 2.03 20.85
CA LEU A 254 -8.96 3.20 19.99
C LEU A 254 -8.04 4.21 20.65
N LEU A 255 -8.19 4.40 21.95
CA LEU A 255 -7.24 5.24 22.67
C LEU A 255 -5.92 4.52 22.93
N GLY A 256 -5.94 3.20 22.94
CA GLY A 256 -4.74 2.42 23.16
C GLY A 256 -4.27 2.46 24.59
N ILE A 257 -5.17 2.18 25.53
CA ILE A 257 -4.86 2.24 26.95
C ILE A 257 -5.33 0.93 27.58
N ARG A 258 -5.32 -0.14 26.81
CA ARG A 258 -5.90 -1.38 27.31
C ARG A 258 -5.12 -1.85 28.53
N LYS A 259 -5.81 -2.62 29.38
CA LYS A 259 -5.42 -2.81 30.76
C LYS A 259 -4.83 -4.19 30.98
N ARG A 260 -3.70 -4.26 31.67
CA ARG A 260 -3.15 -5.54 32.09
C ARG A 260 -4.18 -6.29 32.91
N LEU A 261 -4.16 -7.61 32.80
CA LEU A 261 -5.28 -8.41 33.29
C LEU A 261 -6.51 -7.91 32.55
N PRO A 262 -6.58 -8.11 31.24
CA PRO A 262 -7.62 -7.42 30.44
C PRO A 262 -9.01 -7.92 30.71
N PHE A 263 -9.16 -9.05 31.39
CA PHE A 263 -10.47 -9.46 31.87
C PHE A 263 -10.72 -8.69 33.16
N GLN A 264 -11.44 -9.30 34.11
CA GLN A 264 -11.70 -8.62 35.37
C GLN A 264 -12.39 -7.29 35.11
N GLU A 265 -13.71 -7.31 34.97
CA GLU A 265 -14.45 -6.15 34.52
C GLU A 265 -14.17 -4.93 35.41
N GLY A 266 -14.18 -3.76 34.80
CA GLY A 266 -13.82 -2.55 35.50
C GLY A 266 -12.56 -1.92 34.93
N PHE A 267 -12.70 -0.66 34.49
CA PHE A 267 -11.55 0.09 33.98
C PHE A 267 -11.87 1.56 34.21
N GLN A 268 -11.33 2.13 35.27
CA GLN A 268 -11.70 3.48 35.71
C GLN A 268 -10.44 4.28 36.01
N ILE A 269 -9.93 4.99 35.02
CA ILE A 269 -8.72 5.79 35.18
C ILE A 269 -9.07 7.11 35.83
N MET A 270 -9.42 7.08 37.11
CA MET A 270 -9.79 8.30 37.82
C MET A 270 -8.63 8.88 38.59
N TYR A 271 -8.70 10.18 38.85
CA TYR A 271 -7.57 10.90 39.44
C TYR A 271 -7.34 10.50 40.89
N GLU A 272 -7.15 9.21 41.12
CA GLU A 272 -6.50 8.71 42.31
C GLU A 272 -5.34 7.79 41.96
N ASP A 273 -5.22 7.40 40.69
CA ASP A 273 -4.09 6.65 40.17
C ASP A 273 -3.12 7.52 39.40
N LEU A 274 -3.63 8.54 38.71
CA LEU A 274 -2.79 9.36 37.85
C LEU A 274 -1.81 10.21 38.62
N GLU A 275 -2.14 10.58 39.86
CA GLU A 275 -1.26 11.42 40.65
C GLU A 275 0.13 10.81 40.75
N GLY A 276 1.13 11.66 40.87
CA GLY A 276 2.49 11.31 40.57
C GLY A 276 2.86 11.70 39.15
N GLY A 277 1.86 11.72 38.26
CA GLY A 277 2.05 12.27 36.95
C GLY A 277 2.16 13.77 37.04
N ASN A 278 1.02 14.46 36.99
CA ASN A 278 0.97 15.91 37.18
C ASN A 278 1.82 16.64 36.15
N ILE A 279 1.21 17.01 35.02
CA ILE A 279 1.90 17.77 33.98
C ILE A 279 2.54 18.99 34.62
N PRO A 280 3.66 19.48 34.11
CA PRO A 280 4.31 20.64 34.71
C PRO A 280 3.75 21.94 34.17
N ALA A 281 3.94 23.00 34.94
CA ALA A 281 3.41 24.31 34.60
C ALA A 281 4.40 25.06 33.71
N LEU A 282 3.87 25.77 32.73
CA LEU A 282 4.71 26.45 31.76
C LEU A 282 5.38 27.66 32.39
N LEU A 283 6.59 27.95 31.92
CA LEU A 283 7.34 29.10 32.38
C LEU A 283 6.95 30.35 31.61
N ASP A 284 6.83 31.46 32.33
CA ASP A 284 6.43 32.74 31.74
C ASP A 284 7.62 33.32 30.97
N VAL A 285 7.75 32.91 29.71
CA VAL A 285 8.78 33.43 28.84
C VAL A 285 8.59 34.91 28.54
N ALA A 286 7.49 35.50 29.00
CA ALA A 286 7.32 36.94 28.96
C ALA A 286 7.97 37.61 30.17
N LYS A 287 8.73 36.86 30.96
CA LYS A 287 9.47 37.41 32.09
C LYS A 287 10.91 36.93 32.06
N TYR A 288 11.08 35.60 31.89
CA TYR A 288 12.41 35.04 31.72
C TYR A 288 13.17 35.75 30.60
N GLU A 289 12.57 35.81 29.41
CA GLU A 289 13.13 36.57 28.31
C GLU A 289 12.80 38.05 28.41
N ALA A 290 12.32 38.49 29.57
CA ALA A 290 12.13 39.91 29.86
C ALA A 290 12.92 40.38 31.07
N SER A 291 13.26 39.49 32.00
CA SER A 291 14.10 39.88 33.12
C SER A 291 15.55 40.03 32.71
N ILE A 292 16.01 39.25 31.73
CA ILE A 292 17.38 39.41 31.25
C ILE A 292 17.57 40.78 30.63
N GLN A 293 16.50 41.40 30.13
CA GLN A 293 16.58 42.81 29.76
C GLN A 293 16.97 43.66 30.96
N LYS A 294 16.35 43.39 32.12
CA LYS A 294 16.70 44.08 33.34
C LYS A 294 18.08 43.69 33.85
N ALA A 295 18.63 42.57 33.37
CA ALA A 295 19.95 42.11 33.81
C ALA A 295 21.04 42.43 32.80
N LYS A 296 20.86 42.06 31.54
CA LYS A 296 21.86 42.31 30.52
C LYS A 296 21.91 43.78 30.14
N LEU A 314 16.83 36.48 37.33
CA LEU A 314 15.86 35.61 36.66
C LEU A 314 14.61 35.44 37.51
N VAL A 315 13.45 35.49 36.84
CA VAL A 315 12.18 35.30 37.52
C VAL A 315 11.44 34.13 36.89
N ILE A 316 11.79 32.91 37.30
CA ILE A 316 11.18 31.70 36.76
C ILE A 316 9.79 31.52 37.36
N GLU A 317 8.90 32.47 37.10
CA GLU A 317 7.56 32.42 37.65
C GLU A 317 6.64 31.64 36.70
N PRO A 318 6.07 30.51 37.14
CA PRO A 318 5.11 29.80 36.29
C PRO A 318 3.89 30.66 35.99
N VAL A 319 3.16 30.26 34.96
CA VAL A 319 1.98 30.98 34.51
C VAL A 319 0.74 30.34 35.11
N ALA A 320 -0.23 31.17 35.46
CA ALA A 320 -1.56 30.72 35.83
C ALA A 320 -2.64 31.33 34.98
N LYS A 321 -2.54 32.62 34.68
CA LYS A 321 -3.54 33.33 33.90
C LYS A 321 -2.97 33.59 32.50
N ASP A 322 -3.25 32.67 31.59
CA ASP A 322 -3.01 32.91 30.18
C ASP A 322 -4.19 33.68 29.59
N SER A 323 -3.95 34.30 28.43
CA SER A 323 -4.96 35.15 27.80
C SER A 323 -6.30 34.45 27.76
N LYS A 324 -7.37 35.23 27.92
CA LYS A 324 -8.64 34.69 28.39
C LYS A 324 -8.38 33.93 29.68
N ASN A 325 -8.26 34.66 30.78
CA ASN A 325 -7.74 34.14 32.04
C ASN A 325 -8.43 32.86 32.51
N ARG A 326 -7.71 31.75 32.41
CA ARG A 326 -8.12 30.47 32.97
C ARG A 326 -6.96 29.92 33.77
N SER A 327 -7.14 29.79 35.08
CA SER A 327 -6.08 29.25 35.92
C SER A 327 -5.86 27.78 35.57
N TYR A 328 -4.60 27.40 35.34
CA TYR A 328 -4.29 26.01 35.01
C TYR A 328 -4.53 25.07 36.16
N ASN A 329 -5.20 25.49 37.22
CA ASN A 329 -5.38 24.68 38.41
C ASN A 329 -4.05 24.19 38.96
N LEU A 330 -3.09 25.11 39.03
CA LEU A 330 -1.79 24.77 39.62
C LEU A 330 -1.93 24.64 41.13
N LEU A 331 -1.57 23.46 41.65
CA LEU A 331 -1.80 23.17 43.05
C LEU A 331 -0.95 24.11 43.92
N PRO A 332 -1.51 24.59 45.03
CA PRO A 332 -0.92 25.76 45.69
C PRO A 332 0.32 25.49 46.52
N ASN A 333 0.49 24.26 47.02
CA ASN A 333 1.64 24.00 47.88
C ASN A 333 2.97 24.04 47.13
N ASP A 334 2.97 23.73 45.83
CA ASP A 334 4.17 23.84 45.01
C ASP A 334 3.76 24.38 43.64
N GLN A 335 4.02 25.65 43.40
CA GLN A 335 3.58 26.31 42.18
C GLN A 335 4.44 25.96 40.97
N ASN A 336 5.46 25.13 41.13
CA ASN A 336 6.22 24.63 39.99
C ASN A 336 5.58 23.41 39.36
N ASN A 337 4.36 23.07 39.76
CA ASN A 337 3.59 22.01 39.17
C ASN A 337 2.15 22.48 39.00
N THR A 338 1.32 21.63 38.40
CA THR A 338 -0.10 21.95 38.27
C THR A 338 -0.91 20.67 38.35
N ALA A 339 -2.23 20.83 38.29
CA ALA A 339 -3.12 19.68 38.26
C ALA A 339 -3.18 19.19 36.83
N TYR A 340 -4.33 18.71 36.39
CA TYR A 340 -4.46 18.07 35.08
C TYR A 340 -3.53 16.88 35.00
N ARG A 341 -3.47 16.10 36.06
CA ARG A 341 -2.53 15.00 36.14
C ARG A 341 -2.79 13.99 35.03
N SER A 342 -2.02 14.07 33.95
CA SER A 342 -2.25 13.26 32.77
C SER A 342 -2.16 11.77 33.06
N TRP A 343 -2.45 10.96 32.04
CA TRP A 343 -2.24 9.52 32.14
C TRP A 343 -0.88 9.12 31.61
N PHE A 344 -0.50 9.65 30.46
CA PHE A 344 0.90 9.69 30.11
C PHE A 344 1.63 10.52 31.14
N LEU A 345 2.96 10.52 31.06
CA LEU A 345 3.81 10.98 32.16
C LEU A 345 3.66 10.05 33.36
N ALA A 346 2.42 9.84 33.79
CA ALA A 346 2.14 8.89 34.86
C ALA A 346 2.33 7.46 34.42
N TYR A 347 2.71 7.21 33.17
CA TYR A 347 3.12 5.90 32.70
C TYR A 347 4.52 6.00 32.08
N ASN A 348 5.33 6.91 32.60
CA ASN A 348 6.61 7.24 32.02
C ASN A 348 7.47 7.90 33.08
N TYR A 349 7.21 9.18 33.33
CA TYR A 349 7.91 9.90 34.39
C TYR A 349 7.28 9.68 35.76
N GLY A 350 6.76 8.48 36.00
CA GLY A 350 6.10 8.18 37.25
C GLY A 350 6.85 7.15 38.07
N ASP A 351 6.22 6.01 38.33
CA ASP A 351 6.83 5.00 39.19
C ASP A 351 6.38 3.61 38.77
N PRO A 352 7.30 2.76 38.31
CA PRO A 352 6.93 1.37 38.00
C PRO A 352 6.47 0.65 39.26
N LYS A 353 5.64 -0.38 39.03
CA LYS A 353 5.04 -1.20 40.09
C LYS A 353 4.40 -0.37 41.19
N LYS A 354 4.14 0.91 40.92
CA LYS A 354 3.53 1.82 41.89
C LYS A 354 2.45 2.66 41.23
N GLY A 355 2.84 3.47 40.26
CA GLY A 355 1.91 4.37 39.58
C GLY A 355 0.96 3.66 38.65
N VAL A 356 0.60 4.31 37.54
CA VAL A 356 -0.35 3.72 36.62
C VAL A 356 0.21 2.50 35.91
N GLN A 357 1.51 2.28 35.99
CA GLN A 357 2.09 1.02 35.57
C GLN A 357 1.51 -0.11 36.42
N SER A 358 1.61 -1.33 35.91
CA SER A 358 1.23 -2.62 36.50
C SER A 358 -0.23 -2.97 36.26
N TRP A 359 -0.97 -2.16 35.50
CA TRP A 359 -2.29 -2.57 35.04
C TRP A 359 -2.71 -1.76 33.82
N THR A 360 -1.81 -0.95 33.26
CA THR A 360 -2.07 -0.20 32.04
C THR A 360 -0.89 -0.37 31.10
N LEU A 361 -1.15 -0.89 29.91
CA LEU A 361 -0.11 -1.03 28.90
C LEU A 361 0.08 0.26 28.13
N LEU A 362 0.40 0.15 26.84
CA LEU A 362 0.44 1.29 25.94
C LEU A 362 0.49 0.78 24.50
N THR A 363 -0.52 0.02 24.10
CA THR A 363 -0.53 -0.54 22.76
C THR A 363 -0.72 0.56 21.72
N THR A 364 -0.58 0.18 20.47
CA THR A 364 -0.72 1.13 19.38
C THR A 364 -2.14 1.67 19.32
N ALA A 365 -2.29 2.85 18.71
CA ALA A 365 -3.60 3.47 18.61
C ALA A 365 -4.49 2.68 17.67
N ASP A 366 -4.83 1.45 18.07
CA ASP A 366 -5.61 0.55 17.24
C ASP A 366 -7.02 1.10 17.04
N VAL A 367 -7.34 1.54 15.83
CA VAL A 367 -8.65 2.12 15.57
C VAL A 367 -9.70 1.08 15.26
N THR A 368 -9.33 -0.04 14.64
CA THR A 368 -10.32 -1.02 14.23
C THR A 368 -10.90 -1.81 15.40
N CYS A 369 -11.32 -1.10 16.46
CA CYS A 369 -11.97 -1.71 17.63
C CYS A 369 -11.20 -2.91 18.15
N GLY A 370 -9.89 -2.90 17.96
CA GLY A 370 -9.12 -4.11 18.14
C GLY A 370 -9.46 -5.09 17.05
N SER A 371 -10.38 -6.01 17.35
CA SER A 371 -10.89 -6.96 16.38
C SER A 371 -12.00 -7.75 17.04
N GLN A 372 -12.77 -8.44 16.21
CA GLN A 372 -13.81 -9.34 16.68
C GLN A 372 -13.84 -10.55 15.76
N GLN A 373 -14.21 -11.70 16.34
CA GLN A 373 -14.47 -12.84 15.49
C GLN A 373 -15.78 -12.62 14.73
N VAL A 374 -16.01 -13.47 13.75
CA VAL A 374 -17.28 -13.46 13.02
C VAL A 374 -17.73 -14.89 12.83
N TYR A 375 -18.29 -15.48 13.88
CA TYR A 375 -18.62 -16.90 13.86
C TYR A 375 -19.57 -17.21 12.71
N TRP A 376 -19.02 -17.76 11.63
CA TRP A 376 -19.84 -18.28 10.55
C TRP A 376 -20.73 -19.39 11.08
N SER A 377 -21.81 -19.68 10.36
CA SER A 377 -22.74 -20.69 10.86
C SER A 377 -23.67 -21.17 9.77
N LEU A 378 -23.70 -22.48 9.56
CA LEU A 378 -24.66 -23.13 8.66
C LEU A 378 -25.42 -24.17 9.46
N PRO A 379 -26.58 -23.84 10.01
CA PRO A 379 -27.28 -24.81 10.87
C PRO A 379 -27.60 -26.11 10.16
N ASP A 380 -27.77 -26.07 8.85
CA ASP A 380 -27.86 -27.30 8.07
C ASP A 380 -26.63 -27.41 7.18
N MET A 381 -26.60 -28.44 6.33
CA MET A 381 -25.44 -28.80 5.54
C MET A 381 -24.30 -29.27 6.44
N MET A 382 -23.66 -28.33 7.14
CA MET A 382 -22.56 -28.65 8.04
C MET A 382 -23.11 -29.27 9.31
N GLN A 383 -22.62 -30.46 9.65
CA GLN A 383 -23.10 -31.23 10.80
C GLN A 383 -23.14 -30.41 12.07
N ASP A 384 -22.02 -30.41 12.79
CA ASP A 384 -21.87 -29.58 13.98
C ASP A 384 -20.42 -29.69 14.45
N PRO A 385 -19.93 -28.75 15.24
CA PRO A 385 -18.62 -28.95 15.84
C PRO A 385 -18.65 -30.09 16.84
N VAL A 386 -17.53 -30.32 17.53
CA VAL A 386 -17.40 -31.51 18.36
C VAL A 386 -18.50 -31.57 19.42
N THR A 387 -18.98 -30.41 19.86
CA THR A 387 -19.92 -30.37 20.98
C THR A 387 -20.77 -29.11 20.95
N PHE A 388 -21.70 -29.04 20.01
CA PHE A 388 -22.60 -27.90 19.94
C PHE A 388 -24.04 -28.37 20.10
N ARG A 389 -24.87 -27.47 20.62
CA ARG A 389 -26.26 -27.78 20.90
C ARG A 389 -27.08 -27.63 19.61
N PRO A 390 -27.58 -28.71 19.04
CA PRO A 390 -28.40 -28.57 17.82
C PRO A 390 -29.67 -27.80 18.10
N SER A 391 -29.55 -26.49 18.24
CA SER A 391 -30.63 -25.66 18.74
C SER A 391 -31.24 -24.84 17.61
N THR A 392 -32.21 -24.00 17.99
CA THR A 392 -32.91 -23.13 17.06
C THR A 392 -33.12 -21.79 17.77
N GLN A 393 -32.45 -20.75 17.27
CA GLN A 393 -32.41 -19.43 17.88
C GLN A 393 -31.45 -18.59 17.05
N VAL A 394 -31.60 -17.26 17.14
CA VAL A 394 -30.62 -16.38 16.52
C VAL A 394 -29.22 -16.71 17.01
N SER A 395 -29.12 -17.15 18.27
CA SER A 395 -27.88 -17.62 18.85
C SER A 395 -27.86 -19.15 18.80
N ASN A 396 -26.84 -19.74 19.44
CA ASN A 396 -26.71 -21.18 19.59
C ASN A 396 -26.58 -21.94 18.28
N TYR A 397 -26.42 -21.23 17.16
CA TYR A 397 -26.16 -21.90 15.90
C TYR A 397 -24.87 -22.71 15.97
N PRO A 398 -24.83 -23.87 15.37
CA PRO A 398 -23.56 -24.61 15.27
C PRO A 398 -22.54 -23.85 14.45
N VAL A 399 -21.54 -23.26 15.11
CA VAL A 399 -20.57 -22.42 14.41
C VAL A 399 -19.66 -23.29 13.57
N VAL A 400 -19.40 -22.85 12.34
CA VAL A 400 -18.52 -23.55 11.42
C VAL A 400 -17.66 -22.50 10.72
N GLY A 401 -16.37 -22.49 11.03
CA GLY A 401 -15.48 -21.49 10.49
C GLY A 401 -15.54 -20.20 11.30
N VAL A 402 -14.36 -19.67 11.62
CA VAL A 402 -14.29 -18.43 12.40
C VAL A 402 -13.26 -17.51 11.77
N GLU A 403 -13.69 -16.69 10.82
CA GLU A 403 -12.75 -15.76 10.21
C GLU A 403 -12.45 -14.63 11.20
N LEU A 404 -11.79 -13.60 10.71
CA LEU A 404 -11.72 -12.33 11.42
C LEU A 404 -12.74 -11.37 10.83
N LEU A 405 -13.05 -10.34 11.59
CA LEU A 405 -13.90 -9.28 11.09
C LEU A 405 -13.11 -8.52 10.02
N PRO A 406 -13.39 -8.72 8.74
CA PRO A 406 -12.47 -8.24 7.70
C PRO A 406 -12.34 -6.74 7.70
N VAL A 407 -11.62 -6.21 8.69
CA VAL A 407 -11.37 -4.79 8.83
C VAL A 407 -9.87 -4.63 9.01
N HIS A 408 -9.19 -4.24 7.94
CA HIS A 408 -7.75 -4.02 7.96
C HIS A 408 -7.49 -2.53 8.17
N ALA A 409 -6.87 -2.19 9.29
CA ALA A 409 -6.61 -0.79 9.61
C ALA A 409 -5.42 -0.30 8.80
N LYS A 410 -5.67 0.64 7.90
CA LYS A 410 -4.60 1.22 7.11
C LYS A 410 -3.87 2.25 7.95
N SER A 411 -2.92 2.97 7.32
CA SER A 411 -2.17 4.01 8.02
C SER A 411 -1.57 4.93 6.97
N PHE A 412 -1.94 6.20 7.01
CA PHE A 412 -1.51 7.17 6.01
C PHE A 412 -0.73 8.28 6.70
N TYR A 413 0.31 8.75 6.03
CA TYR A 413 1.12 9.82 6.60
C TYR A 413 0.28 11.10 6.64
N ASN A 414 -0.12 11.51 7.85
CA ASN A 414 -0.95 12.70 7.99
C ASN A 414 -0.25 13.90 7.38
N GLU A 415 -1.04 14.80 6.81
CA GLU A 415 -0.51 15.98 6.15
C GLU A 415 -0.78 17.26 6.92
N GLN A 416 -1.85 17.32 7.71
CA GLN A 416 -2.18 18.55 8.42
C GLN A 416 -1.06 19.01 9.34
N ALA A 417 -0.18 18.10 9.76
CA ALA A 417 1.02 18.50 10.49
C ALA A 417 1.81 19.54 9.72
N VAL A 418 1.82 19.45 8.40
CA VAL A 418 2.46 20.45 7.55
C VAL A 418 1.55 21.66 7.40
N THR A 430 -11.24 29.70 15.23
CA THR A 430 -12.20 29.70 14.13
C THR A 430 -12.87 28.34 14.00
N HIS A 431 -12.21 27.31 14.53
CA HIS A 431 -12.69 25.94 14.40
C HIS A 431 -13.69 25.65 15.52
N VAL A 432 -14.18 24.41 15.55
CA VAL A 432 -15.15 24.00 16.55
C VAL A 432 -14.60 22.91 17.47
N PHE A 433 -13.62 22.13 17.02
CA PHE A 433 -12.95 21.21 17.92
C PHE A 433 -11.95 21.96 18.79
N ASN A 434 -11.16 22.84 18.19
CA ASN A 434 -10.22 23.69 18.92
C ASN A 434 -10.98 24.90 19.47
N ARG A 435 -11.81 24.63 20.49
CA ARG A 435 -12.64 25.67 21.05
C ARG A 435 -11.80 26.74 21.74
N PHE A 436 -10.97 26.34 22.70
CA PHE A 436 -10.11 27.26 23.41
C PHE A 436 -8.79 27.36 22.66
N PRO A 437 -8.47 28.49 22.03
CA PRO A 437 -7.23 28.60 21.25
C PRO A 437 -6.05 29.16 22.01
N GLU A 438 -6.18 29.43 23.31
CA GLU A 438 -5.09 29.96 24.10
C GLU A 438 -4.65 29.02 25.22
N ASN A 439 -5.61 28.41 25.93
CA ASN A 439 -5.28 27.49 27.00
C ASN A 439 -4.37 26.38 26.49
N GLN A 440 -3.09 26.43 26.89
CA GLN A 440 -2.11 25.52 26.35
C GLN A 440 -2.40 24.07 26.67
N ILE A 441 -3.24 23.80 27.67
CA ILE A 441 -3.59 22.43 27.98
C ILE A 441 -4.85 22.00 27.22
N LEU A 442 -5.82 22.91 27.09
CA LEU A 442 -7.11 22.58 26.48
C LEU A 442 -7.09 22.73 24.96
N VAL A 443 -5.99 23.19 24.38
CA VAL A 443 -5.94 23.39 22.94
C VAL A 443 -6.14 22.06 22.23
N ARG A 444 -6.45 22.13 20.94
CA ARG A 444 -6.70 20.94 20.16
C ARG A 444 -5.49 20.03 20.18
N PRO A 445 -5.62 18.78 20.58
CA PRO A 445 -4.48 17.88 20.61
C PRO A 445 -3.96 17.64 19.20
N PRO A 446 -2.73 18.07 18.92
CA PRO A 446 -2.21 17.96 17.56
C PRO A 446 -2.25 16.53 17.05
N ALA A 447 -2.41 16.40 15.74
CA ALA A 447 -2.67 15.09 15.15
C ALA A 447 -1.40 14.25 15.13
N PRO A 448 -1.50 12.95 15.40
CA PRO A 448 -0.33 12.09 15.29
C PRO A 448 0.13 12.00 13.85
N THR A 449 1.44 11.82 13.67
CA THR A 449 2.00 11.88 12.33
C THR A 449 1.46 10.77 11.44
N ILE A 450 1.08 9.63 12.01
CA ILE A 450 0.59 8.50 11.24
C ILE A 450 -0.90 8.35 11.52
N THR A 451 -1.74 8.95 10.68
CA THR A 451 -3.18 8.86 10.87
C THR A 451 -3.66 7.51 10.39
N THR A 452 -4.25 6.73 11.28
CA THR A 452 -4.80 5.45 10.90
C THR A 452 -6.30 5.55 10.69
N VAL A 453 -6.86 4.55 9.99
CA VAL A 453 -8.27 4.55 9.64
C VAL A 453 -8.65 3.13 9.25
N SER A 454 -9.88 2.74 9.56
CA SER A 454 -10.32 1.40 9.25
C SER A 454 -10.59 1.28 7.75
N GLU A 455 -10.77 0.04 7.30
CA GLU A 455 -11.06 -0.24 5.91
C GLU A 455 -11.97 -1.46 5.86
N ASN A 456 -12.17 -2.01 4.66
CA ASN A 456 -13.00 -3.19 4.49
C ASN A 456 -12.46 -3.98 3.31
N VAL A 457 -11.63 -4.98 3.59
CA VAL A 457 -11.07 -5.85 2.57
C VAL A 457 -11.92 -7.10 2.48
N PRO A 458 -12.32 -7.51 1.29
CA PRO A 458 -13.15 -8.72 1.18
C PRO A 458 -12.35 -9.97 1.43
N ALA A 459 -12.44 -10.51 2.64
CA ALA A 459 -11.59 -11.62 3.06
C ALA A 459 -12.04 -12.92 2.42
N LEU A 460 -11.45 -13.25 1.27
CA LEU A 460 -11.73 -14.52 0.59
C LEU A 460 -10.98 -15.63 1.35
N THR A 461 -11.52 -15.97 2.52
CA THR A 461 -10.82 -16.88 3.41
C THR A 461 -10.98 -18.32 2.98
N ASP A 462 -10.86 -19.23 3.94
CA ASP A 462 -10.95 -20.66 3.68
C ASP A 462 -11.16 -21.36 5.01
N HIS A 463 -11.68 -22.58 4.94
CA HIS A 463 -11.81 -23.43 6.10
C HIS A 463 -11.61 -24.87 5.66
N GLY A 464 -10.89 -25.64 6.45
CA GLY A 464 -10.61 -27.02 6.09
C GLY A 464 -11.87 -27.83 5.92
N THR A 465 -11.68 -29.05 5.43
CA THR A 465 -12.80 -29.97 5.26
C THR A 465 -13.48 -30.24 6.60
N LEU A 466 -14.79 -30.40 6.55
CA LEU A 466 -15.57 -30.61 7.75
C LEU A 466 -16.88 -31.27 7.37
N PRO A 467 -17.46 -32.12 8.21
CA PRO A 467 -18.47 -33.06 7.74
C PRO A 467 -19.75 -32.37 7.29
N LEU A 468 -20.53 -33.10 6.50
CA LEU A 468 -21.77 -32.62 5.93
C LEU A 468 -22.95 -33.38 6.51
N ARG A 469 -24.11 -32.74 6.50
CA ARG A 469 -25.31 -33.33 7.10
C ARG A 469 -25.76 -34.56 6.33
N SER A 470 -25.10 -34.88 5.22
CA SER A 470 -25.38 -36.04 4.38
C SER A 470 -26.80 -36.02 3.81
N SER A 471 -27.47 -34.88 3.86
CA SER A 471 -28.81 -34.74 3.29
C SER A 471 -29.19 -33.28 3.22
N ILE A 472 -28.43 -32.49 2.46
CA ILE A 472 -28.71 -31.06 2.35
C ILE A 472 -30.14 -30.86 1.87
N SER A 473 -30.81 -29.86 2.45
CA SER A 473 -32.14 -29.49 2.01
C SER A 473 -32.04 -28.46 0.89
N GLY A 474 -33.15 -28.29 0.19
CA GLY A 474 -33.18 -27.30 -0.87
C GLY A 474 -33.02 -25.87 -0.42
N VAL A 475 -33.14 -25.61 0.88
CA VAL A 475 -33.04 -24.26 1.42
C VAL A 475 -32.12 -24.29 2.62
N GLN A 476 -31.05 -23.49 2.57
CA GLN A 476 -30.11 -23.33 3.66
C GLN A 476 -30.25 -21.93 4.24
N ARG A 477 -29.48 -21.67 5.29
CA ARG A 477 -29.51 -20.36 5.93
C ARG A 477 -28.13 -20.06 6.50
N VAL A 478 -27.34 -19.32 5.73
CA VAL A 478 -26.08 -18.79 6.24
C VAL A 478 -26.39 -17.80 7.35
N THR A 479 -25.40 -17.50 8.18
CA THR A 479 -25.61 -16.57 9.28
C THR A 479 -24.26 -16.16 9.88
N ILE A 480 -24.09 -14.87 10.12
CA ILE A 480 -22.81 -14.30 10.56
C ILE A 480 -23.02 -13.65 11.91
N THR A 481 -22.46 -14.27 12.95
CA THR A 481 -22.65 -13.82 14.33
C THR A 481 -21.32 -13.43 14.95
N ASP A 482 -21.34 -12.36 15.75
CA ASP A 482 -20.14 -11.90 16.44
C ASP A 482 -19.86 -12.71 17.68
N ALA A 483 -19.16 -12.12 18.65
CA ALA A 483 -18.83 -12.81 19.88
C ALA A 483 -20.09 -13.07 20.69
N ARG A 484 -20.60 -12.04 21.36
CA ARG A 484 -21.93 -12.11 21.93
C ARG A 484 -22.90 -12.46 20.81
N ARG A 485 -23.52 -13.63 20.89
CA ARG A 485 -24.07 -14.28 19.71
C ARG A 485 -25.24 -13.52 19.10
N ARG A 486 -24.99 -12.30 18.63
CA ARG A 486 -25.94 -11.56 17.82
C ARG A 486 -25.52 -11.66 16.37
N THR A 487 -26.51 -11.60 15.48
CA THR A 487 -26.23 -11.61 14.05
C THR A 487 -25.73 -10.25 13.62
N CYS A 488 -24.55 -10.22 13.01
CA CYS A 488 -23.91 -8.97 12.65
C CYS A 488 -24.76 -8.21 11.65
N PRO A 489 -25.24 -7.02 11.99
CA PRO A 489 -26.05 -6.24 11.04
C PRO A 489 -25.26 -5.35 10.12
N TYR A 490 -23.95 -5.58 9.99
CA TYR A 490 -23.11 -4.75 9.13
C TYR A 490 -22.51 -5.50 7.96
N VAL A 491 -22.59 -6.82 7.93
CA VAL A 491 -22.13 -7.56 6.77
C VAL A 491 -22.91 -7.09 5.55
N HIS A 492 -22.20 -6.88 4.45
CA HIS A 492 -22.80 -6.35 3.24
C HIS A 492 -23.07 -7.42 2.20
N LYS A 493 -22.27 -8.48 2.16
CA LYS A 493 -22.51 -9.58 1.24
C LYS A 493 -21.69 -10.78 1.70
N ALA A 494 -22.33 -11.94 1.74
CA ALA A 494 -21.64 -13.18 2.01
C ALA A 494 -21.94 -14.16 0.89
N LEU A 495 -21.05 -15.14 0.71
CA LEU A 495 -21.27 -16.18 -0.27
C LEU A 495 -21.15 -17.51 0.43
N GLY A 496 -20.23 -18.35 -0.01
CA GLY A 496 -20.01 -19.59 0.69
C GLY A 496 -20.07 -20.79 -0.22
N ILE A 497 -19.14 -20.84 -1.18
CA ILE A 497 -18.98 -22.03 -1.99
C ILE A 497 -18.74 -23.21 -1.08
N VAL A 498 -19.27 -24.37 -1.45
CA VAL A 498 -19.09 -25.58 -0.66
C VAL A 498 -18.78 -26.72 -1.62
N ALA A 499 -17.57 -27.27 -1.51
CA ALA A 499 -17.17 -28.36 -2.39
C ALA A 499 -17.21 -29.67 -1.63
N PRO A 500 -18.25 -30.47 -1.80
CA PRO A 500 -18.29 -31.76 -1.09
C PRO A 500 -17.28 -32.73 -1.67
N LYS A 501 -16.98 -33.75 -0.87
CA LYS A 501 -16.09 -34.84 -1.26
C LYS A 501 -16.11 -35.88 -0.16
N VAL A 502 -15.69 -37.09 -0.51
CA VAL A 502 -15.70 -38.18 0.47
C VAL A 502 -14.64 -37.94 1.54
N LEU A 503 -14.86 -38.55 2.70
CA LEU A 503 -13.85 -38.59 3.74
C LEU A 503 -13.60 -40.01 4.22
N SER A 504 -14.61 -40.85 4.22
CA SER A 504 -14.51 -42.22 4.70
C SER A 504 -15.66 -43.03 4.12
N SER A 505 -15.81 -44.25 4.61
CA SER A 505 -16.88 -45.13 4.17
C SER A 505 -17.87 -45.33 5.31
N ARG A 506 -18.92 -46.09 5.03
CA ARG A 506 -19.98 -46.39 5.99
C ARG A 506 -20.60 -45.13 6.58
N ARG B 50 -12.75 -47.80 13.80
CA ARG B 50 -11.85 -46.71 14.13
C ARG B 50 -12.42 -45.39 13.66
N ASN B 51 -11.72 -44.30 13.99
CA ASN B 51 -12.10 -42.97 13.55
C ASN B 51 -13.50 -42.62 13.98
N SER B 52 -13.66 -42.22 15.24
CA SER B 52 -14.97 -41.86 15.76
C SER B 52 -14.86 -40.93 16.95
N ILE B 53 -14.69 -39.64 16.71
CA ILE B 53 -14.60 -38.68 17.79
C ILE B 53 -15.90 -38.65 18.58
N ARG B 54 -15.79 -38.67 19.90
CA ARG B 54 -16.94 -38.73 20.79
C ARG B 54 -16.89 -37.56 21.77
N TYR B 55 -18.01 -37.35 22.47
CA TYR B 55 -18.08 -36.31 23.49
C TYR B 55 -18.83 -36.84 24.70
N SER B 56 -19.21 -38.12 24.67
CA SER B 56 -19.95 -38.79 25.73
C SER B 56 -21.38 -38.27 25.82
N GLU B 57 -22.32 -39.05 25.28
CA GLU B 57 -23.76 -38.81 25.40
C GLU B 57 -24.24 -37.62 24.57
N LEU B 58 -23.49 -37.23 23.54
CA LEU B 58 -23.96 -36.23 22.58
C LEU B 58 -23.85 -36.71 21.15
N ALA B 59 -23.93 -38.03 20.93
CA ALA B 59 -23.94 -38.66 19.61
C ALA B 59 -22.60 -38.47 18.92
N PRO B 60 -21.86 -39.54 18.67
CA PRO B 60 -20.54 -39.39 18.06
C PRO B 60 -20.63 -38.85 16.65
N LEU B 61 -19.96 -37.73 16.43
CA LEU B 61 -19.88 -37.11 15.11
C LEU B 61 -18.61 -37.54 14.40
N TYR B 62 -18.53 -38.83 14.07
CA TYR B 62 -17.29 -39.48 13.67
C TYR B 62 -16.61 -38.80 12.48
N ASP B 63 -15.30 -39.04 12.37
CA ASP B 63 -14.41 -38.47 11.37
C ASP B 63 -14.17 -36.99 11.63
N THR B 64 -13.50 -36.31 10.70
CA THR B 64 -12.93 -34.99 10.92
C THR B 64 -13.98 -34.02 11.43
N THR B 65 -13.65 -33.31 12.51
CA THR B 65 -14.47 -32.23 13.04
C THR B 65 -13.60 -31.00 13.22
N ARG B 66 -14.07 -30.05 14.02
CA ARG B 66 -13.26 -28.89 14.36
C ARG B 66 -13.58 -28.47 15.78
N VAL B 67 -12.68 -27.70 16.38
CA VAL B 67 -12.82 -27.24 17.75
C VAL B 67 -12.13 -25.90 17.89
N TYR B 68 -12.82 -24.94 18.49
CA TYR B 68 -12.44 -23.54 18.39
C TYR B 68 -11.92 -23.03 19.73
N LEU B 69 -10.61 -23.03 19.88
CA LEU B 69 -9.99 -22.40 21.04
C LEU B 69 -10.19 -20.90 20.96
N VAL B 70 -11.41 -20.45 21.19
CA VAL B 70 -11.72 -19.03 21.13
C VAL B 70 -11.13 -18.34 22.34
N ASP B 71 -11.43 -17.06 22.51
CA ASP B 71 -10.77 -16.27 23.54
C ASP B 71 -11.75 -15.40 24.31
N ASN B 72 -12.62 -14.68 23.59
CA ASN B 72 -13.52 -13.73 24.20
C ASN B 72 -14.48 -14.40 25.16
N LYS B 73 -14.72 -15.70 24.98
CA LYS B 73 -15.55 -16.46 25.90
C LYS B 73 -15.43 -17.96 25.64
N SER B 79 -17.60 -16.98 30.76
CA SER B 79 -16.42 -17.82 30.96
C SER B 79 -15.19 -16.96 31.22
N LEU B 80 -15.38 -15.65 31.26
CA LEU B 80 -14.35 -14.71 31.69
C LEU B 80 -14.40 -14.52 33.19
N ASN B 81 -14.76 -15.59 33.90
CA ASN B 81 -14.94 -15.54 35.34
C ASN B 81 -13.86 -16.29 36.09
N TYR B 82 -13.29 -17.35 35.51
CA TYR B 82 -12.28 -18.14 36.21
C TYR B 82 -10.91 -18.00 35.53
N GLN B 83 -10.75 -16.99 34.69
CA GLN B 83 -9.43 -16.74 34.13
C GLN B 83 -9.10 -15.25 34.17
N ASN B 84 -9.73 -14.52 35.08
CA ASN B 84 -9.23 -13.20 35.43
C ASN B 84 -7.94 -13.35 36.20
N ASP B 85 -7.18 -12.26 36.28
CA ASP B 85 -5.85 -12.28 36.89
C ASP B 85 -4.92 -13.17 36.09
N HIS B 86 -5.15 -14.49 36.15
CA HIS B 86 -4.45 -15.45 35.31
C HIS B 86 -4.90 -15.21 33.87
N SER B 87 -4.30 -14.22 33.24
CA SER B 87 -4.86 -13.70 31.99
C SER B 87 -3.81 -13.16 31.05
N ASN B 88 -3.58 -11.84 31.09
CA ASN B 88 -2.92 -11.13 30.00
C ASN B 88 -3.58 -11.57 28.72
N PHE B 89 -2.88 -12.36 27.91
CA PHE B 89 -3.53 -13.17 26.90
C PHE B 89 -2.75 -14.45 26.66
N GLN B 90 -2.13 -14.98 27.71
CA GLN B 90 -1.82 -16.40 27.80
C GLN B 90 -2.94 -17.12 28.54
N THR B 91 -4.15 -16.88 28.04
CA THR B 91 -5.40 -17.24 28.69
C THR B 91 -5.54 -18.73 28.92
N THR B 92 -6.61 -19.11 29.62
CA THR B 92 -6.97 -20.50 29.84
C THR B 92 -8.42 -20.63 29.43
N VAL B 93 -8.67 -20.86 28.14
CA VAL B 93 -10.01 -20.80 27.60
C VAL B 93 -10.67 -22.17 27.69
N VAL B 94 -11.94 -22.22 27.31
CA VAL B 94 -12.75 -23.42 27.43
C VAL B 94 -13.31 -23.80 26.07
N GLN B 95 -13.60 -25.08 25.89
CA GLN B 95 -14.42 -25.52 24.78
C GLN B 95 -15.80 -25.90 25.32
N ASN B 96 -16.54 -26.75 24.60
CA ASN B 96 -17.91 -27.07 25.00
C ASN B 96 -18.69 -25.79 25.21
N ASN B 97 -18.65 -24.87 24.25
CA ASN B 97 -19.22 -23.54 24.46
C ASN B 97 -20.74 -23.56 24.50
N ASP B 98 -21.33 -24.59 25.10
CA ASP B 98 -22.72 -24.56 25.51
C ASP B 98 -22.81 -23.93 26.90
N PHE B 99 -24.02 -23.86 27.44
CA PHE B 99 -24.23 -23.41 28.81
C PHE B 99 -25.67 -23.69 29.23
N THR B 108 -14.98 -33.87 28.88
CA THR B 108 -13.72 -34.40 28.40
C THR B 108 -13.87 -35.04 27.02
N ILE B 109 -13.51 -34.30 25.98
CA ILE B 109 -13.68 -34.76 24.61
C ILE B 109 -12.74 -35.92 24.36
N ASN B 110 -13.19 -37.13 24.65
CA ASN B 110 -12.37 -38.31 24.40
C ASN B 110 -12.33 -38.60 22.91
N PHE B 111 -11.17 -38.35 22.29
CA PHE B 111 -10.99 -38.70 20.89
C PHE B 111 -10.91 -40.22 20.75
N ASP B 112 -11.19 -40.71 19.56
CA ASP B 112 -11.19 -42.15 19.32
C ASP B 112 -9.76 -42.67 19.31
N GLU B 113 -9.51 -43.69 20.12
CA GLU B 113 -8.23 -44.37 20.11
C GLU B 113 -8.12 -45.17 18.81
N ARG B 114 -7.09 -46.01 18.71
CA ARG B 114 -6.81 -46.77 17.50
C ARG B 114 -6.56 -45.86 16.30
N SER B 115 -6.09 -44.64 16.57
CA SER B 115 -5.75 -43.69 15.50
C SER B 115 -5.01 -42.50 16.08
N ARG B 116 -3.74 -42.35 15.72
CA ARG B 116 -2.94 -41.24 16.22
C ARG B 116 -3.50 -39.94 15.65
N TRP B 117 -4.47 -39.36 16.35
CA TRP B 117 -5.19 -38.20 15.86
C TRP B 117 -4.25 -37.02 15.68
N GLY B 118 -4.14 -36.53 14.44
CA GLY B 118 -3.47 -35.29 14.17
C GLY B 118 -4.44 -34.14 14.05
N ALA B 119 -3.91 -32.94 13.91
CA ALA B 119 -4.77 -31.77 13.91
C ALA B 119 -4.10 -30.63 13.16
N ASP B 120 -4.85 -30.01 12.26
CA ASP B 120 -4.44 -28.74 11.70
C ASP B 120 -4.67 -27.64 12.73
N LEU B 121 -3.80 -26.64 12.71
CA LEU B 121 -3.84 -25.56 13.68
C LEU B 121 -3.70 -24.23 12.96
N LYS B 122 -4.80 -23.75 12.39
CA LYS B 122 -4.83 -22.35 11.97
C LYS B 122 -4.90 -21.47 13.21
N THR B 123 -4.79 -20.17 13.02
CA THR B 123 -4.82 -19.26 14.16
C THR B 123 -5.01 -17.84 13.67
N ILE B 124 -5.17 -16.94 14.63
CA ILE B 124 -5.26 -15.51 14.40
C ILE B 124 -4.50 -14.83 15.53
N LEU B 125 -3.66 -13.87 15.19
CA LEU B 125 -2.67 -13.33 16.11
C LEU B 125 -2.69 -11.81 16.10
N ARG B 126 -3.88 -11.23 16.24
CA ARG B 126 -3.99 -9.78 16.20
C ARG B 126 -3.22 -9.21 17.39
N THR B 127 -1.96 -8.87 17.15
CA THR B 127 -1.12 -8.34 18.20
C THR B 127 -1.36 -6.85 18.37
N ASN B 128 -0.55 -6.22 19.21
CA ASN B 128 -0.73 -4.82 19.56
C ASN B 128 0.46 -4.36 20.39
N MET B 129 1.45 -3.75 19.76
CA MET B 129 2.68 -3.47 20.48
C MET B 129 3.43 -2.30 19.86
N PRO B 130 3.78 -1.29 20.64
CA PRO B 130 4.59 -0.19 20.10
C PRO B 130 6.01 -0.65 19.82
N ASN B 131 6.71 0.14 19.00
CA ASN B 131 8.08 -0.19 18.68
C ASN B 131 9.05 0.16 19.80
N ILE B 132 8.62 0.89 20.81
CA ILE B 132 9.45 1.25 21.95
C ILE B 132 8.72 0.78 23.21
N ASN B 133 9.14 -0.35 23.76
CA ASN B 133 8.42 -0.98 24.85
C ASN B 133 9.38 -1.61 25.84
N GLU B 134 9.31 -1.20 27.09
CA GLU B 134 10.23 -1.72 28.09
C GLU B 134 10.01 -3.18 28.41
N PHE B 135 9.13 -3.88 27.68
CA PHE B 135 8.98 -5.31 27.86
C PHE B 135 10.19 -6.04 27.28
N MET B 136 10.32 -6.02 25.96
CA MET B 136 11.57 -6.41 25.31
C MET B 136 12.47 -5.19 25.31
N SER B 137 13.60 -5.29 26.03
CA SER B 137 14.46 -4.13 26.27
C SER B 137 14.71 -3.37 24.99
N THR B 138 14.07 -2.22 24.86
CA THR B 138 14.14 -1.43 23.64
C THR B 138 14.13 0.07 23.93
N ASN B 139 13.73 0.49 25.12
CA ASN B 139 13.69 1.89 25.49
C ASN B 139 14.85 2.28 26.39
N LYS B 140 15.96 1.52 26.32
CA LYS B 140 17.14 1.81 27.12
C LYS B 140 18.37 1.65 26.25
N PHE B 141 19.43 2.38 26.60
CA PHE B 141 20.69 2.27 25.89
C PHE B 141 21.76 2.95 26.73
N LYS B 142 22.67 2.17 27.31
CA LYS B 142 23.71 2.75 28.13
C LYS B 142 24.61 3.62 27.27
N ALA B 143 24.72 4.89 27.63
CA ALA B 143 25.51 5.84 26.86
C ALA B 143 26.44 6.59 27.81
N ARG B 144 27.73 6.61 27.48
CA ARG B 144 28.70 7.40 28.23
C ARG B 144 28.48 8.88 27.92
N LEU B 145 29.02 9.73 28.79
CA LEU B 145 28.85 11.15 28.60
C LEU B 145 29.75 11.89 29.57
N MET B 146 30.22 13.06 29.14
CA MET B 146 31.16 13.86 29.94
C MET B 146 30.42 14.47 31.12
N VAL B 147 30.62 13.89 32.31
CA VAL B 147 29.86 14.30 33.49
C VAL B 147 30.45 15.55 34.11
N GLU B 148 31.76 15.56 34.37
CA GLU B 148 32.40 16.63 35.09
C GLU B 148 33.53 17.20 34.24
N LYS B 149 33.57 18.52 34.12
CA LYS B 149 34.62 19.20 33.37
C LYS B 149 35.63 19.79 34.34
N LYS B 150 36.88 19.34 34.24
CA LYS B 150 37.98 19.86 35.06
C LYS B 150 37.65 19.72 36.55
N ASN B 151 37.62 18.48 37.00
CA ASN B 151 37.47 18.23 38.43
C ASN B 151 38.73 18.68 39.15
N LYS B 152 38.62 18.79 40.48
CA LYS B 152 39.74 19.28 41.27
C LYS B 152 40.96 18.36 41.15
N GLU B 153 40.80 17.10 41.56
CA GLU B 153 41.88 16.13 41.41
C GLU B 153 42.03 15.74 39.94
N THR B 154 43.27 15.79 39.44
CA THR B 154 43.59 15.45 38.06
C THR B 154 42.87 16.39 37.11
N GLY B 155 43.52 17.48 36.71
CA GLY B 155 42.87 18.48 35.89
C GLY B 155 42.53 17.95 34.51
N LEU B 156 41.49 17.13 34.45
CA LEU B 156 41.10 16.40 33.26
C LEU B 156 39.65 15.98 33.43
N PRO B 157 38.82 16.10 32.40
CA PRO B 157 37.38 15.80 32.56
C PRO B 157 37.15 14.35 32.94
N ARG B 158 35.95 14.09 33.45
CA ARG B 158 35.58 12.78 33.97
C ARG B 158 34.38 12.24 33.21
N TYR B 159 34.40 10.93 32.95
CA TYR B 159 33.34 10.26 32.21
C TYR B 159 32.74 9.16 33.07
N GLU B 160 31.42 9.05 33.04
CA GLU B 160 30.72 8.06 33.83
C GLU B 160 29.52 7.55 33.04
N TRP B 161 29.48 6.24 32.81
CA TRP B 161 28.37 5.64 32.07
C TRP B 161 27.03 6.00 32.68
N PHE B 162 26.13 6.53 31.85
CA PHE B 162 24.75 6.75 32.24
C PHE B 162 23.85 5.75 31.53
N GLU B 163 22.68 5.50 32.10
CA GLU B 163 21.73 4.54 31.57
C GLU B 163 20.42 5.28 31.30
N PHE B 164 20.08 5.45 30.04
CA PHE B 164 18.99 6.32 29.62
C PHE B 164 17.71 5.53 29.36
N THR B 165 16.61 6.27 29.35
CA THR B 165 15.29 5.70 29.08
C THR B 165 14.45 6.75 28.37
N LEU B 166 13.83 6.37 27.27
CA LEU B 166 12.96 7.27 26.54
C LEU B 166 11.51 6.79 26.62
N PRO B 167 10.54 7.68 26.54
CA PRO B 167 9.14 7.28 26.70
C PRO B 167 8.72 6.21 25.70
N GLU B 168 7.67 5.49 26.05
CA GLU B 168 7.15 4.45 25.19
C GLU B 168 6.28 5.07 24.10
N GLY B 169 5.62 4.23 23.32
CA GLY B 169 4.76 4.75 22.27
C GLY B 169 5.28 4.36 20.91
N ASN B 170 4.38 3.87 20.07
CA ASN B 170 4.75 3.38 18.75
C ASN B 170 5.28 4.52 17.90
N TYR B 171 6.57 4.76 17.98
CA TYR B 171 7.18 5.96 17.41
C TYR B 171 7.71 5.70 16.02
N SER B 172 7.57 6.71 15.16
CA SER B 172 8.13 6.65 13.83
C SER B 172 9.65 6.75 13.91
N GLU B 173 10.29 6.70 12.75
CA GLU B 173 11.75 6.72 12.71
C GLU B 173 12.31 8.05 13.18
N THR B 174 12.14 9.08 12.36
CA THR B 174 12.81 10.35 12.60
C THR B 174 12.37 11.04 13.88
N MET B 175 11.57 10.36 14.70
CA MET B 175 11.27 10.85 16.03
C MET B 175 11.99 10.08 17.11
N THR B 176 12.21 8.77 16.93
CA THR B 176 12.98 8.01 17.91
C THR B 176 14.39 8.58 18.04
N ILE B 177 15.09 8.72 16.92
CA ILE B 177 16.38 9.39 16.94
C ILE B 177 16.23 10.81 17.48
N ASP B 178 15.24 11.54 16.97
CA ASP B 178 15.00 12.89 17.46
C ASP B 178 14.61 12.91 18.93
N LEU B 179 14.30 11.76 19.50
CA LEU B 179 14.13 11.62 20.94
C LEU B 179 15.40 11.18 21.64
N MET B 180 16.22 10.37 20.98
CA MET B 180 17.49 9.95 21.56
C MET B 180 18.34 11.15 21.93
N ASN B 181 18.67 11.98 20.94
CA ASN B 181 19.48 13.16 21.22
C ASN B 181 18.66 14.24 21.93
N ASN B 182 17.55 13.85 22.55
CA ASN B 182 16.93 14.66 23.57
C ASN B 182 17.08 14.06 24.96
N ALA B 183 17.07 12.73 25.07
CA ALA B 183 17.38 12.10 26.35
C ALA B 183 18.78 12.47 26.80
N ILE B 184 19.78 12.27 25.94
CA ILE B 184 21.17 12.57 26.26
C ILE B 184 21.40 14.08 26.17
N VAL B 185 20.33 14.85 26.19
CA VAL B 185 20.42 16.26 26.51
C VAL B 185 19.86 16.55 27.90
N ASP B 186 18.85 15.82 28.34
CA ASP B 186 18.36 15.99 29.71
C ASP B 186 19.47 15.65 30.71
N ASN B 187 20.11 14.50 30.54
CA ASN B 187 21.21 14.14 31.43
C ASN B 187 22.46 14.95 31.12
N TYR B 188 22.30 16.00 30.34
CA TYR B 188 23.22 17.12 30.31
C TYR B 188 22.70 18.31 31.11
N LEU B 189 21.41 18.60 31.01
CA LEU B 189 20.83 19.67 31.81
C LEU B 189 20.70 19.26 33.27
N GLU B 190 20.44 17.98 33.52
CA GLU B 190 20.24 17.48 34.87
C GLU B 190 21.56 17.46 35.62
N VAL B 191 22.37 16.44 35.39
CA VAL B 191 23.67 16.30 36.06
C VAL B 191 24.78 16.51 35.05
N GLY B 192 25.22 17.75 34.90
CA GLY B 192 26.25 18.06 33.93
C GLY B 192 26.39 19.53 33.67
N ARG B 193 25.31 20.18 33.22
CA ARG B 193 25.38 21.61 32.93
C ARG B 193 25.66 22.42 34.19
N GLN B 194 25.25 21.90 35.35
CA GLN B 194 25.49 22.62 36.59
C GLN B 194 26.96 22.63 36.97
N ASN B 195 27.71 21.58 36.60
CA ASN B 195 29.13 21.50 36.94
C ASN B 195 29.96 22.37 36.01
N GLY B 196 30.31 21.85 34.84
CA GLY B 196 31.22 22.57 33.97
C GLY B 196 31.03 22.39 32.49
N VAL B 197 30.25 21.40 32.06
CA VAL B 197 30.06 21.16 30.64
C VAL B 197 29.46 22.39 29.99
N LEU B 198 30.10 22.86 28.91
CA LEU B 198 29.75 24.13 28.28
C LEU B 198 28.97 23.94 27.00
N GLU B 199 28.02 22.99 27.00
CA GLU B 199 27.00 22.79 25.98
C GLU B 199 27.56 22.41 24.61
N SER B 200 28.85 22.66 24.38
CA SER B 200 29.49 22.19 23.17
C SER B 200 30.10 20.81 23.33
N ASP B 201 30.08 20.26 24.54
CA ASP B 201 30.68 18.95 24.82
C ASP B 201 29.61 17.96 25.24
N ILE B 202 28.46 18.00 24.57
CA ILE B 202 27.34 17.13 24.92
C ILE B 202 27.77 15.67 24.87
N GLY B 203 28.74 15.34 24.03
CA GLY B 203 29.19 13.97 23.90
C GLY B 203 28.47 13.28 22.77
N VAL B 204 28.00 12.05 23.02
CA VAL B 204 27.22 11.34 22.02
C VAL B 204 26.04 12.19 21.60
N LYS B 205 25.73 12.17 20.30
CA LYS B 205 24.55 12.85 19.80
C LYS B 205 24.17 12.15 18.50
N PHE B 206 23.13 11.34 18.56
CA PHE B 206 22.65 10.64 17.37
C PHE B 206 22.30 11.64 16.27
N ASP B 207 22.68 11.31 15.05
CA ASP B 207 22.43 12.17 13.91
C ASP B 207 22.15 11.26 12.72
N THR B 208 21.94 11.86 11.55
CA THR B 208 21.61 11.05 10.38
C THR B 208 22.04 11.73 9.09
N ARG B 209 23.20 12.36 9.11
CA ARG B 209 23.72 13.02 7.92
C ARG B 209 25.02 12.35 7.48
N ASN B 210 25.62 12.92 6.43
CA ASN B 210 26.92 12.51 5.91
C ASN B 210 27.71 13.80 5.78
N PHE B 211 28.43 14.15 6.84
CA PHE B 211 28.99 15.50 6.98
C PHE B 211 30.00 15.83 5.89
N ARG B 212 30.66 14.84 5.31
CA ARG B 212 31.73 15.07 4.35
C ARG B 212 31.19 14.88 2.93
N LEU B 213 30.56 15.91 2.40
CA LEU B 213 30.24 15.94 0.97
C LEU B 213 30.94 17.08 0.28
N GLY B 214 30.53 18.33 0.54
CA GLY B 214 31.17 19.46 -0.10
C GLY B 214 32.61 19.65 0.33
N TRP B 215 33.39 18.57 0.27
CA TRP B 215 34.72 18.52 0.85
C TRP B 215 35.73 18.37 -0.28
N ASP B 216 36.06 19.49 -0.90
CA ASP B 216 36.99 19.47 -2.03
C ASP B 216 38.40 19.21 -1.55
N PRO B 217 39.01 18.10 -1.95
CA PRO B 217 40.31 17.72 -1.37
C PRO B 217 41.48 18.58 -1.80
N VAL B 218 41.21 19.84 -2.15
CA VAL B 218 42.29 20.81 -2.29
C VAL B 218 42.47 21.63 -1.02
N THR B 219 41.41 21.83 -0.24
CA THR B 219 41.48 22.48 1.05
C THR B 219 41.06 21.59 2.20
N LYS B 220 40.38 20.48 1.91
CA LYS B 220 39.94 19.49 2.89
C LYS B 220 38.91 20.04 3.88
N LEU B 221 38.27 21.16 3.56
CA LEU B 221 37.19 21.66 4.41
C LEU B 221 35.84 21.17 3.91
N VAL B 222 34.78 21.92 4.18
CA VAL B 222 33.45 21.65 3.65
C VAL B 222 32.93 22.96 3.09
N MET B 223 32.99 23.11 1.77
CA MET B 223 32.78 24.42 1.16
C MET B 223 31.41 25.03 1.38
N PRO B 224 30.30 24.34 1.14
CA PRO B 224 29.00 25.03 1.17
C PRO B 224 28.60 25.49 2.56
N GLY B 225 29.43 26.32 3.18
CA GLY B 225 29.12 26.95 4.45
C GLY B 225 28.68 26.01 5.56
N VAL B 226 27.63 25.23 5.31
CA VAL B 226 27.04 24.36 6.32
C VAL B 226 27.02 22.95 5.78
N TYR B 227 26.92 21.99 6.70
CA TYR B 227 26.77 20.60 6.30
C TYR B 227 25.49 20.43 5.50
N THR B 228 25.43 19.34 4.74
CA THR B 228 24.29 19.08 3.89
C THR B 228 23.15 18.45 4.68
N ASN B 229 21.92 18.84 4.34
CA ASN B 229 20.74 18.43 5.08
C ASN B 229 20.07 17.19 4.53
N GLU B 230 20.56 16.64 3.42
CA GLU B 230 19.95 15.44 2.86
C GLU B 230 20.34 14.25 3.71
N ALA B 231 19.42 13.78 4.53
CA ALA B 231 19.73 12.72 5.48
C ALA B 231 19.91 11.40 4.75
N PHE B 232 21.04 10.73 4.99
CA PHE B 232 21.29 9.44 4.38
C PHE B 232 20.95 8.32 5.35
N HIS B 233 21.92 7.89 6.09
CA HIS B 233 21.66 6.92 7.13
C HIS B 233 21.88 7.53 8.51
N PRO B 234 21.14 7.09 9.52
CA PRO B 234 21.46 7.51 10.89
C PRO B 234 22.86 7.05 11.28
N ASP B 235 23.42 7.75 12.25
CA ASP B 235 24.79 7.48 12.68
C ASP B 235 25.04 8.21 14.00
N ILE B 236 26.07 7.77 14.69
CA ILE B 236 26.44 8.35 15.97
C ILE B 236 27.47 9.44 15.72
N VAL B 237 27.57 10.39 16.65
CA VAL B 237 28.55 11.47 16.58
C VAL B 237 29.11 11.64 17.98
N LEU B 238 30.41 11.39 18.15
CA LEU B 238 30.98 11.25 19.48
C LEU B 238 31.74 12.50 19.92
N LEU B 239 32.78 12.31 20.73
CA LEU B 239 33.67 13.34 21.21
C LEU B 239 34.79 12.68 22.00
N PRO B 240 36.01 13.26 22.04
CA PRO B 240 37.10 12.61 22.78
C PRO B 240 36.72 12.11 24.16
N GLY B 241 36.61 10.80 24.28
CA GLY B 241 36.23 10.16 25.52
C GLY B 241 34.74 10.08 25.73
N CYS B 242 34.04 9.37 24.85
CA CYS B 242 32.61 9.14 25.02
C CYS B 242 32.25 7.75 24.52
N GLY B 243 31.10 7.60 23.89
CA GLY B 243 30.68 6.34 23.32
C GLY B 243 29.38 5.85 23.92
N VAL B 244 28.83 4.82 23.29
CA VAL B 244 27.55 4.25 23.66
C VAL B 244 27.70 2.76 23.88
N ASP B 245 26.72 2.18 24.55
CA ASP B 245 26.58 0.74 24.70
C ASP B 245 25.16 0.36 24.29
N PHE B 246 25.04 -0.75 23.59
CA PHE B 246 23.73 -1.21 23.16
C PHE B 246 23.42 -2.64 23.57
N THR B 247 24.39 -3.39 24.07
CA THR B 247 24.09 -4.63 24.76
C THR B 247 23.31 -4.32 26.02
N GLN B 248 22.62 -5.34 26.55
CA GLN B 248 21.61 -5.14 27.60
C GLN B 248 20.56 -4.14 27.14
N SER B 249 20.33 -4.12 25.83
CA SER B 249 19.39 -3.22 25.17
C SER B 249 19.25 -3.71 23.73
N ARG B 250 18.60 -2.89 22.90
CA ARG B 250 18.42 -3.31 21.51
C ARG B 250 18.07 -2.15 20.60
N LEU B 251 18.22 -0.90 21.06
CA LEU B 251 17.97 0.23 20.19
C LEU B 251 19.17 0.42 19.26
N SER B 252 19.47 -0.64 18.52
CA SER B 252 20.50 -0.63 17.50
C SER B 252 19.93 -0.90 16.12
N ASN B 253 19.14 -1.98 15.99
CA ASN B 253 18.45 -2.24 14.73
C ASN B 253 17.63 -1.03 14.31
N LEU B 254 16.99 -0.36 15.27
CA LEU B 254 16.31 0.88 14.96
C LEU B 254 17.27 1.91 14.39
N LEU B 255 18.47 1.98 14.95
CA LEU B 255 19.50 2.82 14.36
C LEU B 255 20.10 2.18 13.12
N GLY B 256 20.04 0.85 13.01
CA GLY B 256 20.59 0.16 11.87
C GLY B 256 22.10 0.12 11.87
N ILE B 257 22.68 -0.31 12.98
CA ILE B 257 24.13 -0.35 13.13
C ILE B 257 24.50 -1.73 13.65
N ARG B 258 23.71 -2.74 13.30
CA ARG B 258 23.94 -4.05 13.88
C ARG B 258 25.31 -4.57 13.47
N LYS B 259 25.86 -5.45 14.31
CA LYS B 259 27.28 -5.73 14.35
C LYS B 259 27.59 -7.08 13.73
N ARG B 260 28.61 -7.11 12.87
CA ARG B 260 29.10 -8.38 12.35
C ARG B 260 29.51 -9.27 13.51
N LEU B 261 29.34 -10.58 13.34
CA LEU B 261 29.40 -11.49 14.46
C LEU B 261 28.35 -11.03 15.46
N PRO B 262 27.06 -11.12 15.10
CA PRO B 262 26.03 -10.45 15.89
C PRO B 262 25.82 -11.06 17.25
N PHE B 263 26.34 -12.26 17.49
CA PHE B 263 26.36 -12.80 18.84
C PHE B 263 27.54 -12.16 19.55
N GLN B 264 28.18 -12.89 20.46
CA GLN B 264 29.34 -12.35 21.17
C GLN B 264 28.96 -11.05 21.86
N GLU B 265 28.40 -11.16 23.07
CA GLU B 265 27.81 -10.02 23.74
C GLU B 265 28.81 -8.87 23.87
N GLY B 266 28.29 -7.65 23.79
CA GLY B 266 29.14 -6.48 23.80
C GLY B 266 29.03 -5.71 22.49
N PHE B 267 28.64 -4.45 22.60
CA PHE B 267 28.56 -3.57 21.43
C PHE B 267 28.75 -2.15 21.95
N GLN B 268 29.97 -1.62 21.82
CA GLN B 268 30.34 -0.35 22.44
C GLN B 268 31.07 0.51 21.40
N ILE B 269 30.32 1.33 20.68
CA ILE B 269 30.90 2.20 19.67
C ILE B 269 31.48 3.44 20.33
N MET B 270 32.59 3.28 21.05
CA MET B 270 33.21 4.40 21.74
C MET B 270 34.34 5.00 20.93
N TYR B 271 34.64 6.27 21.20
CA TYR B 271 35.59 7.01 20.39
C TYR B 271 37.02 6.52 20.58
N GLU B 272 37.22 5.22 20.35
CA GLU B 272 38.53 4.68 20.04
C GLU B 272 38.51 3.88 18.76
N ASP B 273 37.32 3.61 18.21
CA ASP B 273 37.14 2.98 16.91
C ASP B 273 36.78 3.99 15.84
N LEU B 274 36.00 5.02 16.20
CA LEU B 274 35.49 5.97 15.22
C LEU B 274 36.59 6.82 14.61
N GLU B 275 37.69 7.06 15.35
CA GLU B 275 38.76 7.89 14.84
C GLU B 275 39.26 7.38 13.49
N GLY B 276 39.73 8.29 12.67
CA GLY B 276 39.86 8.08 11.24
C GLY B 276 38.65 8.60 10.50
N GLY B 277 37.50 8.62 11.17
CA GLY B 277 36.33 9.29 10.64
C GLY B 277 36.55 10.78 10.71
N ASN B 278 36.17 11.39 11.84
CA ASN B 278 36.43 12.81 12.08
C ASN B 278 35.76 13.68 11.03
N ILE B 279 34.52 14.10 11.30
CA ILE B 279 33.80 14.99 10.40
C ILE B 279 34.66 16.21 10.11
N PRO B 280 34.56 16.81 8.93
CA PRO B 280 35.40 17.96 8.61
C PRO B 280 34.78 19.26 9.10
N ALA B 281 35.63 20.26 9.26
CA ALA B 281 35.21 21.55 9.78
C ALA B 281 34.73 22.43 8.66
N LEU B 282 33.66 23.19 8.92
CA LEU B 282 33.07 24.01 7.88
C LEU B 282 33.95 25.21 7.55
N LEU B 283 33.89 25.63 6.30
CA LEU B 283 34.63 26.79 5.84
C LEU B 283 33.85 28.07 6.09
N ASP B 284 34.55 29.10 6.52
CA ASP B 284 33.94 30.39 6.85
C ASP B 284 33.62 31.12 5.55
N VAL B 285 32.45 30.82 5.00
CA VAL B 285 31.97 31.49 3.80
C VAL B 285 31.71 32.97 4.03
N ALA B 286 31.82 33.44 5.26
CA ALA B 286 31.83 34.86 5.55
C ALA B 286 33.20 35.48 5.38
N LYS B 287 34.17 34.72 4.83
CA LYS B 287 35.49 35.23 4.54
C LYS B 287 35.88 34.84 3.11
N TYR B 288 35.71 33.57 2.77
CA TYR B 288 35.93 33.12 1.40
C TYR B 288 35.16 33.97 0.42
N GLU B 289 33.84 34.09 0.61
CA GLU B 289 33.02 34.97 -0.18
C GLU B 289 33.09 36.42 0.30
N ALA B 290 34.06 36.72 1.16
CA ALA B 290 34.35 38.10 1.56
C ALA B 290 35.78 38.52 1.24
N SER B 291 36.71 37.58 1.12
CA SER B 291 38.06 37.93 0.71
C SER B 291 38.14 38.22 -0.78
N ILE B 292 37.31 37.57 -1.59
CA ILE B 292 37.31 37.86 -3.01
C ILE B 292 36.85 39.29 -3.26
N GLN B 293 36.08 39.87 -2.34
CA GLN B 293 35.83 41.31 -2.40
C GLN B 293 37.13 42.08 -2.30
N LYS B 294 38.02 41.68 -1.40
CA LYS B 294 39.34 42.29 -1.28
C LYS B 294 40.23 41.95 -2.47
N ALA B 295 39.88 40.93 -3.24
CA ALA B 295 40.67 40.51 -4.40
C ALA B 295 40.09 41.01 -5.72
N LYS B 296 38.82 40.73 -5.97
CA LYS B 296 38.19 41.13 -7.21
C LYS B 296 37.92 42.64 -7.23
N LEU B 314 42.72 34.40 -0.90
CA LEU B 314 41.74 33.52 -0.27
C LEU B 314 42.12 33.19 1.15
N VAL B 315 41.14 33.22 2.04
CA VAL B 315 41.37 32.88 3.45
C VAL B 315 40.47 31.70 3.84
N ILE B 316 40.90 30.49 3.51
CA ILE B 316 40.13 29.28 3.81
C ILE B 316 40.24 28.95 5.29
N GLU B 317 39.78 29.86 6.14
CA GLU B 317 39.87 29.66 7.58
C GLU B 317 38.66 28.89 8.08
N PRO B 318 38.82 27.69 8.65
CA PRO B 318 37.67 26.99 9.22
C PRO B 318 37.06 27.78 10.37
N VAL B 319 35.82 27.42 10.70
CA VAL B 319 35.07 28.09 11.75
C VAL B 319 35.20 27.31 13.05
N ALA B 320 35.28 28.04 14.15
CA ALA B 320 35.19 27.45 15.48
C ALA B 320 34.07 28.05 16.30
N LYS B 321 33.89 29.36 16.24
CA LYS B 321 32.88 30.07 17.01
C LYS B 321 31.76 30.48 16.07
N ASP B 322 30.74 29.62 15.96
CA ASP B 322 29.49 29.99 15.32
C ASP B 322 28.61 30.72 16.33
N SER B 323 27.62 31.45 15.80
CA SER B 323 26.76 32.29 16.64
C SER B 323 26.25 31.48 17.83
N LYS B 324 26.12 32.16 18.97
CA LYS B 324 26.12 31.50 20.27
C LYS B 324 27.38 30.66 20.34
N ASN B 325 28.51 31.30 20.64
CA ASN B 325 29.84 30.72 20.49
C ASN B 325 29.99 29.36 21.16
N ARG B 326 30.06 28.32 20.34
CA ARG B 326 30.39 26.96 20.79
C ARG B 326 31.49 26.44 19.87
N SER B 327 32.67 26.19 20.44
CA SER B 327 33.76 25.65 19.65
C SER B 327 33.42 24.23 19.19
N TYR B 328 33.58 23.98 17.89
CA TYR B 328 33.28 22.65 17.37
C TYR B 328 34.24 21.60 17.85
N ASN B 329 35.07 21.88 18.85
CA ASN B 329 36.09 20.95 19.32
C ASN B 329 37.00 20.52 18.18
N LEU B 330 37.42 21.49 17.38
CA LEU B 330 38.36 21.21 16.31
C LEU B 330 39.74 20.94 16.89
N LEU B 331 40.28 19.76 16.59
CA LEU B 331 41.52 19.33 17.21
C LEU B 331 42.67 20.24 16.77
N PRO B 332 43.58 20.60 17.69
CA PRO B 332 44.45 21.76 17.45
C PRO B 332 45.61 21.50 16.51
N ASN B 333 46.07 20.26 16.37
CA ASN B 333 47.23 20.02 15.53
C ASN B 333 46.94 20.20 14.05
N ASP B 334 45.69 20.01 13.62
CA ASP B 334 45.30 20.28 12.24
C ASP B 334 43.90 20.88 12.26
N GLN B 335 43.83 22.20 12.05
CA GLN B 335 42.57 22.92 12.16
C GLN B 335 41.67 22.73 10.94
N ASN B 336 42.11 21.97 9.94
CA ASN B 336 41.23 21.64 8.83
C ASN B 336 40.35 20.43 9.12
N ASN B 337 40.34 19.96 10.36
CA ASN B 337 39.48 18.89 10.81
C ASN B 337 38.90 19.28 12.16
N THR B 338 38.01 18.42 12.69
CA THR B 338 37.46 18.64 14.01
C THR B 338 37.21 17.31 14.68
N ALA B 339 36.75 17.37 15.93
CA ALA B 339 36.37 16.18 16.65
C ALA B 339 34.97 15.79 16.21
N TYR B 340 34.16 15.26 17.13
CA TYR B 340 32.85 14.74 16.78
C TYR B 340 32.99 13.62 15.75
N ARG B 341 33.98 12.76 15.97
CA ARG B 341 34.28 11.73 14.98
C ARG B 341 33.10 10.81 14.80
N SER B 342 32.32 11.03 13.74
CA SER B 342 31.09 10.31 13.52
C SER B 342 31.29 8.81 13.38
N TRP B 343 30.20 8.07 13.26
CA TRP B 343 30.27 6.65 12.96
C TRP B 343 30.18 6.39 11.47
N PHE B 344 29.23 7.05 10.80
CA PHE B 344 29.34 7.21 9.37
C PHE B 344 30.61 8.01 9.08
N LEU B 345 30.95 8.10 7.80
CA LEU B 345 32.29 8.54 7.37
C LEU B 345 33.31 7.50 7.80
N ALA B 346 33.33 7.17 9.09
CA ALA B 346 34.20 6.11 9.59
C ALA B 346 33.77 4.73 9.14
N TYR B 347 32.69 4.63 8.38
CA TYR B 347 32.30 3.40 7.71
C TYR B 347 32.15 3.65 6.21
N ASN B 348 32.95 4.57 5.69
CA ASN B 348 32.82 5.04 4.32
C ASN B 348 34.14 5.67 3.91
N TYR B 349 34.37 6.90 4.34
CA TYR B 349 35.63 7.59 4.08
C TYR B 349 36.71 7.21 5.07
N GLY B 350 36.71 5.95 5.53
CA GLY B 350 37.67 5.49 6.51
C GLY B 350 38.62 4.46 5.96
N ASP B 351 38.61 3.26 6.53
CA ASP B 351 39.55 2.24 6.12
C ASP B 351 38.95 0.85 6.27
N PRO B 352 38.75 0.11 5.19
CA PRO B 352 38.27 -1.26 5.31
C PRO B 352 39.26 -2.12 6.06
N LYS B 353 38.73 -3.20 6.66
CA LYS B 353 39.49 -4.15 7.50
C LYS B 353 40.39 -3.45 8.52
N LYS B 354 40.12 -2.17 8.81
CA LYS B 354 40.90 -1.41 9.77
C LYS B 354 39.99 -0.59 10.67
N GLY B 355 39.22 0.33 10.08
CA GLY B 355 38.35 1.21 10.83
C GLY B 355 37.12 0.52 11.38
N VAL B 356 36.00 1.22 11.44
CA VAL B 356 34.78 0.65 12.00
C VAL B 356 34.22 -0.47 11.13
N GLN B 357 34.71 -0.60 9.90
CA GLN B 357 34.41 -1.78 9.11
C GLN B 357 34.97 -3.01 9.81
N SER B 358 34.44 -4.17 9.43
CA SER B 358 34.83 -5.53 9.86
C SER B 358 34.11 -5.96 11.13
N TRP B 359 33.21 -5.14 11.67
CA TRP B 359 32.33 -5.61 12.74
C TRP B 359 31.09 -4.74 12.84
N THR B 360 30.89 -3.83 11.89
CA THR B 360 29.69 -3.00 11.83
C THR B 360 29.16 -2.99 10.41
N LEU B 361 27.91 -3.44 10.24
CA LEU B 361 27.28 -3.42 8.92
C LEU B 361 26.69 -2.05 8.64
N LEU B 362 25.57 -2.04 7.93
CA LEU B 362 24.78 -0.83 7.72
C LEU B 362 23.41 -1.20 7.18
N THR B 363 22.67 -2.00 7.94
CA THR B 363 21.37 -2.44 7.48
C THR B 363 20.39 -1.28 7.44
N THR B 364 19.21 -1.54 6.88
CA THR B 364 18.20 -0.52 6.77
C THR B 364 17.72 -0.08 8.15
N ALA B 365 17.17 1.14 8.21
CA ALA B 365 16.69 1.67 9.48
C ALA B 365 15.48 0.89 9.96
N ASP B 366 15.67 -0.38 10.28
CA ASP B 366 14.60 -1.28 10.69
C ASP B 366 14.00 -0.81 12.01
N VAL B 367 12.78 -0.29 11.97
CA VAL B 367 12.16 0.21 13.19
C VAL B 367 11.46 -0.88 14.00
N THR B 368 10.94 -1.91 13.34
CA THR B 368 10.17 -2.92 14.06
C THR B 368 11.05 -3.85 14.89
N CYS B 369 11.96 -3.27 15.68
CA CYS B 369 12.83 -4.01 16.61
C CYS B 369 13.50 -5.19 15.92
N GLY B 370 13.73 -5.08 14.62
CA GLY B 370 14.09 -6.23 13.83
C GLY B 370 12.89 -7.15 13.73
N SER B 371 12.83 -8.15 14.60
CA SER B 371 11.69 -9.05 14.69
C SER B 371 11.92 -9.97 15.88
N GLN B 372 10.86 -10.65 16.28
CA GLN B 372 10.92 -11.66 17.32
C GLN B 372 9.98 -12.79 16.96
N GLN B 373 10.34 -14.00 17.36
CA GLN B 373 9.40 -15.08 17.25
C GLN B 373 8.28 -14.90 18.27
N VAL B 374 7.21 -15.68 18.10
CA VAL B 374 6.14 -15.70 19.08
C VAL B 374 5.73 -17.14 19.31
N TYR B 375 6.52 -17.85 20.10
CA TYR B 375 6.31 -19.28 20.28
C TYR B 375 4.90 -19.57 20.79
N TRP B 376 4.03 -19.99 19.89
CA TRP B 376 2.72 -20.47 20.27
C TRP B 376 2.88 -21.69 21.17
N SER B 377 1.84 -21.99 21.96
CA SER B 377 1.97 -23.10 22.89
C SER B 377 0.60 -23.56 23.38
N LEU B 378 0.31 -24.85 23.22
CA LEU B 378 -0.87 -25.49 23.79
C LEU B 378 -0.40 -26.65 24.66
N PRO B 379 -0.24 -26.44 25.97
CA PRO B 379 0.30 -27.54 26.80
C PRO B 379 -0.54 -28.79 26.75
N ASP B 380 -1.84 -28.66 26.51
CA ASP B 380 -2.67 -29.81 26.23
C ASP B 380 -3.12 -29.76 24.79
N MET B 381 -3.98 -30.71 24.40
CA MET B 381 -4.39 -30.92 23.02
C MET B 381 -3.20 -31.37 22.18
N MET B 382 -2.29 -30.46 21.87
CA MET B 382 -1.11 -30.78 21.09
C MET B 382 -0.11 -31.53 21.94
N GLN B 383 0.30 -32.71 21.47
CA GLN B 383 1.19 -33.60 22.20
C GLN B 383 2.43 -32.89 22.70
N ASP B 384 3.48 -32.87 21.87
CA ASP B 384 4.69 -32.14 22.17
C ASP B 384 5.58 -32.19 20.94
N PRO B 385 6.53 -31.27 20.81
CA PRO B 385 7.52 -31.42 19.73
C PRO B 385 8.38 -32.65 19.96
N VAL B 386 9.37 -32.86 19.10
CA VAL B 386 10.14 -34.09 19.11
C VAL B 386 10.79 -34.32 20.47
N THR B 387 11.12 -33.24 21.18
CA THR B 387 11.89 -33.37 22.41
C THR B 387 11.66 -32.17 23.33
N PHE B 388 10.49 -32.09 23.93
CA PHE B 388 10.19 -31.02 24.87
C PHE B 388 9.88 -31.61 26.24
N ARG B 389 10.16 -30.82 27.26
CA ARG B 389 9.95 -31.25 28.63
C ARG B 389 8.50 -31.04 29.03
N PRO B 390 7.73 -32.12 29.22
CA PRO B 390 6.33 -31.94 29.64
C PRO B 390 6.24 -31.28 31.00
N SER B 391 6.48 -29.99 31.06
CA SER B 391 6.67 -29.27 32.31
C SER B 391 5.45 -28.41 32.61
N THR B 392 5.55 -27.70 33.74
CA THR B 392 4.49 -26.79 34.19
C THR B 392 5.16 -25.54 34.74
N GLN B 393 4.97 -24.42 34.05
CA GLN B 393 5.63 -23.15 34.33
C GLN B 393 5.20 -22.17 33.24
N VAL B 394 5.30 -20.88 33.54
CA VAL B 394 5.09 -19.87 32.50
C VAL B 394 5.98 -20.15 31.30
N SER B 395 7.17 -20.67 31.55
CA SER B 395 8.09 -21.10 30.51
C SER B 395 7.96 -22.61 30.32
N ASN B 396 8.84 -23.18 29.51
CA ASN B 396 8.96 -24.62 29.29
C ASN B 396 7.70 -25.24 28.69
N TYR B 397 6.74 -24.43 28.27
CA TYR B 397 5.58 -24.98 27.57
C TYR B 397 6.02 -25.69 26.29
N PRO B 398 5.39 -26.80 25.94
CA PRO B 398 5.66 -27.43 24.65
C PRO B 398 5.24 -26.52 23.51
N VAL B 399 6.22 -25.93 22.82
CA VAL B 399 5.92 -24.96 21.77
C VAL B 399 5.35 -25.69 20.56
N VAL B 400 4.29 -25.13 19.97
CA VAL B 400 3.66 -25.68 18.79
C VAL B 400 3.34 -24.52 17.86
N GLY B 401 4.03 -24.45 16.73
CA GLY B 401 3.85 -23.34 15.82
C GLY B 401 4.67 -22.13 16.25
N VAL B 402 5.37 -21.54 15.29
CA VAL B 402 6.21 -20.37 15.57
C VAL B 402 5.99 -19.33 14.50
N GLU B 403 4.99 -18.46 14.69
CA GLU B 403 4.76 -17.42 13.71
C GLU B 403 5.85 -16.36 13.84
N LEU B 404 5.66 -15.24 13.16
CA LEU B 404 6.43 -14.03 13.43
C LEU B 404 5.61 -13.11 14.32
N LEU B 405 6.30 -12.17 14.93
CA LEU B 405 5.60 -11.13 15.68
C LEU B 405 4.89 -10.24 14.68
N PRO B 406 3.57 -10.35 14.54
CA PRO B 406 2.91 -9.71 13.39
C PRO B 406 3.03 -8.21 13.40
N VAL B 407 4.22 -7.73 13.08
CA VAL B 407 4.51 -6.31 13.03
C VAL B 407 5.16 -6.05 11.68
N HIS B 408 4.38 -5.51 10.74
CA HIS B 408 4.88 -5.19 9.40
C HIS B 408 5.24 -3.72 9.37
N ALA B 409 6.52 -3.42 9.16
CA ALA B 409 6.97 -2.04 9.15
C ALA B 409 6.61 -1.39 7.83
N LYS B 410 5.73 -0.41 7.86
CA LYS B 410 5.35 0.32 6.66
C LYS B 410 6.43 1.33 6.32
N SER B 411 6.18 2.16 5.31
CA SER B 411 7.14 3.19 4.91
C SER B 411 6.39 4.23 4.11
N PHE B 412 6.38 5.47 4.60
CA PHE B 412 5.62 6.54 3.97
C PHE B 412 6.58 7.64 3.55
N TYR B 413 6.30 8.25 2.40
CA TYR B 413 7.15 9.33 1.92
C TYR B 413 7.00 10.52 2.85
N ASN B 414 8.04 10.81 3.63
CA ASN B 414 7.98 11.91 4.57
C ASN B 414 7.71 13.22 3.84
N GLU B 415 6.95 14.09 4.50
CA GLU B 415 6.56 15.36 3.92
C GLU B 415 7.28 16.56 4.53
N GLN B 416 7.69 16.47 5.79
CA GLN B 416 8.34 17.60 6.45
C GLN B 416 9.59 18.07 5.70
N ALA B 417 10.21 17.19 4.91
CA ALA B 417 11.31 17.62 4.05
C ALA B 417 10.88 18.77 3.16
N VAL B 418 9.62 18.79 2.73
CA VAL B 418 9.08 19.91 1.97
C VAL B 418 8.72 21.06 2.89
N THR B 430 12.56 27.45 18.19
CA THR B 430 11.22 27.47 18.75
C THR B 430 10.82 26.08 19.21
N HIS B 431 11.46 25.07 18.65
CA HIS B 431 11.11 23.68 18.95
C HIS B 431 11.84 23.22 20.20
N VAL B 432 11.64 21.95 20.55
CA VAL B 432 12.25 21.38 21.74
C VAL B 432 13.24 20.27 21.40
N PHE B 433 13.08 19.61 20.26
CA PHE B 433 14.09 18.67 19.82
C PHE B 433 15.28 19.41 19.21
N ASN B 434 15.01 20.39 18.36
CA ASN B 434 16.04 21.25 17.79
C ASN B 434 16.39 22.34 18.78
N ARG B 435 17.08 21.93 19.86
CA ARG B 435 17.41 22.86 20.93
C ARG B 435 18.39 23.93 20.44
N PHE B 436 19.54 23.49 19.90
CA PHE B 436 20.52 24.43 19.39
C PHE B 436 20.24 24.68 17.93
N PRO B 437 19.80 25.88 17.54
CA PRO B 437 19.46 26.15 16.14
C PRO B 437 20.60 26.73 15.31
N GLU B 438 21.80 26.88 15.87
CA GLU B 438 22.92 27.41 15.12
C GLU B 438 24.06 26.42 14.98
N ASN B 439 24.41 25.69 16.03
CA ASN B 439 25.47 24.70 15.97
C ASN B 439 25.21 23.72 14.85
N GLN B 440 25.99 23.83 13.77
CA GLN B 440 25.73 23.04 12.57
C GLN B 440 25.87 21.54 12.82
N ILE B 441 26.54 21.14 13.89
CA ILE B 441 26.63 19.72 14.19
C ILE B 441 25.51 19.27 15.10
N LEU B 442 25.13 20.10 16.07
CA LEU B 442 24.12 19.75 17.06
C LEU B 442 22.70 20.00 16.60
N VAL B 443 22.51 20.61 15.41
CA VAL B 443 21.17 20.93 14.94
C VAL B 443 20.37 19.65 14.78
N ARG B 444 19.05 19.80 14.70
CA ARG B 444 18.16 18.66 14.58
C ARG B 444 18.51 17.86 13.34
N PRO B 445 18.78 16.57 13.47
CA PRO B 445 19.11 15.75 12.31
C PRO B 445 17.94 15.67 11.36
N PRO B 446 18.07 16.21 10.16
CA PRO B 446 16.95 16.25 9.23
C PRO B 446 16.37 14.87 8.97
N ALA B 447 15.08 14.83 8.70
CA ALA B 447 14.36 13.57 8.65
C ALA B 447 14.69 12.83 7.36
N PRO B 448 14.85 11.51 7.42
CA PRO B 448 15.07 10.75 6.18
C PRO B 448 13.83 10.81 5.30
N THR B 449 14.07 10.74 3.99
CA THR B 449 12.98 10.94 3.04
C THR B 449 11.90 9.89 3.18
N ILE B 450 12.27 8.68 3.61
CA ILE B 450 11.31 7.59 3.73
C ILE B 450 11.10 7.30 5.21
N THR B 451 10.07 7.91 5.79
CA THR B 451 9.80 7.70 7.21
C THR B 451 9.11 6.35 7.39
N THR B 452 9.73 5.47 8.15
CA THR B 452 9.12 4.18 8.42
C THR B 452 8.46 4.19 9.80
N VAL B 453 7.56 3.23 10.01
CA VAL B 453 6.78 3.14 11.24
C VAL B 453 6.21 1.75 11.33
N SER B 454 6.10 1.23 12.56
CA SER B 454 5.58 -0.11 12.76
C SER B 454 4.07 -0.12 12.53
N GLU B 455 3.53 -1.33 12.45
CA GLU B 455 2.10 -1.52 12.27
C GLU B 455 1.70 -2.79 12.99
N ASN B 456 0.47 -3.24 12.76
CA ASN B 456 -0.02 -4.47 13.39
C ASN B 456 -1.01 -5.12 12.43
N VAL B 457 -0.54 -6.07 11.64
CA VAL B 457 -1.38 -6.80 10.70
C VAL B 457 -1.81 -8.11 11.37
N PRO B 458 -3.08 -8.45 11.34
CA PRO B 458 -3.53 -9.70 11.97
C PRO B 458 -3.10 -10.91 11.17
N ALA B 459 -2.01 -11.55 11.58
CA ALA B 459 -1.41 -12.62 10.80
C ALA B 459 -2.24 -13.90 10.89
N LEU B 460 -3.16 -14.08 9.95
CA LEU B 460 -3.95 -15.31 9.89
C LEU B 460 -3.06 -16.42 9.32
N THR B 461 -2.14 -16.89 10.14
CA THR B 461 -1.13 -17.82 9.66
C THR B 461 -1.67 -19.23 9.55
N ASP B 462 -0.78 -20.21 9.65
CA ASP B 462 -1.13 -21.61 9.52
C ASP B 462 0.03 -22.43 10.04
N HIS B 463 -0.27 -23.67 10.42
CA HIS B 463 0.74 -24.63 10.81
C HIS B 463 0.30 -26.00 10.34
N GLY B 464 1.23 -26.79 9.83
CA GLY B 464 0.91 -28.10 9.34
C GLY B 464 0.30 -28.99 10.39
N THR B 465 -0.17 -30.14 9.95
CA THR B 465 -0.74 -31.12 10.86
C THR B 465 0.29 -31.55 11.88
N LEU B 466 -0.17 -31.81 13.11
CA LEU B 466 0.71 -32.18 14.19
C LEU B 466 -0.11 -32.89 15.25
N PRO B 467 0.47 -33.86 15.97
CA PRO B 467 -0.36 -34.82 16.70
C PRO B 467 -1.14 -34.19 17.83
N LEU B 468 -2.18 -34.91 18.25
CA LEU B 468 -3.09 -34.47 19.30
C LEU B 468 -2.94 -35.37 20.52
N ARG B 469 -3.28 -34.82 21.69
CA ARG B 469 -3.13 -35.55 22.95
C ARG B 469 -4.07 -36.74 23.02
N SER B 470 -4.93 -36.90 22.01
CA SER B 470 -5.88 -38.01 21.92
C SER B 470 -6.85 -38.06 23.08
N SER B 471 -6.97 -36.97 23.84
CA SER B 471 -7.92 -36.88 24.94
C SER B 471 -8.02 -35.45 25.42
N ILE B 472 -8.46 -34.55 24.55
CA ILE B 472 -8.57 -33.14 24.91
C ILE B 472 -9.45 -33.00 26.13
N SER B 473 -9.07 -32.11 27.04
CA SER B 473 -9.89 -31.81 28.20
C SER B 473 -10.85 -30.68 27.86
N GLY B 474 -11.86 -30.52 28.71
CA GLY B 474 -12.82 -29.46 28.51
C GLY B 474 -12.25 -28.07 28.63
N VAL B 475 -11.05 -27.93 29.17
CA VAL B 475 -10.44 -26.62 29.38
C VAL B 475 -9.01 -26.68 28.87
N GLN B 476 -8.67 -25.81 27.92
CA GLN B 476 -7.32 -25.67 27.39
C GLN B 476 -6.74 -24.33 27.82
N ARG B 477 -5.49 -24.11 27.45
CA ARG B 477 -4.83 -22.86 27.81
C ARG B 477 -3.84 -22.51 26.70
N VAL B 478 -4.27 -21.65 25.78
CA VAL B 478 -3.37 -21.09 24.79
C VAL B 478 -2.36 -20.21 25.53
N THR B 479 -1.24 -19.90 24.88
CA THR B 479 -0.21 -19.09 25.50
C THR B 479 0.80 -18.63 24.46
N ILE B 480 1.16 -17.35 24.50
CA ILE B 480 2.01 -16.74 23.48
C ILE B 480 3.28 -16.22 24.15
N THR B 481 4.39 -16.88 23.88
CA THR B 481 5.66 -16.57 24.53
C THR B 481 6.69 -16.12 23.51
N ASP B 482 7.50 -15.14 23.88
CA ASP B 482 8.55 -14.64 23.00
C ASP B 482 9.78 -15.54 23.03
N ALA B 483 10.94 -14.97 22.73
CA ALA B 483 12.18 -15.74 22.73
C ALA B 483 12.53 -16.16 24.15
N ARG B 484 13.07 -15.23 24.93
CA ARG B 484 13.19 -15.45 26.37
C ARG B 484 11.80 -15.77 26.89
N ARG B 485 11.62 -16.99 27.41
CA ARG B 485 10.29 -17.56 27.49
C ARG B 485 9.38 -16.86 28.48
N ARG B 486 9.09 -15.59 28.22
CA ARG B 486 8.07 -14.85 28.93
C ARG B 486 6.80 -14.79 28.09
N THR B 487 5.66 -14.73 28.75
CA THR B 487 4.40 -14.61 28.05
C THR B 487 4.23 -13.18 27.56
N CYS B 488 4.01 -13.02 26.26
CA CYS B 488 3.95 -11.70 25.67
C CYS B 488 2.78 -10.92 26.24
N PRO B 489 3.01 -9.78 26.90
CA PRO B 489 1.91 -9.00 27.46
C PRO B 489 1.33 -7.98 26.51
N TYR B 490 1.60 -8.10 25.20
CA TYR B 490 1.11 -7.15 24.23
C TYR B 490 0.14 -7.74 23.23
N VAL B 491 0.02 -9.08 23.17
CA VAL B 491 -0.99 -9.67 22.31
C VAL B 491 -2.36 -9.17 22.72
N HIS B 492 -3.17 -8.80 21.73
CA HIS B 492 -4.47 -8.22 21.96
C HIS B 492 -5.61 -9.21 21.79
N LYS B 493 -5.45 -10.21 20.93
CA LYS B 493 -6.45 -11.25 20.77
C LYS B 493 -5.83 -12.41 20.02
N ALA B 494 -6.06 -13.61 20.52
CA ALA B 494 -5.66 -14.82 19.83
C ALA B 494 -6.86 -15.73 19.68
N LEU B 495 -6.82 -16.61 18.68
CA LEU B 495 -7.88 -17.59 18.49
C LEU B 495 -7.24 -18.96 18.47
N GLY B 496 -7.42 -19.69 17.38
CA GLY B 496 -6.75 -20.97 17.26
C GLY B 496 -7.70 -22.09 16.92
N ILE B 497 -8.32 -21.99 15.75
CA ILE B 497 -9.11 -23.09 15.24
C ILE B 497 -8.23 -24.32 15.16
N VAL B 498 -8.81 -25.48 15.45
CA VAL B 498 -8.09 -26.74 15.41
C VAL B 498 -8.96 -27.76 14.70
N ALA B 499 -8.51 -28.23 13.54
CA ALA B 499 -9.28 -29.20 12.78
C ALA B 499 -8.63 -30.57 12.94
N PRO B 500 -9.16 -31.45 13.79
CA PRO B 500 -8.59 -32.79 13.92
C PRO B 500 -8.87 -33.62 12.70
N LYS B 501 -8.08 -34.69 12.56
CA LYS B 501 -8.22 -35.67 11.50
C LYS B 501 -7.25 -36.80 11.74
N VAL B 502 -7.51 -37.94 11.12
CA VAL B 502 -6.66 -39.10 11.34
C VAL B 502 -5.29 -38.88 10.69
N LEU B 503 -4.30 -39.60 11.20
CA LEU B 503 -2.99 -39.65 10.56
C LEU B 503 -2.54 -41.08 10.33
N SER B 504 -2.92 -41.99 11.22
CA SER B 504 -2.50 -43.38 11.13
C SER B 504 -3.46 -44.22 11.97
N SER B 505 -3.12 -45.49 12.14
CA SER B 505 -3.91 -46.42 12.93
C SER B 505 -3.15 -46.77 14.21
N ARG B 506 -3.79 -47.58 15.04
CA ARG B 506 -3.23 -48.04 16.31
C ARG B 506 -2.80 -46.87 17.19
N ARG C 50 6.43 -49.60 11.74
CA ARG C 50 7.08 -48.47 11.10
C ARG C 50 6.53 -47.15 11.62
N ASN C 51 7.13 -46.05 11.16
CA ASN C 51 6.67 -44.71 11.50
C ASN C 51 6.66 -44.51 13.01
N SER C 52 7.82 -44.23 13.58
CA SER C 52 7.91 -44.01 15.02
C SER C 52 9.13 -43.18 15.37
N ILE C 53 9.03 -41.86 15.26
CA ILE C 53 10.13 -40.98 15.61
C ILE C 53 10.46 -41.13 17.08
N ARG C 54 11.75 -41.24 17.38
CA ARG C 54 12.23 -41.45 18.74
C ARG C 54 13.24 -40.37 19.10
N TYR C 55 13.56 -40.30 20.40
CA TYR C 55 14.56 -39.37 20.89
C TYR C 55 15.45 -40.03 21.92
N SER C 56 15.22 -41.33 22.15
CA SER C 56 15.96 -42.14 23.12
C SER C 56 15.62 -41.74 24.54
N GLU C 57 14.78 -42.53 25.19
CA GLU C 57 14.44 -42.42 26.61
C GLU C 57 13.57 -41.20 26.93
N LEU C 58 12.86 -40.68 25.93
CA LEU C 58 11.86 -39.65 26.18
C LEU C 58 10.50 -40.00 25.58
N ALA C 59 10.20 -41.29 25.47
CA ALA C 59 8.92 -41.81 25.00
C ALA C 59 8.69 -41.46 23.54
N PRO C 60 8.63 -42.45 22.66
CA PRO C 60 8.49 -42.16 21.23
C PRO C 60 7.14 -41.51 20.94
N LEU C 61 7.21 -40.33 20.34
CA LEU C 61 6.01 -39.60 19.92
C LEU C 61 5.71 -39.88 18.45
N TYR C 62 5.36 -41.13 18.16
CA TYR C 62 5.33 -41.65 16.80
C TYR C 62 4.46 -40.82 15.84
N ASP C 63 4.75 -40.96 14.55
CA ASP C 63 4.11 -40.23 13.46
C ASP C 63 4.52 -38.77 13.45
N THR C 64 3.89 -37.97 12.59
CA THR C 64 4.35 -36.64 12.24
C THR C 64 4.56 -35.79 13.49
N THR C 65 5.71 -35.14 13.58
CA THR C 65 6.02 -34.19 14.63
C THR C 65 6.54 -32.91 13.98
N ARG C 66 7.21 -32.06 14.75
CA ARG C 66 7.84 -30.87 14.21
C ARG C 66 9.12 -30.60 15.00
N VAL C 67 10.01 -29.82 14.40
CA VAL C 67 11.29 -29.49 15.01
C VAL C 67 11.70 -28.11 14.52
N TYR C 68 12.12 -27.26 15.46
CA TYR C 68 12.21 -25.82 15.20
C TYR C 68 13.67 -25.40 15.18
N LEU C 69 14.23 -25.31 13.97
CA LEU C 69 15.56 -24.73 13.82
C LEU C 69 15.50 -23.25 14.12
N VAL C 70 15.35 -22.92 15.40
CA VAL C 70 15.28 -21.52 15.80
C VAL C 70 16.66 -20.89 15.67
N ASP C 71 16.78 -19.65 16.13
CA ASP C 71 18.01 -18.90 15.92
C ASP C 71 18.47 -18.18 17.15
N ASN C 72 17.57 -17.47 17.82
CA ASN C 72 17.91 -16.63 18.96
C ASN C 72 18.48 -17.46 20.10
N LYS C 73 18.16 -18.75 20.14
CA LYS C 73 18.73 -19.64 21.14
C LYS C 73 18.44 -21.10 20.80
N SER C 79 22.66 -20.71 24.53
CA SER C 79 23.18 -21.47 23.39
C SER C 79 23.86 -20.55 22.39
N LEU C 80 23.91 -19.26 22.72
CA LEU C 80 24.69 -18.29 21.96
C LEU C 80 26.12 -18.23 22.49
N ASN C 81 26.61 -19.38 22.95
CA ASN C 81 27.92 -19.47 23.57
C ASN C 81 28.93 -20.19 22.71
N TYR C 82 28.51 -21.14 21.90
CA TYR C 82 29.44 -21.91 21.07
C TYR C 82 29.24 -21.62 19.59
N GLN C 83 28.55 -20.54 19.27
CA GLN C 83 28.43 -20.13 17.87
C GLN C 83 28.67 -18.65 17.71
N ASN C 84 29.37 -18.04 18.66
CA ASN C 84 29.93 -16.72 18.43
C ASN C 84 31.07 -16.84 17.42
N ASP C 85 31.44 -15.71 16.84
CA ASP C 85 32.43 -15.67 15.76
C ASP C 85 31.91 -16.43 14.56
N HIS C 86 31.83 -17.75 14.67
CA HIS C 86 31.20 -18.59 13.65
C HIS C 86 29.71 -18.27 13.65
N SER C 87 29.36 -17.18 12.98
CA SER C 87 28.03 -16.61 13.17
C SER C 87 27.50 -15.91 11.94
N ASN C 88 27.68 -14.59 11.88
CA ASN C 88 26.90 -13.76 10.97
C ASN C 88 25.44 -14.13 11.16
N PHE C 89 24.86 -14.80 10.16
CA PHE C 89 23.65 -15.56 10.39
C PHE C 89 23.60 -16.77 9.46
N GLN C 90 24.76 -17.32 9.15
CA GLN C 90 24.86 -18.73 8.75
C GLN C 90 25.18 -19.58 9.97
N THR C 91 24.33 -19.39 10.97
CA THR C 91 24.54 -19.88 12.33
C THR C 91 24.62 -21.41 12.39
N THR C 92 24.93 -21.92 13.58
CA THR C 92 24.95 -23.35 13.85
C THR C 92 24.09 -23.55 15.09
N VAL C 93 22.78 -23.69 14.90
CA VAL C 93 21.85 -23.68 16.02
C VAL C 93 21.65 -25.10 16.54
N VAL C 94 20.88 -25.22 17.61
CA VAL C 94 20.68 -26.48 18.29
C VAL C 94 19.19 -26.78 18.38
N GLN C 95 18.86 -28.07 18.46
CA GLN C 95 17.52 -28.48 18.86
C GLN C 95 17.58 -28.99 20.29
N ASN C 96 16.63 -29.84 20.69
CA ASN C 96 16.55 -30.29 22.08
C ASN C 96 16.57 -29.09 23.01
N ASN C 97 15.73 -28.10 22.76
CA ASN C 97 15.82 -26.84 23.49
C ASN C 97 15.38 -26.97 24.94
N ASP C 98 15.70 -28.09 25.58
CA ASP C 98 15.67 -28.19 27.03
C ASP C 98 16.98 -27.69 27.60
N PHE C 99 17.11 -27.75 28.92
CA PHE C 99 18.36 -27.43 29.59
C PHE C 99 18.30 -27.85 31.05
N THR C 108 20.79 -37.15 19.86
CA THR C 108 20.69 -37.54 18.46
C THR C 108 19.31 -38.08 18.12
N ILE C 109 18.48 -37.22 17.52
CA ILE C 109 17.09 -37.58 17.21
C ILE C 109 17.09 -38.65 16.13
N ASN C 110 17.16 -39.91 16.54
CA ASN C 110 17.11 -40.99 15.57
C ASN C 110 15.70 -41.16 15.04
N PHE C 111 15.49 -40.77 13.79
CA PHE C 111 14.21 -41.00 13.14
C PHE C 111 14.02 -42.49 12.87
N ASP C 112 12.76 -42.90 12.71
CA ASP C 112 12.46 -44.30 12.51
C ASP C 112 12.88 -44.72 11.11
N GLU C 113 13.67 -45.78 11.03
CA GLU C 113 14.02 -46.36 9.74
C GLU C 113 12.78 -47.04 9.17
N ARG C 114 12.97 -47.80 8.09
CA ARG C 114 11.87 -48.43 7.36
C ARG C 114 10.86 -47.40 6.84
N SER C 115 11.32 -46.18 6.59
CA SER C 115 10.48 -45.13 6.05
C SER C 115 11.32 -43.94 5.64
N ARG C 116 11.40 -43.66 4.33
CA ARG C 116 12.17 -42.54 3.84
C ARG C 116 11.54 -41.25 4.32
N TRP C 117 11.94 -40.80 5.51
CA TRP C 117 11.30 -39.65 6.14
C TRP C 117 11.49 -38.40 5.31
N GLY C 118 10.37 -37.81 4.88
CA GLY C 118 10.40 -36.50 4.27
C GLY C 118 10.04 -35.42 5.28
N ALA C 119 10.14 -34.18 4.84
CA ALA C 119 9.94 -33.07 5.76
C ALA C 119 9.49 -31.83 5.01
N ASP C 120 8.44 -31.19 5.50
CA ASP C 120 8.11 -29.85 5.05
C ASP C 120 9.08 -28.86 5.70
N LEU C 121 9.39 -27.80 4.96
CA LEU C 121 10.35 -26.81 5.41
C LEU C 121 9.78 -25.42 5.18
N LYS C 122 8.92 -24.98 6.09
CA LYS C 122 8.59 -23.56 6.12
C LYS C 122 9.79 -22.79 6.66
N THR C 123 9.71 -21.47 6.62
CA THR C 123 10.83 -20.67 7.09
C THR C 123 10.39 -19.23 7.25
N ILE C 124 11.30 -18.43 7.79
CA ILE C 124 11.14 -16.99 7.94
C ILE C 124 12.48 -16.36 7.63
N LEU C 125 12.48 -15.30 6.84
CA LEU C 125 13.68 -14.78 6.23
C LEU C 125 13.75 -13.26 6.39
N ARG C 126 13.55 -12.79 7.61
CA ARG C 126 13.56 -11.35 7.84
C ARG C 126 14.96 -10.82 7.54
N THR C 127 15.14 -10.38 6.30
CA THR C 127 16.43 -9.87 5.87
C THR C 127 16.60 -8.42 6.31
N ASN C 128 17.68 -7.81 5.87
CA ASN C 128 18.04 -6.46 6.28
C ASN C 128 19.23 -5.98 5.46
N MET C 129 18.97 -5.25 4.37
CA MET C 129 20.06 -4.94 3.46
C MET C 129 19.77 -3.67 2.68
N PRO C 130 20.67 -2.70 2.69
CA PRO C 130 20.48 -1.51 1.86
C PRO C 130 20.64 -1.83 0.38
N ASN C 131 20.12 -0.94 -0.45
CA ASN C 131 20.24 -1.13 -1.89
C ASN C 131 21.61 -0.80 -2.43
N ILE C 132 22.48 -0.19 -1.62
CA ILE C 132 23.86 0.13 -2.04
C ILE C 132 24.78 -0.48 -0.99
N ASN C 133 25.37 -1.62 -1.33
CA ASN C 133 26.14 -2.41 -0.38
C ASN C 133 27.35 -3.05 -1.04
N GLU C 134 28.53 -2.73 -0.54
CA GLU C 134 29.75 -3.25 -1.15
C GLU C 134 29.89 -4.76 -0.99
N PHE C 135 28.89 -5.46 -0.44
CA PHE C 135 28.93 -6.91 -0.38
C PHE C 135 28.72 -7.50 -1.77
N MET C 136 27.52 -7.36 -2.31
CA MET C 136 27.28 -7.60 -3.73
C MET C 136 27.63 -6.32 -4.47
N SER C 137 28.66 -6.39 -5.31
CA SER C 137 29.22 -5.20 -5.95
C SER C 137 28.12 -4.32 -6.52
N THR C 138 27.86 -3.21 -5.84
CA THR C 138 26.78 -2.32 -6.21
C THR C 138 27.12 -0.86 -5.97
N ASN C 139 28.15 -0.57 -5.17
CA ASN C 139 28.56 0.79 -4.89
C ASN C 139 29.81 1.19 -5.68
N LYS C 140 30.06 0.53 -6.81
CA LYS C 140 31.20 0.83 -7.65
C LYS C 140 30.75 0.83 -9.10
N PHE C 141 31.45 1.61 -9.92
CA PHE C 141 31.18 1.65 -11.35
C PHE C 141 32.36 2.33 -12.04
N LYS C 142 33.14 1.58 -12.80
CA LYS C 142 34.28 2.18 -13.47
C LYS C 142 33.80 3.18 -14.50
N ALA C 143 34.24 4.42 -14.37
CA ALA C 143 33.82 5.48 -15.27
C ALA C 143 35.04 6.23 -15.79
N ARG C 144 35.14 6.36 -17.10
CA ARG C 144 36.20 7.15 -17.70
C ARG C 144 35.92 8.63 -17.47
N LEU C 145 36.96 9.45 -17.61
CA LEU C 145 36.79 10.87 -17.37
C LEU C 145 38.04 11.59 -17.85
N MET C 146 37.86 12.82 -18.33
CA MET C 146 38.95 13.61 -18.89
C MET C 146 39.87 14.07 -17.76
N VAL C 147 41.02 13.42 -17.65
CA VAL C 147 41.92 13.66 -16.52
C VAL C 147 42.77 14.91 -16.76
N GLU C 148 43.43 14.98 -17.91
CA GLU C 148 44.38 16.05 -18.21
C GLU C 148 43.95 16.76 -19.48
N LYS C 149 43.93 18.09 -19.42
CA LYS C 149 43.59 18.91 -20.58
C LYS C 149 44.86 19.49 -21.18
N LYS C 150 45.14 19.14 -22.44
CA LYS C 150 46.27 19.66 -23.18
C LYS C 150 47.58 19.38 -22.43
N ASN C 151 47.93 18.10 -22.37
CA ASN C 151 49.21 17.73 -21.81
C ASN C 151 50.34 18.21 -22.74
N LYS C 152 51.56 18.20 -22.22
CA LYS C 152 52.69 18.72 -22.98
C LYS C 152 52.90 17.90 -24.26
N GLU C 153 53.17 16.60 -24.10
CA GLU C 153 53.32 15.74 -25.26
C GLU C 153 51.96 15.47 -25.89
N THR C 154 51.88 15.66 -27.21
CA THR C 154 50.65 15.45 -27.98
C THR C 154 49.57 16.41 -27.50
N GLY C 155 49.46 17.57 -28.14
CA GLY C 155 48.53 18.59 -27.68
C GLY C 155 47.10 18.15 -27.84
N LEU C 156 46.66 17.26 -26.95
CA LEU C 156 45.38 16.60 -27.03
C LEU C 156 45.05 16.07 -25.63
N PRO C 157 43.81 16.21 -25.15
CA PRO C 157 43.51 15.79 -23.78
C PRO C 157 43.72 14.29 -23.58
N ARG C 158 43.80 13.91 -22.31
CA ARG C 158 44.11 12.54 -21.92
C ARG C 158 42.97 11.97 -21.08
N TYR C 159 42.66 10.69 -21.31
CA TYR C 159 41.59 10.02 -20.60
C TYR C 159 42.16 8.81 -19.87
N GLU C 160 41.71 8.61 -18.64
CA GLU C 160 42.18 7.50 -17.82
C GLU C 160 41.02 6.98 -16.98
N TRP C 161 40.72 5.69 -17.14
CA TRP C 161 39.64 5.07 -16.38
C TRP C 161 39.81 5.28 -14.88
N PHE C 162 38.77 5.80 -14.25
CA PHE C 162 38.71 5.89 -12.80
C PHE C 162 37.71 4.89 -12.26
N GLU C 163 37.88 4.51 -11.00
CA GLU C 163 37.00 3.53 -10.35
C GLU C 163 36.38 4.19 -9.13
N PHE C 164 35.08 4.43 -9.18
CA PHE C 164 34.39 5.25 -8.19
C PHE C 164 33.71 4.40 -7.14
N THR C 165 33.39 5.05 -6.03
CA THR C 165 32.68 4.41 -4.93
C THR C 165 31.80 5.45 -4.25
N LEU C 166 30.55 5.11 -4.04
CA LEU C 166 29.63 6.00 -3.35
C LEU C 166 29.22 5.41 -2.01
N PRO C 167 28.89 6.23 -1.02
CA PRO C 167 28.57 5.72 0.31
C PRO C 167 27.45 4.71 0.29
N GLU C 168 27.40 3.88 1.32
CA GLU C 168 26.36 2.88 1.46
C GLU C 168 25.09 3.53 2.00
N GLY C 169 24.10 2.69 2.31
CA GLY C 169 22.86 3.24 2.85
C GLY C 169 21.71 3.00 1.89
N ASN C 170 20.60 2.53 2.44
CA ASN C 170 19.44 2.16 1.63
C ASN C 170 18.87 3.41 0.98
N TYR C 171 19.37 3.74 -0.20
CA TYR C 171 19.09 5.02 -0.84
C TYR C 171 17.91 4.92 -1.79
N SER C 172 17.12 5.98 -1.83
CA SER C 172 16.03 6.08 -2.78
C SER C 172 16.59 6.27 -4.18
N GLU C 173 15.69 6.38 -5.15
CA GLU C 173 16.12 6.49 -6.55
C GLU C 173 16.80 7.82 -6.80
N THR C 174 16.04 8.90 -6.80
CA THR C 174 16.54 10.20 -7.24
C THR C 174 17.66 10.74 -6.35
N MET C 175 18.14 9.95 -5.41
CA MET C 175 19.33 10.30 -4.67
C MET C 175 20.55 9.50 -5.09
N THR C 176 20.37 8.23 -5.47
CA THR C 176 21.50 7.45 -5.98
C THR C 176 22.10 8.10 -7.21
N ILE C 177 21.26 8.39 -8.20
CA ILE C 177 21.73 9.15 -9.35
C ILE C 177 22.27 10.50 -8.90
N ASP C 178 21.51 11.21 -8.07
CA ASP C 178 21.98 12.49 -7.56
C ASP C 178 23.24 12.35 -6.72
N LEU C 179 23.63 11.14 -6.38
CA LEU C 179 24.92 10.87 -5.77
C LEU C 179 25.97 10.48 -6.81
N MET C 180 25.56 9.77 -7.86
CA MET C 180 26.48 9.41 -8.92
C MET C 180 27.17 10.64 -9.49
N ASN C 181 26.39 11.56 -10.04
CA ASN C 181 26.97 12.77 -10.60
C ASN C 181 27.43 13.73 -9.51
N ASN C 182 27.65 13.21 -8.30
CA ASN C 182 28.48 13.88 -7.31
C ASN C 182 29.80 13.18 -7.09
N ALA C 183 29.84 11.86 -7.17
CA ALA C 183 31.11 11.14 -7.13
C ALA C 183 32.00 11.57 -8.28
N ILE C 184 31.48 11.53 -9.52
CA ILE C 184 32.25 11.90 -10.69
C ILE C 184 32.31 13.42 -10.81
N VAL C 185 32.04 14.11 -9.71
CA VAL C 185 32.45 15.49 -9.55
C VAL C 185 33.61 15.62 -8.57
N ASP C 186 33.66 14.78 -7.53
CA ASP C 186 34.82 14.81 -6.65
C ASP C 186 36.09 14.46 -7.41
N ASN C 187 36.07 13.38 -8.18
CA ASN C 187 37.24 13.04 -8.98
C ASN C 187 37.39 13.96 -10.18
N TYR C 188 36.65 15.06 -10.17
CA TYR C 188 36.98 16.24 -10.95
C TYR C 188 37.63 17.32 -10.10
N LEU C 189 37.15 17.52 -8.88
CA LEU C 189 37.79 18.47 -7.97
C LEU C 189 39.10 17.94 -7.44
N GLU C 190 39.19 16.62 -7.24
CA GLU C 190 40.38 16.00 -6.69
C GLU C 190 41.51 16.02 -7.70
N VAL C 191 41.48 15.08 -8.65
CA VAL C 191 42.52 14.99 -9.66
C VAL C 191 41.93 15.36 -11.02
N GLY C 192 41.99 16.64 -11.36
CA GLY C 192 41.42 17.10 -12.61
C GLY C 192 41.29 18.61 -12.68
N ARG C 193 40.57 19.20 -11.74
CA ARG C 193 40.39 20.65 -11.75
C ARG C 193 41.71 21.37 -11.54
N GLN C 194 42.66 20.73 -10.85
CA GLN C 194 43.95 21.36 -10.62
C GLN C 194 44.77 21.45 -11.90
N ASN C 195 44.60 20.50 -12.82
CA ASN C 195 45.36 20.49 -14.06
C ASN C 195 44.79 21.48 -15.06
N GLY C 196 43.77 21.09 -15.80
CA GLY C 196 43.27 21.96 -16.86
C GLY C 196 41.79 21.89 -17.15
N VAL C 197 41.09 20.87 -16.64
CA VAL C 197 39.67 20.73 -16.93
C VAL C 197 38.92 21.97 -16.45
N LEU C 198 38.14 22.56 -17.34
CA LEU C 198 37.50 23.86 -17.09
C LEU C 198 36.03 23.71 -16.76
N GLU C 199 35.68 22.70 -15.95
CA GLU C 199 34.37 22.52 -15.32
C GLU C 199 33.24 22.29 -16.31
N SER C 200 33.44 22.65 -17.57
CA SER C 200 32.47 22.33 -18.61
C SER C 200 32.74 20.99 -19.27
N ASP C 201 33.85 20.34 -18.93
CA ASP C 201 34.24 19.06 -19.52
C ASP C 201 34.23 17.96 -18.48
N ILE C 202 33.24 17.97 -17.60
CA ILE C 202 33.16 17.00 -16.52
C ILE C 202 33.18 15.58 -17.07
N GLY C 203 32.67 15.39 -18.28
CA GLY C 203 32.62 14.08 -18.87
C GLY C 203 31.28 13.43 -18.62
N VAL C 204 31.31 12.16 -18.22
CA VAL C 204 30.07 11.47 -17.86
C VAL C 204 29.34 12.27 -16.78
N LYS C 205 28.01 12.33 -16.90
CA LYS C 205 27.20 12.96 -15.87
C LYS C 205 25.81 12.34 -15.97
N PHE C 206 25.49 11.45 -15.05
CA PHE C 206 24.18 10.82 -15.04
C PHE C 206 23.09 11.87 -14.95
N ASP C 207 22.03 11.68 -15.72
CA ASP C 207 20.91 12.61 -15.75
C ASP C 207 19.66 11.78 -15.94
N THR C 208 18.51 12.45 -16.06
CA THR C 208 17.26 11.72 -16.17
C THR C 208 16.20 12.54 -16.91
N ARG C 209 16.61 13.25 -17.95
CA ARG C 209 15.70 14.04 -18.75
C ARG C 209 15.65 13.51 -20.17
N ASN C 210 14.88 14.20 -21.01
CA ASN C 210 14.77 13.93 -22.44
C ASN C 210 14.97 15.29 -23.10
N PHE C 211 16.23 15.60 -23.43
CA PHE C 211 16.60 16.97 -23.77
C PHE C 211 15.91 17.47 -25.04
N ARG C 212 15.51 16.58 -25.94
CA ARG C 212 14.96 16.97 -27.23
C ARG C 212 13.44 16.84 -27.19
N LEU C 213 12.78 17.88 -26.65
CA LEU C 213 11.33 17.99 -26.78
C LEU C 213 10.95 19.25 -27.55
N GLY C 214 11.13 20.42 -26.96
CA GLY C 214 10.80 21.65 -27.65
C GLY C 214 11.67 21.91 -28.87
N TRP C 215 11.81 20.91 -29.73
CA TRP C 215 12.78 20.90 -30.81
C TRP C 215 12.01 20.92 -32.13
N ASP C 216 11.58 22.11 -32.53
CA ASP C 216 10.81 22.26 -33.75
C ASP C 216 11.69 22.05 -34.97
N PRO C 217 11.45 21.03 -35.78
CA PRO C 217 12.38 20.69 -36.86
C PRO C 217 12.40 21.69 -38.02
N VAL C 218 12.05 22.94 -37.76
CA VAL C 218 12.30 24.00 -38.72
C VAL C 218 13.61 24.72 -38.42
N THR C 219 14.02 24.78 -37.15
CA THR C 219 15.30 25.33 -36.76
C THR C 219 16.21 24.31 -36.09
N LYS C 220 15.67 23.18 -35.65
CA LYS C 220 16.40 22.08 -35.02
C LYS C 220 17.04 22.46 -33.69
N LEU C 221 16.60 23.55 -33.07
CA LEU C 221 17.10 23.92 -31.74
C LEU C 221 16.17 23.36 -30.67
N VAL C 222 16.13 24.02 -29.51
CA VAL C 222 15.19 23.68 -28.43
C VAL C 222 14.57 25.00 -27.99
N MET C 223 13.35 25.26 -28.44
CA MET C 223 12.78 26.60 -28.32
C MET C 223 12.59 27.08 -26.88
N PRO C 224 11.96 26.33 -25.97
CA PRO C 224 11.62 26.92 -24.67
C PRO C 224 12.84 27.23 -23.82
N GLY C 225 13.74 28.08 -24.33
CA GLY C 225 14.88 28.58 -23.59
C GLY C 225 15.74 27.52 -22.92
N VAL C 226 15.13 26.68 -22.07
CA VAL C 226 15.85 25.69 -21.29
C VAL C 226 15.25 24.32 -21.57
N TYR C 227 16.04 23.29 -21.28
CA TYR C 227 15.54 21.93 -21.40
C TYR C 227 14.37 21.73 -20.45
N THR C 228 13.58 20.71 -20.73
CA THR C 228 12.39 20.44 -19.95
C THR C 228 12.74 19.66 -18.68
N ASN C 229 12.05 19.98 -17.59
CA ASN C 229 12.37 19.43 -16.28
C ASN C 229 11.56 18.20 -15.93
N GLU C 230 10.64 17.77 -16.80
CA GLU C 230 9.85 16.59 -16.51
C GLU C 230 10.71 15.36 -16.74
N ALA C 231 11.17 14.76 -15.65
CA ALA C 231 12.11 13.64 -15.75
C ALA C 231 11.41 12.40 -16.26
N PHE C 232 11.95 11.81 -17.32
CA PHE C 232 11.38 10.59 -17.88
C PHE C 232 12.13 9.38 -17.37
N HIS C 233 13.12 8.96 -18.10
CA HIS C 233 13.96 7.89 -17.63
C HIS C 233 15.37 8.41 -17.34
N PRO C 234 16.07 7.82 -16.38
CA PRO C 234 17.49 8.15 -16.22
C PRO C 234 18.28 7.77 -17.46
N ASP C 235 19.42 8.44 -17.62
CA ASP C 235 20.25 8.23 -18.81
C ASP C 235 21.60 8.85 -18.57
N ILE C 236 22.57 8.45 -19.37
CA ILE C 236 23.93 8.94 -19.27
C ILE C 236 24.08 10.12 -20.22
N VAL C 237 25.03 11.00 -19.93
CA VAL C 237 25.34 12.15 -20.78
C VAL C 237 26.86 12.25 -20.86
N LEU C 238 27.41 12.08 -22.06
CA LEU C 238 28.85 11.87 -22.20
C LEU C 238 29.57 13.13 -22.67
N LEU C 239 30.66 12.95 -23.41
CA LEU C 239 31.45 14.01 -24.01
C LEU C 239 32.51 13.36 -24.90
N PRO C 240 32.97 14.03 -25.97
CA PRO C 240 33.97 13.41 -26.84
C PRO C 240 35.13 12.77 -26.10
N GLY C 241 35.14 11.44 -26.10
CA GLY C 241 36.16 10.68 -25.41
C GLY C 241 35.89 10.47 -23.94
N CYS C 242 34.80 9.79 -23.62
CA CYS C 242 34.49 9.43 -22.24
C CYS C 242 33.84 8.07 -22.18
N GLY C 243 32.85 7.90 -21.31
CA GLY C 243 32.11 6.65 -21.21
C GLY C 243 32.25 6.02 -19.83
N VAL C 244 31.42 5.01 -19.61
CA VAL C 244 31.34 4.32 -18.34
C VAL C 244 31.51 2.82 -18.55
N ASP C 245 31.81 2.13 -17.47
CA ASP C 245 31.82 0.67 -17.44
C ASP C 245 30.97 0.22 -16.26
N PHE C 246 30.20 -0.84 -16.47
CA PHE C 246 29.36 -1.35 -15.41
C PHE C 246 29.57 -2.83 -15.12
N THR C 247 30.32 -3.54 -15.97
CA THR C 247 30.80 -4.86 -15.59
C THR C 247 31.77 -4.71 -14.42
N GLN C 248 31.99 -5.81 -13.70
CA GLN C 248 32.68 -5.78 -12.41
C GLN C 248 31.96 -4.83 -11.46
N SER C 249 30.65 -4.72 -11.64
CA SER C 249 29.78 -3.84 -10.88
C SER C 249 28.35 -4.21 -11.24
N ARG C 250 27.40 -3.39 -10.80
CA ARG C 250 26.00 -3.70 -11.10
C ARG C 250 25.09 -2.49 -10.93
N LEU C 251 25.64 -1.29 -10.80
CA LEU C 251 24.80 -0.09 -10.73
C LEU C 251 24.32 0.25 -12.14
N SER C 252 23.65 -0.73 -12.75
CA SER C 252 23.01 -0.54 -14.05
C SER C 252 21.51 -0.76 -13.96
N ASN C 253 21.08 -1.87 -13.35
CA ASN C 253 19.65 -2.07 -13.12
C ASN C 253 19.06 -0.90 -12.35
N LEU C 254 19.81 -0.36 -11.39
CA LEU C 254 19.36 0.85 -10.72
C LEU C 254 19.18 1.99 -11.71
N LEU C 255 20.10 2.10 -12.66
CA LEU C 255 19.91 3.06 -13.74
C LEU C 255 18.89 2.57 -14.75
N GLY C 256 18.70 1.26 -14.85
CA GLY C 256 17.74 0.70 -15.79
C GLY C 256 18.22 0.77 -17.22
N ILE C 257 19.43 0.30 -17.47
CA ILE C 257 20.04 0.35 -18.79
C ILE C 257 20.57 -1.04 -19.13
N ARG C 258 19.93 -2.07 -18.58
CA ARG C 258 20.48 -3.41 -18.74
C ARG C 258 20.50 -3.78 -20.22
N LYS C 259 21.41 -4.68 -20.55
CA LYS C 259 21.89 -4.85 -21.92
C LYS C 259 21.32 -6.12 -22.54
N ARG C 260 20.82 -6.01 -23.77
CA ARG C 260 20.42 -7.19 -24.52
C ARG C 260 21.60 -8.15 -24.63
N LEU C 261 21.30 -9.44 -24.65
CA LEU C 261 22.34 -10.45 -24.45
C LEU C 261 22.97 -10.14 -23.10
N PRO C 262 22.23 -10.29 -22.00
CA PRO C 262 22.69 -9.77 -20.71
C PRO C 262 23.88 -10.51 -20.15
N PHE C 263 24.20 -11.67 -20.69
CA PHE C 263 25.46 -12.32 -20.34
C PHE C 263 26.54 -11.66 -21.18
N GLN C 264 27.57 -12.41 -21.57
CA GLN C 264 28.63 -11.85 -22.40
C GLN C 264 29.24 -10.64 -21.69
N GLU C 265 30.20 -10.89 -20.81
CA GLU C 265 30.72 -9.85 -19.93
C GLU C 265 31.21 -8.64 -20.72
N GLY C 266 31.05 -7.47 -20.14
CA GLY C 266 31.38 -6.24 -20.82
C GLY C 266 30.15 -5.38 -21.06
N PHE C 267 30.19 -4.16 -20.53
CA PHE C 267 29.11 -3.19 -20.74
C PHE C 267 29.75 -1.82 -20.63
N GLN C 268 30.03 -1.19 -21.76
CA GLN C 268 30.80 0.05 -21.80
C GLN C 268 30.11 1.04 -22.73
N ILE C 269 29.23 1.86 -22.16
CA ILE C 269 28.50 2.85 -22.94
C ILE C 269 29.38 4.08 -23.17
N MET C 270 30.40 3.94 -24.01
CA MET C 270 31.31 5.04 -24.27
C MET C 270 30.93 5.78 -25.54
N TYR C 271 31.35 7.05 -25.61
CA TYR C 271 30.92 7.93 -26.69
C TYR C 271 31.53 7.52 -28.03
N GLU C 272 31.30 6.27 -28.42
CA GLU C 272 31.40 5.85 -29.81
C GLU C 272 30.12 5.16 -30.25
N ASP C 273 29.22 4.85 -29.33
CA ASP C 273 27.90 4.32 -29.62
C ASP C 273 26.82 5.38 -29.51
N LEU C 274 26.97 6.31 -28.58
CA LEU C 274 25.95 7.30 -28.30
C LEU C 274 25.77 8.29 -29.44
N GLU C 275 26.81 8.53 -30.24
CA GLU C 275 26.71 9.50 -31.32
C GLU C 275 25.56 9.12 -32.26
N GLY C 276 24.99 10.15 -32.87
CA GLY C 276 23.67 10.05 -33.45
C GLY C 276 22.61 10.54 -32.50
N GLY C 277 22.88 10.42 -31.20
CA GLY C 277 22.05 11.04 -30.19
C GLY C 277 22.26 12.54 -30.23
N ASN C 278 23.25 13.02 -29.47
CA ASN C 278 23.63 14.43 -29.50
C ASN C 278 22.47 15.33 -29.10
N ILE C 279 22.36 15.64 -27.81
CA ILE C 279 21.33 16.54 -27.32
C ILE C 279 21.39 17.84 -28.11
N PRO C 280 20.28 18.52 -28.32
CA PRO C 280 20.31 19.76 -29.10
C PRO C 280 20.65 20.97 -28.24
N ALA C 281 21.12 22.00 -28.90
CA ALA C 281 21.56 23.21 -28.22
C ALA C 281 20.38 24.15 -28.03
N LEU C 282 20.34 24.80 -26.87
CA LEU C 282 19.21 25.66 -26.53
C LEU C 282 19.24 26.94 -27.36
N LEU C 283 18.06 27.45 -27.65
CA LEU C 283 17.93 28.71 -28.39
C LEU C 283 17.99 29.90 -27.44
N ASP C 284 18.68 30.94 -27.88
CA ASP C 284 18.86 32.15 -27.08
C ASP C 284 17.57 32.96 -27.10
N VAL C 285 16.65 32.61 -26.19
CA VAL C 285 15.41 33.34 -26.05
C VAL C 285 15.63 34.78 -25.59
N ALA C 286 16.86 35.15 -25.27
CA ALA C 286 17.21 36.54 -25.05
C ALA C 286 17.51 37.28 -26.35
N LYS C 287 17.25 36.64 -27.49
CA LYS C 287 17.42 37.27 -28.79
C LYS C 287 16.17 37.03 -29.64
N TYR C 288 15.72 35.78 -29.70
CA TYR C 288 14.47 35.45 -30.38
C TYR C 288 13.34 36.33 -29.87
N GLU C 289 13.12 36.32 -28.56
CA GLU C 289 12.16 37.22 -27.93
C GLU C 289 12.72 38.61 -27.71
N ALA C 290 13.85 38.92 -28.34
CA ALA C 290 14.40 40.27 -28.37
C ALA C 290 14.57 40.82 -29.77
N SER C 291 14.70 39.96 -30.78
CA SER C 291 14.76 40.45 -32.15
C SER C 291 13.39 40.88 -32.65
N ILE C 292 12.32 40.23 -32.18
CA ILE C 292 10.98 40.64 -32.59
C ILE C 292 10.69 42.05 -32.10
N GLN C 293 11.35 42.49 -31.03
CA GLN C 293 11.29 43.90 -30.67
C GLN C 293 11.83 44.75 -31.80
N LYS C 294 12.96 44.34 -32.40
CA LYS C 294 13.51 45.03 -33.55
C LYS C 294 12.65 44.86 -34.80
N ALA C 295 11.74 43.89 -34.81
CA ALA C 295 10.88 43.64 -35.96
C ALA C 295 9.48 44.19 -35.76
N LYS C 296 8.82 43.84 -34.66
CA LYS C 296 7.46 44.30 -34.41
C LYS C 296 7.46 45.78 -34.02
N LEU C 314 14.50 37.42 -37.39
CA LEU C 314 14.74 36.43 -36.36
C LEU C 314 16.19 36.01 -36.31
N VAL C 315 16.73 35.89 -35.10
CA VAL C 315 18.12 35.45 -34.91
C VAL C 315 18.13 34.19 -34.06
N ILE C 316 17.90 33.04 -34.69
CA ILE C 316 17.87 31.76 -33.99
C ILE C 316 19.29 31.31 -33.66
N GLU C 317 20.00 32.11 -32.87
CA GLU C 317 21.39 31.80 -32.53
C GLU C 317 21.42 30.91 -31.30
N PRO C 318 21.95 29.68 -31.39
CA PRO C 318 22.10 28.86 -30.19
C PRO C 318 23.03 29.49 -29.19
N VAL C 319 22.93 29.02 -27.95
CA VAL C 319 23.73 29.54 -26.84
C VAL C 319 24.95 28.67 -26.65
N ALA C 320 26.06 29.30 -26.30
CA ALA C 320 27.27 28.61 -25.87
C ALA C 320 27.73 29.05 -24.50
N LYS C 321 27.68 30.35 -24.23
CA LYS C 321 28.13 30.92 -22.96
C LYS C 321 26.91 31.32 -22.15
N ASP C 322 26.43 30.40 -21.30
CA ASP C 322 25.46 30.73 -20.29
C ASP C 322 26.17 31.30 -19.06
N SER C 323 25.41 32.01 -18.23
CA SER C 323 25.98 32.69 -17.07
C SER C 323 26.90 31.77 -16.30
N LYS C 324 27.97 32.34 -15.75
CA LYS C 324 29.17 31.57 -15.42
C LYS C 324 29.59 30.82 -16.67
N ASN C 325 30.26 31.52 -17.59
CA ASN C 325 30.51 31.05 -18.94
C ASN C 325 31.12 29.66 -19.01
N ARG C 326 30.31 28.69 -19.43
CA ARG C 326 30.76 27.34 -19.73
C ARG C 326 30.21 26.96 -21.11
N SER C 327 31.10 26.77 -22.07
CA SER C 327 30.66 26.38 -23.40
C SER C 327 30.05 24.99 -23.35
N TYR C 328 28.86 24.85 -23.93
CA TYR C 328 28.19 23.54 -23.94
C TYR C 328 28.90 22.53 -24.80
N ASN C 329 30.13 22.79 -25.25
CA ASN C 329 30.83 21.90 -26.15
C ASN C 329 30.01 21.64 -27.41
N LEU C 330 29.45 22.70 -27.96
CA LEU C 330 28.71 22.57 -29.22
C LEU C 330 29.68 22.36 -30.36
N LEU C 331 29.51 21.26 -31.08
CA LEU C 331 30.46 20.88 -32.10
C LEU C 331 30.45 21.90 -33.23
N PRO C 332 31.63 22.24 -33.78
CA PRO C 332 31.73 23.48 -34.57
C PRO C 332 31.20 23.38 -35.98
N ASN C 333 31.15 22.19 -36.58
CA ASN C 333 30.71 22.10 -37.96
C ASN C 333 29.22 22.39 -38.13
N ASP C 334 28.41 22.14 -37.09
CA ASP C 334 26.98 22.50 -37.13
C ASP C 334 26.60 23.00 -35.74
N GLN C 335 26.46 24.31 -35.61
CA GLN C 335 26.19 24.92 -34.31
C GLN C 335 24.75 24.77 -33.86
N ASN C 336 23.90 24.13 -34.65
CA ASN C 336 22.55 23.83 -34.20
C ASN C 336 22.48 22.54 -33.40
N ASN C 337 23.63 21.98 -33.05
CA ASN C 337 23.72 20.81 -32.19
C ASN C 337 24.85 21.03 -31.19
N THR C 338 25.01 20.08 -30.27
CA THR C 338 26.11 20.14 -29.32
C THR C 338 26.59 18.75 -28.99
N ALA C 339 27.64 18.67 -28.18
CA ALA C 339 28.12 17.40 -27.71
C ALA C 339 27.25 16.95 -26.55
N TYR C 340 27.83 16.29 -25.56
CA TYR C 340 27.07 15.70 -24.48
C TYR C 340 26.08 14.68 -25.03
N ARG C 341 26.54 13.88 -25.99
CA ARG C 341 25.65 12.96 -26.68
C ARG C 341 25.04 11.97 -25.70
N SER C 342 23.82 12.22 -25.27
CA SER C 342 23.18 11.43 -24.24
C SER C 342 23.03 9.97 -24.63
N TRP C 343 22.53 9.16 -23.69
CA TRP C 343 22.19 7.78 -23.99
C TRP C 343 20.74 7.64 -24.40
N PHE C 344 19.84 8.27 -23.65
CA PHE C 344 18.53 8.56 -24.17
C PHE C 344 18.69 9.47 -25.39
N LEU C 345 17.59 9.70 -26.10
CA LEU C 345 17.63 10.26 -27.45
C LEU C 345 18.31 9.28 -28.39
N ALA C 346 19.52 8.84 -28.03
CA ALA C 346 20.20 7.82 -28.80
C ALA C 346 19.57 6.45 -28.67
N TYR C 347 18.50 6.33 -27.89
CA TYR C 347 17.67 5.12 -27.85
C TYR C 347 16.22 5.48 -28.14
N ASN C 348 16.03 6.50 -28.98
CA ASN C 348 14.72 7.07 -29.24
C ASN C 348 14.78 7.83 -30.55
N TYR C 349 15.33 9.03 -30.51
CA TYR C 349 15.51 9.83 -31.73
C TYR C 349 16.78 9.46 -32.48
N GLY C 350 17.15 8.18 -32.45
CA GLY C 350 18.35 7.71 -33.11
C GLY C 350 18.07 6.79 -34.27
N ASP C 351 18.54 5.55 -34.19
CA ASP C 351 18.39 4.64 -35.32
C ASP C 351 18.28 3.20 -34.82
N PRO C 352 17.14 2.55 -35.05
CA PRO C 352 17.02 1.13 -34.69
C PRO C 352 18.01 0.29 -35.47
N LYS C 353 18.35 -0.86 -34.89
CA LYS C 353 19.32 -1.81 -35.45
C LYS C 353 20.62 -1.14 -35.91
N LYS C 354 20.88 0.08 -35.44
CA LYS C 354 22.08 0.83 -35.81
C LYS C 354 22.69 1.49 -34.59
N GLY C 355 21.93 2.41 -33.96
CA GLY C 355 22.42 3.15 -32.82
C GLY C 355 22.52 2.32 -31.56
N VAL C 356 22.25 2.94 -30.40
CA VAL C 356 22.37 2.23 -29.13
C VAL C 356 21.31 1.14 -28.98
N GLN C 357 20.29 1.16 -29.82
CA GLN C 357 19.38 0.03 -29.92
C GLN C 357 20.15 -1.21 -30.35
N SER C 358 19.57 -2.38 -30.07
CA SER C 358 20.01 -3.73 -30.43
C SER C 358 20.97 -4.31 -29.40
N TRP C 359 21.24 -3.63 -28.30
CA TRP C 359 21.95 -4.24 -27.19
C TRP C 359 21.71 -3.47 -25.89
N THR C 360 20.80 -2.50 -25.92
CA THR C 360 20.40 -1.76 -24.72
C THR C 360 18.89 -1.67 -24.66
N LEU C 361 18.31 -2.19 -23.58
CA LEU C 361 16.87 -2.11 -23.38
C LEU C 361 16.49 -0.77 -22.78
N LEU C 362 15.46 -0.78 -21.93
CA LEU C 362 15.08 0.37 -21.14
C LEU C 362 14.12 -0.05 -20.04
N THR C 363 14.56 -0.97 -19.19
CA THR C 363 13.69 -1.47 -18.14
C THR C 363 13.42 -0.38 -17.10
N THR C 364 12.49 -0.69 -16.19
CA THR C 364 12.13 0.27 -15.17
C THR C 364 13.30 0.56 -14.25
N ALA C 365 13.26 1.71 -13.60
CA ALA C 365 14.33 2.11 -12.70
C ALA C 365 14.36 1.21 -11.48
N ASP C 366 14.67 -0.07 -11.69
CA ASP C 366 14.66 -1.07 -10.63
C ASP C 366 15.75 -0.77 -9.61
N VAL C 367 15.36 -0.33 -8.41
CA VAL C 367 16.34 0.02 -7.39
C VAL C 367 16.83 -1.19 -6.60
N THR C 368 15.98 -2.19 -6.40
CA THR C 368 16.36 -3.32 -5.56
C THR C 368 17.39 -4.23 -6.22
N CYS C 369 18.45 -3.65 -6.78
CA CYS C 369 19.57 -4.40 -7.39
C CYS C 369 19.06 -5.47 -8.35
N GLY C 370 17.90 -5.24 -8.95
CA GLY C 370 17.21 -6.30 -9.65
C GLY C 370 16.68 -7.28 -8.63
N SER C 371 17.43 -8.35 -8.41
CA SER C 371 17.11 -9.34 -7.39
C SER C 371 18.25 -10.34 -7.33
N GLN C 372 18.26 -11.12 -6.26
CA GLN C 372 19.21 -12.21 -6.10
C GLN C 372 18.51 -13.37 -5.42
N GLN C 373 18.95 -14.58 -5.75
CA GLN C 373 18.47 -15.72 -5.00
C GLN C 373 19.10 -15.70 -3.61
N VAL C 374 18.57 -16.54 -2.73
CA VAL C 374 19.15 -16.72 -1.41
C VAL C 374 19.16 -18.21 -1.10
N TYR C 375 20.13 -18.91 -1.66
CA TYR C 375 20.15 -20.36 -1.55
C TYR C 375 20.17 -20.79 -0.09
N TRP C 376 19.02 -21.21 0.42
CA TRP C 376 18.94 -21.81 1.73
C TRP C 376 19.78 -23.08 1.75
N SER C 377 20.18 -23.52 2.94
CA SER C 377 21.04 -24.70 3.00
C SER C 377 21.05 -25.30 4.40
N LEU C 378 20.74 -26.58 4.50
CA LEU C 378 20.88 -27.35 5.73
C LEU C 378 21.77 -28.54 5.44
N PRO C 379 23.07 -28.44 5.71
CA PRO C 379 23.97 -29.55 5.36
C PRO C 379 23.60 -30.86 6.03
N ASP C 380 22.98 -30.80 7.19
CA ASP C 380 22.38 -31.99 7.78
C ASP C 380 20.86 -31.85 7.77
N MET C 381 20.18 -32.83 8.37
CA MET C 381 18.73 -32.95 8.30
C MET C 381 18.28 -33.25 6.88
N MET C 382 18.33 -32.24 6.01
CA MET C 382 17.93 -32.41 4.62
C MET C 382 19.03 -33.15 3.86
N GLN C 383 18.64 -34.25 3.22
CA GLN C 383 19.56 -35.13 2.51
C GLN C 383 20.47 -34.38 1.56
N ASP C 384 20.02 -34.21 0.33
CA ASP C 384 20.73 -33.42 -0.67
C ASP C 384 19.84 -33.30 -1.90
N PRO C 385 20.06 -32.32 -2.75
CA PRO C 385 19.35 -32.30 -4.03
C PRO C 385 19.76 -33.47 -4.88
N VAL C 386 19.25 -33.53 -6.12
CA VAL C 386 19.43 -34.71 -6.96
C VAL C 386 20.92 -35.00 -7.17
N THR C 387 21.75 -33.96 -7.16
CA THR C 387 23.15 -34.13 -7.52
C THR C 387 24.02 -33.03 -6.91
N PHE C 388 24.21 -33.08 -5.60
CA PHE C 388 25.07 -32.12 -4.93
C PHE C 388 26.24 -32.84 -4.27
N ARG C 389 27.35 -32.11 -4.13
CA ARG C 389 28.56 -32.68 -3.57
C ARG C 389 28.48 -32.61 -2.05
N PRO C 390 28.36 -33.74 -1.35
CA PRO C 390 28.32 -33.71 0.11
C PRO C 390 29.62 -33.18 0.68
N SER C 391 29.82 -31.87 0.59
CA SER C 391 31.11 -31.26 0.87
C SER C 391 31.06 -30.52 2.21
N THR C 392 32.19 -29.88 2.53
CA THR C 392 32.34 -29.10 3.75
C THR C 392 33.13 -27.86 3.40
N GLN C 393 32.48 -26.70 3.49
CA GLN C 393 33.03 -25.42 3.07
C GLN C 393 31.91 -24.39 3.23
N VAL C 394 32.30 -23.12 3.35
CA VAL C 394 31.31 -22.04 3.33
C VAL C 394 30.44 -22.15 2.09
N SER C 395 31.02 -22.61 0.99
CA SER C 395 30.30 -22.89 -0.23
C SER C 395 30.00 -24.38 -0.32
N ASN C 396 29.47 -24.81 -1.47
CA ASN C 396 29.23 -26.22 -1.78
C ASN C 396 28.23 -26.88 -0.84
N TYR C 397 27.56 -26.11 0.02
CA TYR C 397 26.52 -26.68 0.84
C TYR C 397 25.40 -27.25 -0.03
N PRO C 398 24.81 -28.37 0.35
CA PRO C 398 23.64 -28.87 -0.36
C PRO C 398 22.46 -27.91 -0.24
N VAL C 399 22.16 -27.18 -1.32
CA VAL C 399 21.12 -26.17 -1.25
C VAL C 399 19.75 -26.83 -1.16
N VAL C 400 18.90 -26.30 -0.30
CA VAL C 400 17.55 -26.80 -0.11
C VAL C 400 16.63 -25.59 0.01
N GLY C 401 15.79 -25.37 -0.99
CA GLY C 401 14.93 -24.21 -0.98
C GLY C 401 15.65 -22.99 -1.52
N VAL C 402 15.01 -22.26 -2.42
CA VAL C 402 15.60 -21.07 -3.01
C VAL C 402 14.57 -19.96 -3.04
N GLU C 403 14.48 -19.19 -1.95
CA GLU C 403 13.54 -18.08 -1.94
C GLU C 403 14.06 -16.97 -2.83
N LEU C 404 13.42 -15.81 -2.76
CA LEU C 404 13.99 -14.59 -3.27
C LEU C 404 14.61 -13.79 -2.14
N LEU C 405 15.46 -12.85 -2.51
CA LEU C 405 16.01 -11.94 -1.52
C LEU C 405 14.89 -11.02 -1.06
N PRO C 406 14.32 -11.21 0.12
CA PRO C 406 13.06 -10.55 0.46
C PRO C 406 13.21 -9.04 0.49
N VAL C 407 13.31 -8.45 -0.69
CA VAL C 407 13.43 -7.00 -0.84
C VAL C 407 12.35 -6.59 -1.85
N HIS C 408 11.25 -6.04 -1.36
CA HIS C 408 10.17 -5.58 -2.20
C HIS C 408 10.33 -4.08 -2.41
N ALA C 409 10.54 -3.68 -3.65
CA ALA C 409 10.76 -2.27 -3.97
C ALA C 409 9.42 -1.54 -3.97
N LYS C 410 9.23 -0.63 -3.02
CA LYS C 410 8.02 0.16 -2.97
C LYS C 410 8.09 1.27 -4.00
N SER C 411 7.10 2.16 -4.01
CA SER C 411 7.08 3.29 -4.93
C SER C 411 6.14 4.33 -4.37
N PHE C 412 6.65 5.53 -4.08
CA PHE C 412 5.90 6.59 -3.46
C PHE C 412 5.85 7.79 -4.39
N TYR C 413 4.72 8.47 -4.43
CA TYR C 413 4.59 9.64 -5.27
C TYR C 413 5.49 10.74 -4.74
N ASN C 414 6.57 11.03 -5.45
CA ASN C 414 7.50 12.05 -5.00
C ASN C 414 6.79 13.39 -4.84
N GLU C 415 7.23 14.14 -3.83
CA GLU C 415 6.62 15.43 -3.52
C GLU C 415 7.49 16.62 -3.89
N GLN C 416 8.81 16.46 -3.92
CA GLN C 416 9.70 17.58 -4.20
C GLN C 416 9.42 18.20 -5.57
N ALA C 417 8.82 17.43 -6.49
CA ALA C 417 8.37 18.02 -7.75
C ALA C 417 7.45 19.21 -7.51
N VAL C 418 6.66 19.16 -6.46
CA VAL C 418 5.82 20.29 -6.08
C VAL C 418 6.65 21.33 -5.33
N THR C 430 22.69 26.71 -3.62
CA THR C 430 22.80 26.58 -2.18
C THR C 430 23.05 25.14 -1.78
N HIS C 431 22.65 24.22 -2.66
CA HIS C 431 22.75 22.80 -2.37
C HIS C 431 24.14 22.29 -2.73
N VAL C 432 24.34 20.99 -2.55
CA VAL C 432 25.64 20.37 -2.82
C VAL C 432 25.56 19.36 -3.96
N PHE C 433 24.39 18.78 -4.22
CA PHE C 433 24.24 17.97 -5.41
C PHE C 433 24.09 18.84 -6.65
N ASN C 434 23.25 19.86 -6.56
CA ASN C 434 23.06 20.83 -7.64
C ASN C 434 24.19 21.87 -7.55
N ARG C 435 25.39 21.42 -7.91
CA ARG C 435 26.56 22.29 -7.80
C ARG C 435 26.48 23.46 -8.78
N PHE C 436 26.31 23.16 -10.06
CA PHE C 436 26.19 24.20 -11.08
C PHE C 436 24.72 24.56 -11.23
N PRO C 437 24.28 25.74 -10.82
CA PRO C 437 22.87 26.10 -10.91
C PRO C 437 22.47 26.83 -12.18
N GLU C 438 23.38 27.01 -13.13
CA GLU C 438 23.06 27.70 -14.37
C GLU C 438 23.23 26.81 -15.60
N ASN C 439 24.29 26.02 -15.66
CA ASN C 439 24.52 25.12 -16.79
C ASN C 439 23.31 24.22 -16.98
N GLN C 440 22.55 24.47 -18.04
CA GLN C 440 21.29 23.76 -18.25
C GLN C 440 21.48 22.27 -18.44
N ILE C 441 22.69 21.83 -18.78
CA ILE C 441 22.92 20.39 -18.92
C ILE C 441 23.41 19.79 -17.61
N LEU C 442 24.25 20.51 -16.87
CA LEU C 442 24.85 20.00 -15.64
C LEU C 442 23.97 20.20 -14.42
N VAL C 443 22.84 20.87 -14.55
CA VAL C 443 21.98 21.13 -13.40
C VAL C 443 21.50 19.82 -12.80
N ARG C 444 21.02 19.88 -11.58
CA ARG C 444 20.56 18.69 -10.88
C ARG C 444 19.45 18.01 -11.67
N PRO C 445 19.60 16.74 -12.02
CA PRO C 445 18.55 16.05 -12.76
C PRO C 445 17.29 15.96 -11.96
N PRO C 446 16.21 16.61 -12.41
CA PRO C 446 14.97 16.64 -11.62
C PRO C 446 14.48 15.25 -11.28
N ALA C 447 13.82 15.14 -10.14
CA ALA C 447 13.47 13.83 -9.61
C ALA C 447 12.30 13.22 -10.39
N PRO C 448 12.34 11.93 -10.65
CA PRO C 448 11.20 11.28 -11.31
C PRO C 448 9.98 11.33 -10.41
N THR C 449 8.81 11.38 -11.05
CA THR C 449 7.58 11.59 -10.29
C THR C 449 7.31 10.44 -9.33
N ILE C 450 7.76 9.23 -9.66
CA ILE C 450 7.52 8.07 -8.82
C ILE C 450 8.83 7.64 -8.19
N THR C 451 9.10 8.12 -6.98
CA THR C 451 10.34 7.78 -6.30
C THR C 451 10.22 6.37 -5.72
N THR C 452 11.09 5.48 -6.16
CA THR C 452 11.09 4.13 -5.62
C THR C 452 12.18 3.98 -4.57
N VAL C 453 12.04 2.94 -3.76
CA VAL C 453 12.96 2.70 -2.64
C VAL C 453 12.79 1.26 -2.20
N SER C 454 13.88 0.65 -1.77
CA SER C 454 13.84 -0.74 -1.34
C SER C 454 13.16 -0.86 0.01
N GLU C 455 12.84 -2.09 0.38
CA GLU C 455 12.20 -2.37 1.66
C GLU C 455 12.70 -3.72 2.14
N ASN C 456 12.06 -4.24 3.19
CA ASN C 456 12.43 -5.55 3.74
C ASN C 456 11.16 -6.19 4.31
N VAL C 457 10.52 -7.03 3.53
CA VAL C 457 9.32 -7.75 3.96
C VAL C 457 9.75 -9.13 4.45
N PRO C 458 9.30 -9.56 5.61
CA PRO C 458 9.70 -10.89 6.10
C PRO C 458 9.00 -12.00 5.34
N ALA C 459 9.71 -12.58 4.37
CA ALA C 459 9.10 -13.54 3.46
C ALA C 459 8.86 -14.88 4.15
N LEU C 460 7.66 -15.06 4.70
CA LEU C 460 7.28 -16.33 5.32
C LEU C 460 6.96 -17.31 4.20
N THR C 461 8.01 -17.78 3.54
CA THR C 461 7.83 -18.59 2.34
C THR C 461 7.46 -20.03 2.68
N ASP C 462 7.79 -20.94 1.78
CA ASP C 462 7.47 -22.35 1.93
C ASP C 462 8.30 -23.12 0.93
N HIS C 463 8.49 -24.41 1.21
CA HIS C 463 9.13 -25.32 0.28
C HIS C 463 8.47 -26.68 0.42
N GLY C 464 8.25 -27.34 -0.70
CA GLY C 464 7.59 -28.63 -0.67
C GLY C 464 8.35 -29.65 0.15
N THR C 465 7.72 -30.79 0.34
CA THR C 465 8.35 -31.88 1.07
C THR C 465 9.63 -32.32 0.37
N LEU C 466 10.62 -32.71 1.16
CA LEU C 466 11.92 -33.10 0.62
C LEU C 466 12.62 -33.96 1.66
N PRO C 467 13.42 -34.93 1.24
CA PRO C 467 13.80 -36.01 2.16
C PRO C 467 14.66 -35.53 3.31
N LEU C 468 14.69 -36.36 4.35
CA LEU C 468 15.42 -36.08 5.58
C LEU C 468 16.57 -37.06 5.73
N ARG C 469 17.60 -36.63 6.47
CA ARG C 469 18.80 -37.44 6.64
C ARG C 469 18.51 -38.71 7.45
N SER C 470 17.28 -38.86 7.93
CA SER C 470 16.83 -40.02 8.70
C SER C 470 17.62 -40.23 9.97
N SER C 471 18.36 -39.22 10.42
CA SER C 471 19.11 -39.30 11.65
C SER C 471 19.62 -37.92 12.05
N ILE C 472 18.70 -36.98 12.28
CA ILE C 472 19.08 -35.63 12.63
C ILE C 472 19.97 -35.65 13.87
N SER C 473 21.00 -34.81 13.85
CA SER C 473 21.86 -34.67 15.02
C SER C 473 21.30 -33.59 15.93
N GLY C 474 21.79 -33.57 17.17
CA GLY C 474 21.35 -32.58 18.12
C GLY C 474 21.73 -31.16 17.75
N VAL C 475 22.63 -30.98 16.79
CA VAL C 475 23.08 -29.65 16.40
C VAL C 475 23.04 -29.56 14.89
N GLN C 476 22.30 -28.59 14.36
CA GLN C 476 22.23 -28.31 12.93
C GLN C 476 22.90 -26.98 12.65
N ARG C 477 22.96 -26.63 11.37
CA ARG C 477 23.57 -25.37 10.97
C ARG C 477 22.85 -24.85 9.73
N VAL C 478 21.89 -23.96 9.93
CA VAL C 478 21.27 -23.24 8.83
C VAL C 478 22.34 -22.36 8.19
N THR C 479 22.09 -21.92 6.96
CA THR C 479 23.05 -21.08 6.25
C THR C 479 22.40 -20.47 5.02
N ILE C 480 22.62 -19.18 4.81
CA ILE C 480 21.95 -18.42 3.75
C ILE C 480 23.02 -17.86 2.82
N THR C 481 23.08 -18.41 1.60
CA THR C 481 24.11 -18.07 0.64
C THR C 481 23.50 -17.46 -0.61
N ASP C 482 24.16 -16.46 -1.16
CA ASP C 482 23.69 -15.81 -2.39
C ASP C 482 24.06 -16.61 -3.61
N ALA C 483 24.16 -15.94 -4.76
CA ALA C 483 24.52 -16.61 -6.01
C ALA C 483 25.94 -17.12 -5.94
N ARG C 484 26.91 -16.21 -6.11
CA ARG C 484 28.30 -16.54 -5.80
C ARG C 484 28.33 -17.02 -4.36
N ARG C 485 28.70 -18.28 -4.15
CA ARG C 485 28.32 -18.96 -2.92
C ARG C 485 29.03 -18.39 -1.68
N ARG C 486 28.75 -17.14 -1.37
CA ARG C 486 29.15 -16.54 -0.11
C ARG C 486 27.95 -16.51 0.83
N THR C 487 28.21 -16.59 2.13
CA THR C 487 27.16 -16.50 3.12
C THR C 487 26.72 -15.05 3.26
N CYS C 488 25.44 -14.80 3.07
CA CYS C 488 24.92 -13.44 3.08
C CYS C 488 25.14 -12.80 4.44
N PRO C 489 25.90 -11.72 4.53
CA PRO C 489 26.13 -11.07 5.83
C PRO C 489 25.09 -10.01 6.18
N TYR C 490 23.95 -10.01 5.51
CA TYR C 490 22.92 -9.02 5.77
C TYR C 490 21.62 -9.60 6.31
N VAL C 491 21.46 -10.92 6.27
CA VAL C 491 20.30 -11.52 6.90
C VAL C 491 20.28 -11.15 8.37
N HIS C 492 19.10 -10.77 8.87
CA HIS C 492 18.95 -10.31 10.24
C HIS C 492 18.38 -11.36 11.16
N LYS C 493 17.55 -12.27 10.65
CA LYS C 493 17.02 -13.36 11.45
C LYS C 493 16.44 -14.42 10.52
N ALA C 494 16.78 -15.67 10.77
CA ALA C 494 16.19 -16.79 10.06
C ALA C 494 15.61 -17.76 11.07
N LEU C 495 14.64 -18.55 10.64
CA LEU C 495 14.07 -19.59 11.48
C LEU C 495 14.17 -20.90 10.74
N GLY C 496 13.04 -21.55 10.50
CA GLY C 496 13.08 -22.76 9.71
C GLY C 496 12.40 -23.92 10.40
N ILE C 497 11.10 -23.77 10.63
CA ILE C 497 10.29 -24.88 11.11
C ILE C 497 10.44 -26.03 10.14
N VAL C 498 10.46 -27.25 10.66
CA VAL C 498 10.59 -28.44 9.85
C VAL C 498 9.58 -29.47 10.35
N ALA C 499 8.60 -29.81 9.52
CA ALA C 499 7.59 -30.76 9.92
C ALA C 499 7.86 -32.10 9.23
N PRO C 500 8.45 -33.06 9.91
CA PRO C 500 8.69 -34.37 9.29
C PRO C 500 7.39 -35.12 9.08
N LYS C 501 7.46 -36.11 8.20
CA LYS C 501 6.34 -37.01 7.91
C LYS C 501 6.84 -38.08 6.95
N VAL C 502 6.10 -39.18 6.90
CA VAL C 502 6.50 -40.30 6.06
C VAL C 502 6.33 -39.92 4.59
N LEU C 503 7.09 -40.60 3.73
CA LEU C 503 6.89 -40.50 2.28
C LEU C 503 6.73 -41.87 1.64
N SER C 504 7.41 -42.88 2.20
CA SER C 504 7.39 -44.22 1.64
C SER C 504 7.83 -45.19 2.72
N SER C 505 8.03 -46.44 2.33
CA SER C 505 8.48 -47.49 3.24
C SER C 505 9.90 -47.89 2.88
N ARG C 506 10.45 -48.81 3.68
CA ARG C 506 11.79 -49.33 3.49
C ARG C 506 12.84 -48.21 3.47
N ARG D 50 10.40 -49.79 -7.16
CA ARG D 50 10.05 -48.57 -7.87
C ARG D 50 10.45 -47.35 -7.06
N ASN D 51 10.25 -46.17 -7.66
CA ASN D 51 10.51 -44.91 -6.98
C ASN D 51 11.94 -44.82 -6.49
N SER D 52 12.87 -44.50 -7.38
CA SER D 52 14.27 -44.40 -7.00
C SER D 52 15.05 -43.52 -7.97
N ILE D 53 14.97 -42.20 -7.78
CA ILE D 53 15.69 -41.27 -8.63
C ILE D 53 17.19 -41.51 -8.50
N ARG D 54 17.88 -41.56 -9.64
CA ARG D 54 19.30 -41.85 -9.69
C ARG D 54 20.03 -40.74 -10.42
N TYR D 55 21.35 -40.74 -10.33
CA TYR D 55 22.19 -39.78 -11.03
C TYR D 55 23.41 -40.46 -11.61
N SER D 56 23.48 -41.79 -11.44
CA SER D 56 24.58 -42.62 -11.92
C SER D 56 25.86 -42.35 -11.12
N GLU D 57 26.15 -43.26 -10.19
CA GLU D 57 27.40 -43.29 -9.42
C GLU D 57 27.49 -42.17 -8.39
N LEU D 58 26.35 -41.63 -7.97
CA LEU D 58 26.32 -40.69 -6.85
C LEU D 58 25.31 -41.09 -5.79
N ALA D 59 25.05 -42.39 -5.66
CA ALA D 59 24.17 -42.96 -4.64
C ALA D 59 22.72 -42.51 -4.85
N PRO D 60 21.81 -43.43 -5.16
CA PRO D 60 20.44 -43.02 -5.44
C PRO D 60 19.76 -42.46 -4.19
N LEU D 61 19.29 -41.23 -4.33
CA LEU D 61 18.55 -40.56 -3.27
C LEU D 61 17.05 -40.74 -3.46
N TYR D 62 16.59 -41.98 -3.34
CA TYR D 62 15.26 -42.38 -3.79
C TYR D 62 14.14 -41.55 -3.19
N ASP D 63 12.99 -41.56 -3.87
CA ASP D 63 11.80 -40.80 -3.53
C ASP D 63 12.00 -39.31 -3.79
N THR D 64 11.03 -38.49 -3.37
CA THR D 64 10.92 -37.10 -3.80
C THR D 64 12.21 -36.35 -3.51
N THR D 65 12.71 -35.64 -4.52
CA THR D 65 13.85 -34.74 -4.40
C THR D 65 13.46 -33.38 -4.97
N ARG D 66 14.45 -32.56 -5.27
CA ARG D 66 14.21 -31.27 -5.93
C ARG D 66 15.37 -30.98 -6.86
N VAL D 67 15.13 -30.10 -7.82
CA VAL D 67 16.13 -29.72 -8.81
C VAL D 67 15.87 -28.29 -9.22
N TYR D 68 16.93 -27.48 -9.25
CA TYR D 68 16.80 -26.03 -9.28
C TYR D 68 17.27 -25.49 -10.62
N LEU D 69 16.31 -25.27 -11.52
CA LEU D 69 16.61 -24.58 -12.77
C LEU D 69 16.96 -23.13 -12.47
N VAL D 70 18.14 -22.92 -11.91
CA VAL D 70 18.58 -21.57 -11.58
C VAL D 70 18.93 -20.83 -12.87
N ASP D 71 19.48 -19.63 -12.72
CA ASP D 71 19.68 -18.78 -13.88
C ASP D 71 21.05 -18.12 -13.87
N ASN D 72 21.44 -17.55 -12.72
CA ASN D 72 22.67 -16.78 -12.62
C ASN D 72 23.89 -17.65 -12.89
N LYS D 73 23.75 -18.96 -12.70
CA LYS D 73 24.83 -19.89 -13.00
C LYS D 73 24.34 -21.33 -12.98
N SER D 79 29.22 -20.94 -15.77
CA SER D 79 28.28 -21.57 -16.70
C SER D 79 27.59 -20.52 -17.55
N LEU D 80 27.99 -19.26 -17.38
CA LEU D 80 27.57 -18.18 -18.25
C LEU D 80 28.53 -18.06 -19.43
N ASN D 81 29.06 -19.20 -19.86
CA ASN D 81 30.05 -19.23 -20.92
C ASN D 81 29.52 -19.81 -22.22
N TYR D 82 28.56 -20.73 -22.16
CA TYR D 82 28.04 -21.35 -23.37
C TYR D 82 26.58 -20.96 -23.61
N GLN D 83 26.11 -19.91 -22.96
CA GLN D 83 24.78 -19.41 -23.24
C GLN D 83 24.79 -17.89 -23.37
N ASN D 84 25.94 -17.31 -23.69
CA ASN D 84 25.97 -15.94 -24.17
C ASN D 84 25.37 -15.89 -25.56
N ASP D 85 25.00 -14.69 -25.98
CA ASP D 85 24.30 -14.49 -27.26
C ASP D 85 22.95 -15.19 -27.21
N HIS D 86 22.95 -16.52 -27.23
CA HIS D 86 21.74 -17.32 -27.03
C HIS D 86 21.30 -17.11 -25.58
N SER D 87 20.60 -16.00 -25.36
CA SER D 87 20.40 -15.54 -23.99
C SER D 87 19.10 -14.78 -23.80
N ASN D 88 19.16 -13.45 -23.87
CA ASN D 88 18.11 -12.60 -23.33
C ASN D 88 17.80 -13.10 -21.93
N PHE D 89 16.64 -13.72 -21.75
CA PHE D 89 16.44 -14.60 -20.61
C PHE D 89 15.47 -15.71 -20.96
N GLN D 90 15.51 -16.15 -22.21
CA GLN D 90 15.08 -17.51 -22.57
C GLN D 90 16.30 -18.43 -22.57
N THR D 91 16.99 -18.39 -21.44
CA THR D 91 18.31 -18.99 -21.26
C THR D 91 18.31 -20.49 -21.47
N THR D 92 19.50 -21.08 -21.44
CA THR D 92 19.69 -22.52 -21.50
C THR D 92 20.58 -22.88 -20.33
N VAL D 93 19.99 -23.10 -19.17
CA VAL D 93 20.75 -23.26 -17.93
C VAL D 93 21.10 -24.72 -17.73
N VAL D 94 21.87 -24.98 -16.67
CA VAL D 94 22.38 -26.31 -16.38
C VAL D 94 21.97 -26.72 -14.98
N GLN D 95 21.87 -28.03 -14.77
CA GLN D 95 21.80 -28.57 -13.42
C GLN D 95 23.15 -29.20 -13.07
N ASN D 96 23.19 -30.14 -12.13
CA ASN D 96 24.44 -30.71 -11.67
C ASN D 96 25.40 -29.59 -11.29
N ASN D 97 24.95 -28.64 -10.47
CA ASN D 97 25.73 -27.44 -10.21
C ASN D 97 26.96 -27.72 -9.36
N ASP D 98 27.61 -28.86 -9.58
CA ASP D 98 28.97 -29.10 -9.09
C ASP D 98 29.96 -28.55 -10.11
N PHE D 99 31.24 -28.71 -9.83
CA PHE D 99 32.29 -28.36 -10.78
C PHE D 99 33.63 -28.90 -10.31
N THR D 108 23.30 -37.04 -17.02
CA THR D 108 21.93 -37.31 -17.41
C THR D 108 21.14 -37.92 -16.25
N ILE D 109 20.37 -37.08 -15.57
CA ILE D 109 19.61 -37.52 -14.39
C ILE D 109 18.53 -38.50 -14.83
N ASN D 110 18.86 -39.77 -14.89
CA ASN D 110 17.88 -40.77 -15.25
C ASN D 110 16.91 -40.99 -14.09
N PHE D 111 15.68 -40.53 -14.24
CA PHE D 111 14.65 -40.79 -13.25
C PHE D 111 14.25 -42.26 -13.29
N ASP D 112 13.69 -42.75 -12.21
CA ASP D 112 13.32 -44.15 -12.12
C ASP D 112 12.11 -44.42 -12.99
N GLU D 113 12.22 -45.42 -13.87
CA GLU D 113 11.08 -45.86 -14.64
C GLU D 113 10.10 -46.58 -13.72
N ARG D 114 9.10 -47.23 -14.31
CA ARG D 114 8.03 -47.88 -13.54
C ARG D 114 7.27 -46.89 -12.66
N SER D 115 7.25 -45.62 -13.06
CA SER D 115 6.53 -44.59 -12.33
C SER D 115 6.46 -43.30 -13.14
N ARG D 116 5.27 -42.93 -13.58
CA ARG D 116 5.12 -41.71 -14.37
C ARG D 116 5.44 -40.51 -13.49
N TRP D 117 6.71 -40.14 -13.45
CA TRP D 117 7.17 -39.09 -12.55
C TRP D 117 6.52 -37.76 -12.87
N GLY D 118 5.79 -37.23 -11.90
CA GLY D 118 5.30 -35.86 -11.97
C GLY D 118 6.19 -34.91 -11.22
N ALA D 119 5.88 -33.62 -11.34
CA ALA D 119 6.75 -32.62 -10.75
C ALA D 119 5.96 -31.36 -10.45
N ASP D 120 6.13 -30.84 -9.24
CA ASP D 120 5.68 -29.50 -8.94
C ASP D 120 6.64 -28.50 -9.55
N LEU D 121 6.11 -27.36 -9.98
CA LEU D 121 6.89 -26.34 -10.66
C LEU D 121 6.57 -24.97 -10.05
N LYS D 122 7.17 -24.68 -8.91
CA LYS D 122 7.19 -23.30 -8.46
C LYS D 122 8.11 -22.49 -9.35
N THR D 123 8.13 -21.18 -9.17
CA THR D 123 8.97 -20.34 -10.00
C THR D 123 9.07 -18.96 -9.40
N ILE D 124 9.90 -18.13 -10.01
CA ILE D 124 10.07 -16.73 -9.68
C ILE D 124 10.23 -15.98 -10.98
N LEU D 125 9.54 -14.85 -11.12
CA LEU D 125 9.38 -14.19 -12.41
C LEU D 125 9.64 -12.70 -12.28
N ARG D 126 10.75 -12.34 -11.65
CA ARG D 126 11.05 -10.94 -11.46
C ARG D 126 11.24 -10.29 -12.82
N THR D 127 10.16 -9.73 -13.34
CA THR D 127 10.19 -9.09 -14.65
C THR D 127 10.74 -7.67 -14.53
N ASN D 128 10.68 -6.94 -15.63
CA ASN D 128 11.26 -5.61 -15.72
C ASN D 128 10.89 -4.98 -17.04
N MET D 129 9.82 -4.20 -17.07
CA MET D 129 9.31 -3.74 -18.35
C MET D 129 8.55 -2.43 -18.20
N PRO D 130 8.90 -1.39 -18.96
CA PRO D 130 8.13 -0.15 -18.92
C PRO D 130 6.76 -0.34 -19.56
N ASN D 131 5.85 0.59 -19.25
CA ASN D 131 4.52 0.51 -19.81
C ASN D 131 4.46 0.99 -21.26
N ILE D 132 5.53 1.59 -21.77
CA ILE D 132 5.60 2.04 -23.16
C ILE D 132 6.84 1.42 -23.78
N ASN D 133 6.65 0.35 -24.55
CA ASN D 133 7.75 -0.44 -25.06
C ASN D 133 7.47 -0.93 -26.46
N GLU D 134 8.33 -0.57 -27.40
CA GLU D 134 8.11 -0.96 -28.79
C GLU D 134 8.22 -2.47 -29.02
N PHE D 135 8.39 -3.26 -27.97
CA PHE D 135 8.38 -4.72 -28.14
C PHE D 135 6.96 -5.21 -28.42
N MET D 136 6.08 -5.11 -27.44
CA MET D 136 4.65 -5.26 -27.67
C MET D 136 4.12 -3.90 -28.11
N SER D 137 3.65 -3.82 -29.36
CA SER D 137 3.28 -2.55 -29.96
C SER D 137 2.46 -1.70 -29.01
N THR D 138 3.08 -0.66 -28.46
CA THR D 138 2.43 0.16 -27.47
C THR D 138 2.86 1.62 -27.57
N ASN D 139 3.94 1.92 -28.27
CA ASN D 139 4.42 3.28 -28.45
C ASN D 139 4.09 3.83 -29.83
N LYS D 140 3.06 3.29 -30.48
CA LYS D 140 2.64 3.75 -31.79
C LYS D 140 1.12 3.82 -31.82
N PHE D 141 0.61 4.71 -32.66
CA PHE D 141 -0.82 4.86 -32.84
C PHE D 141 -1.07 5.68 -34.10
N LYS D 142 -1.58 5.05 -35.15
CA LYS D 142 -1.83 5.78 -36.38
C LYS D 142 -2.90 6.82 -36.15
N ALA D 143 -2.57 8.08 -36.42
CA ALA D 143 -3.49 9.18 -36.19
C ALA D 143 -3.55 10.04 -37.44
N ARG D 144 -4.76 10.30 -37.92
CA ARG D 144 -4.95 11.21 -39.04
C ARG D 144 -4.73 12.64 -38.56
N LEU D 145 -4.50 13.55 -39.51
CA LEU D 145 -4.24 14.92 -39.15
C LEU D 145 -4.27 15.77 -40.40
N MET D 146 -4.70 17.02 -40.26
CA MET D 146 -4.84 17.94 -41.39
C MET D 146 -3.46 18.36 -41.87
N VAL D 147 -3.02 17.78 -42.99
CA VAL D 147 -1.66 18.01 -43.46
C VAL D 147 -1.56 19.33 -44.22
N GLU D 148 -2.43 19.54 -45.19
CA GLU D 148 -2.35 20.69 -46.08
C GLU D 148 -3.65 21.48 -46.01
N LYS D 149 -3.54 22.80 -45.84
CA LYS D 149 -4.70 23.67 -45.79
C LYS D 149 -4.83 24.40 -47.13
N LYS D 150 -5.95 24.17 -47.81
CA LYS D 150 -6.26 24.84 -49.08
C LYS D 150 -5.15 24.60 -50.10
N ASN D 151 -5.05 23.34 -50.53
CA ASN D 151 -4.14 23.02 -51.61
C ASN D 151 -4.63 23.66 -52.91
N LYS D 152 -3.76 23.70 -53.91
CA LYS D 152 -4.10 24.35 -55.17
C LYS D 152 -5.28 23.65 -55.84
N GLU D 153 -5.12 22.38 -56.18
CA GLU D 153 -6.22 21.62 -56.76
C GLU D 153 -7.27 21.31 -55.69
N THR D 154 -8.52 21.60 -56.01
CA THR D 154 -9.65 21.37 -55.10
C THR D 154 -9.49 22.20 -53.84
N GLY D 155 -10.07 23.41 -53.83
CA GLY D 155 -9.87 24.30 -52.70
C GLY D 155 -10.50 23.78 -51.44
N LEU D 156 -9.84 22.78 -50.84
CA LEU D 156 -10.35 22.04 -49.70
C LEU D 156 -9.17 21.37 -49.02
N PRO D 157 -9.09 21.39 -47.69
CA PRO D 157 -7.92 20.83 -47.01
C PRO D 157 -7.74 19.35 -47.29
N ARG D 158 -6.54 18.86 -47.02
CA ARG D 158 -6.15 17.49 -47.32
C ARG D 158 -5.74 16.78 -46.04
N TYR D 159 -6.12 15.51 -45.94
CA TYR D 159 -5.83 14.69 -44.76
C TYR D 159 -5.02 13.48 -45.19
N GLU D 160 -4.00 13.14 -44.40
CA GLU D 160 -3.15 12.00 -44.69
C GLU D 160 -2.75 11.33 -43.39
N TRP D 161 -3.06 10.04 -43.28
CA TRP D 161 -2.72 9.28 -42.09
C TRP D 161 -1.24 9.38 -41.75
N PHE D 162 -0.94 9.78 -40.53
CA PHE D 162 0.42 9.74 -40.01
C PHE D 162 0.56 8.63 -38.99
N GLU D 163 1.78 8.16 -38.79
CA GLU D 163 2.06 7.07 -37.86
C GLU D 163 3.06 7.58 -36.83
N PHE D 164 2.62 7.73 -35.59
CA PHE D 164 3.38 8.41 -34.55
C PHE D 164 4.11 7.43 -33.66
N THR D 165 5.10 7.96 -32.94
CA THR D 165 5.88 7.17 -32.00
C THR D 165 6.30 8.09 -30.86
N LEU D 166 6.08 7.66 -29.64
CA LEU D 166 6.50 8.42 -28.48
C LEU D 166 7.61 7.67 -27.73
N PRO D 167 8.47 8.39 -27.03
CA PRO D 167 9.61 7.74 -26.37
C PRO D 167 9.18 6.66 -25.40
N GLU D 168 10.10 5.75 -25.12
CA GLU D 168 9.85 4.67 -24.19
C GLU D 168 9.99 5.17 -22.75
N GLY D 169 9.93 4.26 -21.81
CA GLY D 169 10.07 4.66 -20.42
C GLY D 169 8.79 4.41 -19.65
N ASN D 170 8.93 3.82 -18.47
CA ASN D 170 7.78 3.44 -17.66
C ASN D 170 7.05 4.69 -17.20
N TYR D 171 6.11 5.15 -18.01
CA TYR D 171 5.49 6.45 -17.82
C TYR D 171 4.21 6.34 -17.02
N SER D 172 3.97 7.35 -16.17
CA SER D 172 2.74 7.44 -15.43
C SER D 172 1.59 7.79 -16.38
N GLU D 173 0.39 7.91 -15.82
CA GLU D 173 -0.78 8.17 -16.64
C GLU D 173 -0.73 9.56 -17.24
N THR D 174 -0.91 10.59 -16.42
CA THR D 174 -1.10 11.94 -16.91
C THR D 174 0.12 12.49 -17.64
N MET D 175 1.13 11.65 -17.87
CA MET D 175 2.23 12.03 -18.73
C MET D 175 2.17 11.36 -20.09
N THR D 176 1.68 10.12 -20.17
CA THR D 176 1.51 9.46 -21.46
C THR D 176 0.57 10.26 -22.35
N ILE D 177 -0.62 10.57 -21.84
CA ILE D 177 -1.52 11.46 -22.57
C ILE D 177 -0.84 12.80 -22.81
N ASP D 178 -0.26 13.37 -21.77
CA ASP D 178 0.44 14.64 -21.92
C ASP D 178 1.63 14.53 -22.88
N LEU D 179 2.02 13.32 -23.26
CA LEU D 179 2.98 13.10 -24.32
C LEU D 179 2.32 12.87 -25.66
N MET D 180 1.15 12.23 -25.66
CA MET D 180 0.41 12.02 -26.90
C MET D 180 0.16 13.35 -27.61
N ASN D 181 -0.56 14.25 -26.96
CA ASN D 181 -0.83 15.54 -27.57
C ASN D 181 0.40 16.44 -27.58
N ASN D 182 1.58 15.84 -27.46
CA ASN D 182 2.81 16.48 -27.87
C ASN D 182 3.41 15.87 -29.12
N ALA D 183 3.26 14.56 -29.30
CA ALA D 183 3.67 13.94 -30.55
C ALA D 183 2.89 14.52 -31.72
N ILE D 184 1.55 14.55 -31.61
CA ILE D 184 0.70 15.07 -32.67
C ILE D 184 0.69 16.59 -32.62
N VAL D 185 1.68 17.16 -31.96
CA VAL D 185 2.04 18.56 -32.16
C VAL D 185 3.33 18.69 -32.94
N ASP D 186 4.30 17.78 -32.75
CA ASP D 186 5.50 17.81 -33.57
C ASP D 186 5.16 17.63 -35.04
N ASN D 187 4.36 16.61 -35.37
CA ASN D 187 3.95 16.42 -36.75
C ASN D 187 2.92 17.45 -37.18
N TYR D 188 2.75 18.49 -36.36
CA TYR D 188 2.19 19.75 -36.80
C TYR D 188 3.26 20.80 -37.06
N LEU D 189 4.28 20.86 -36.20
CA LEU D 189 5.38 21.79 -36.43
C LEU D 189 6.28 21.30 -37.56
N GLU D 190 6.42 19.99 -37.71
CA GLU D 190 7.29 19.41 -38.72
C GLU D 190 6.69 19.59 -40.11
N VAL D 191 5.73 18.74 -40.46
CA VAL D 191 5.09 18.80 -41.77
C VAL D 191 3.64 19.24 -41.60
N GLY D 192 3.41 20.55 -41.64
CA GLY D 192 2.08 21.06 -41.44
C GLY D 192 2.05 22.55 -41.20
N ARG D 193 2.74 23.02 -40.16
CA ARG D 193 2.75 24.45 -39.86
C ARG D 193 3.41 25.24 -40.98
N GLN D 194 4.33 24.62 -41.72
CA GLN D 194 4.99 25.32 -42.81
C GLN D 194 4.04 25.57 -43.98
N ASN D 195 3.07 24.69 -44.19
CA ASN D 195 2.13 24.84 -45.29
C ASN D 195 1.06 25.87 -44.97
N GLY D 196 0.01 25.46 -44.27
CA GLY D 196 -1.10 26.37 -44.05
C GLY D 196 -1.86 26.22 -42.75
N VAL D 197 -1.64 25.12 -42.02
CA VAL D 197 -2.38 24.90 -40.78
C VAL D 197 -2.09 26.04 -39.81
N LEU D 198 -3.15 26.65 -39.29
CA LEU D 198 -3.04 27.85 -38.48
C LEU D 198 -3.20 27.58 -36.99
N GLU D 199 -2.60 26.49 -36.52
CA GLU D 199 -2.43 26.16 -35.10
C GLU D 199 -3.74 25.93 -34.36
N SER D 200 -4.85 26.39 -34.91
CA SER D 200 -6.16 26.10 -34.35
C SER D 200 -6.77 24.83 -34.92
N ASP D 201 -6.13 24.24 -35.94
CA ASP D 201 -6.64 23.06 -36.60
C ASP D 201 -5.71 21.88 -36.39
N ILE D 202 -5.19 21.75 -35.17
CA ILE D 202 -4.25 20.67 -34.87
C ILE D 202 -4.85 19.31 -35.18
N GLY D 203 -6.16 19.19 -35.09
CA GLY D 203 -6.81 17.92 -35.36
C GLY D 203 -7.02 17.17 -34.07
N VAL D 204 -6.71 15.87 -34.09
CA VAL D 204 -6.80 15.07 -32.88
C VAL D 204 -5.97 15.72 -31.78
N LYS D 205 -6.50 15.69 -30.56
CA LYS D 205 -5.74 16.18 -29.41
C LYS D 205 -6.32 15.47 -28.19
N PHE D 206 -5.59 14.48 -27.68
CA PHE D 206 -6.04 13.76 -26.49
C PHE D 206 -6.23 14.72 -25.33
N ASP D 207 -7.31 14.51 -24.59
CA ASP D 207 -7.64 15.35 -23.45
C ASP D 207 -8.27 14.46 -22.40
N THR D 208 -8.70 15.04 -21.29
CA THR D 208 -9.25 14.24 -20.21
C THR D 208 -10.24 15.04 -19.37
N ARG D 209 -11.06 15.86 -20.02
CA ARG D 209 -12.06 16.63 -19.31
C ARG D 209 -13.45 16.23 -19.77
N ASN D 210 -14.45 16.92 -19.23
CA ASN D 210 -15.85 16.77 -19.60
C ASN D 210 -16.33 18.19 -19.86
N PHE D 211 -16.23 18.62 -21.12
CA PHE D 211 -16.38 20.03 -21.45
C PHE D 211 -17.75 20.58 -21.14
N ARG D 212 -18.78 19.73 -21.14
CA ARG D 212 -20.16 20.19 -20.97
C ARG D 212 -20.60 19.95 -19.53
N LEU D 213 -20.25 20.88 -18.64
CA LEU D 213 -20.82 20.90 -17.30
C LEU D 213 -21.60 22.19 -17.07
N GLY D 214 -20.93 23.32 -16.94
CA GLY D 214 -21.62 24.58 -16.72
C GLY D 214 -22.48 24.99 -17.90
N TRP D 215 -23.30 24.08 -18.39
CA TRP D 215 -24.03 24.23 -19.65
C TRP D 215 -25.52 24.31 -19.34
N ASP D 216 -25.96 25.49 -18.94
CA ASP D 216 -27.36 25.68 -18.57
C ASP D 216 -28.25 25.65 -19.81
N PRO D 217 -29.14 24.67 -19.92
CA PRO D 217 -29.89 24.50 -21.18
C PRO D 217 -30.93 25.58 -21.45
N VAL D 218 -30.73 26.78 -20.93
CA VAL D 218 -31.49 27.93 -21.36
C VAL D 218 -30.76 28.72 -22.44
N THR D 219 -29.42 28.70 -22.42
CA THR D 219 -28.62 29.31 -23.47
C THR D 219 -27.75 28.31 -24.21
N LYS D 220 -27.56 27.11 -23.66
CA LYS D 220 -26.80 26.02 -24.27
C LYS D 220 -25.32 26.35 -24.43
N LEU D 221 -24.81 27.34 -23.71
CA LEU D 221 -23.37 27.62 -23.74
C LEU D 221 -22.68 26.93 -22.58
N VAL D 222 -21.56 27.47 -22.11
CA VAL D 222 -20.87 26.98 -20.93
C VAL D 222 -20.56 28.21 -20.08
N MET D 223 -21.36 28.41 -19.03
CA MET D 223 -21.35 29.69 -18.32
C MET D 223 -20.03 30.04 -17.66
N PRO D 224 -19.40 29.17 -16.86
CA PRO D 224 -18.25 29.64 -16.07
C PRO D 224 -17.03 29.96 -16.93
N GLY D 225 -17.20 30.91 -17.86
CA GLY D 225 -16.10 31.42 -18.66
C GLY D 225 -15.25 30.38 -19.35
N VAL D 226 -14.69 29.44 -18.60
CA VAL D 226 -13.77 28.45 -19.13
C VAL D 226 -14.31 27.06 -18.79
N TYR D 227 -13.84 26.07 -19.54
CA TYR D 227 -14.17 24.70 -19.24
C TYR D 227 -13.67 24.33 -17.85
N THR D 228 -14.24 23.28 -17.29
CA THR D 228 -13.89 22.86 -15.94
C THR D 228 -12.62 22.00 -15.96
N ASN D 229 -11.78 22.18 -14.95
CA ASN D 229 -10.48 21.55 -14.89
C ASN D 229 -10.47 20.23 -14.13
N GLU D 230 -11.61 19.82 -13.58
CA GLU D 230 -11.65 18.56 -12.84
C GLU D 230 -11.66 17.42 -13.84
N ALA D 231 -10.51 16.76 -14.01
CA ALA D 231 -10.38 15.74 -15.03
C ALA D 231 -11.16 14.50 -14.65
N PHE D 232 -12.01 14.03 -15.54
CA PHE D 232 -12.79 12.83 -15.29
C PHE D 232 -12.14 11.64 -15.97
N HIS D 233 -12.54 11.36 -17.16
CA HIS D 233 -11.88 10.31 -17.91
C HIS D 233 -11.14 10.90 -19.11
N PRO D 234 -10.03 10.30 -19.53
CA PRO D 234 -9.42 10.72 -20.79
C PRO D 234 -10.35 10.49 -21.96
N ASP D 235 -10.12 11.25 -23.02
CA ASP D 235 -10.99 11.20 -24.19
C ASP D 235 -10.30 11.91 -25.34
N ILE D 236 -10.78 11.63 -26.54
CA ILE D 236 -10.23 12.22 -27.75
C ILE D 236 -11.01 13.48 -28.07
N VAL D 237 -10.39 14.40 -28.81
CA VAL D 237 -11.02 15.64 -29.25
C VAL D 237 -10.62 15.86 -30.70
N LEU D 238 -11.59 15.81 -31.61
CA LEU D 238 -11.28 15.74 -33.03
C LEU D 238 -11.43 17.08 -33.74
N LEU D 239 -11.80 17.03 -35.02
CA LEU D 239 -12.05 18.20 -35.85
C LEU D 239 -12.59 17.71 -37.19
N PRO D 240 -13.43 18.49 -37.90
CA PRO D 240 -13.98 18.02 -39.18
C PRO D 240 -12.94 17.41 -40.10
N GLY D 241 -13.00 16.09 -40.24
CA GLY D 241 -12.07 15.35 -41.06
C GLY D 241 -10.77 15.00 -40.37
N CYS D 242 -10.85 14.21 -39.29
CA CYS D 242 -9.66 13.73 -38.61
C CYS D 242 -9.89 12.31 -38.10
N GLY D 243 -9.38 12.00 -36.93
CA GLY D 243 -9.59 10.71 -36.31
C GLY D 243 -8.28 9.97 -36.07
N VAL D 244 -8.40 8.88 -35.31
CA VAL D 244 -7.24 8.08 -34.91
C VAL D 244 -7.49 6.63 -35.28
N ASP D 245 -6.39 5.87 -35.30
CA ASP D 245 -6.44 4.43 -35.43
C ASP D 245 -5.62 3.83 -34.31
N PHE D 246 -6.11 2.73 -33.74
CA PHE D 246 -5.41 2.07 -32.66
C PHE D 246 -5.15 0.60 -32.93
N THR D 247 -5.75 0.01 -33.95
CA THR D 247 -5.30 -1.29 -34.42
C THR D 247 -3.88 -1.17 -34.96
N GLN D 248 -3.20 -2.31 -35.05
CA GLN D 248 -1.76 -2.33 -35.30
C GLN D 248 -1.03 -1.52 -34.24
N SER D 249 -1.61 -1.49 -33.04
CA SER D 249 -1.12 -0.75 -31.90
C SER D 249 -1.93 -1.18 -30.69
N ARG D 250 -1.77 -0.48 -29.58
CA ARG D 250 -2.51 -0.86 -28.38
C ARG D 250 -2.58 0.26 -27.35
N LEU D 251 -2.22 1.49 -27.72
CA LEU D 251 -2.35 2.60 -26.78
C LEU D 251 -3.82 3.02 -26.73
N SER D 252 -4.67 2.06 -26.39
CA SER D 252 -6.08 2.29 -26.16
C SER D 252 -6.48 1.97 -24.74
N ASN D 253 -6.11 0.78 -24.25
CA ASN D 253 -6.35 0.45 -22.85
C ASN D 253 -5.76 1.51 -21.93
N LEU D 254 -4.58 2.03 -22.29
CA LEU D 254 -4.01 3.14 -21.54
C LEU D 254 -4.94 4.34 -21.57
N LEU D 255 -5.56 4.60 -22.72
CA LEU D 255 -6.58 5.63 -22.79
C LEU D 255 -7.89 5.15 -22.18
N GLY D 256 -8.12 3.84 -22.17
CA GLY D 256 -9.34 3.28 -21.61
C GLY D 256 -10.55 3.52 -22.49
N ILE D 257 -10.42 3.15 -23.77
CA ILE D 257 -11.48 3.36 -24.74
C ILE D 257 -11.70 2.05 -25.48
N ARG D 258 -11.44 0.93 -24.81
CA ARG D 258 -11.50 -0.34 -25.50
C ARG D 258 -12.91 -0.60 -26.02
N LYS D 259 -12.98 -1.39 -27.07
CA LYS D 259 -14.14 -1.42 -27.96
C LYS D 259 -14.97 -2.68 -27.74
N ARG D 260 -16.29 -2.50 -27.63
CA ARG D 260 -17.18 -3.65 -27.60
C ARG D 260 -16.97 -4.50 -28.84
N LEU D 261 -17.15 -5.80 -28.69
CA LEU D 261 -16.69 -6.74 -29.71
C LEU D 261 -15.19 -6.49 -29.85
N PRO D 262 -14.41 -6.80 -28.83
CA PRO D 262 -13.00 -6.35 -28.82
C PRO D 262 -12.14 -7.04 -29.83
N PHE D 263 -12.61 -8.14 -30.42
CA PHE D 263 -11.92 -8.71 -31.56
C PHE D 263 -12.34 -7.91 -32.78
N GLN D 264 -12.42 -8.54 -33.95
CA GLN D 264 -12.84 -7.84 -35.15
C GLN D 264 -11.91 -6.65 -35.39
N GLU D 265 -10.78 -6.90 -36.05
CA GLU D 265 -9.72 -5.90 -36.17
C GLU D 265 -10.26 -4.61 -36.77
N GLY D 266 -9.69 -3.49 -36.32
CA GLY D 266 -10.17 -2.20 -36.73
C GLY D 266 -10.73 -1.42 -35.57
N PHE D 267 -10.15 -0.24 -35.31
CA PHE D 267 -10.64 0.65 -34.27
C PHE D 267 -10.25 2.07 -34.70
N GLN D 268 -11.20 2.81 -35.26
CA GLN D 268 -10.93 4.09 -35.89
C GLN D 268 -11.97 5.11 -35.42
N ILE D 269 -11.67 5.81 -34.33
CA ILE D 269 -12.59 6.81 -33.79
C ILE D 269 -12.46 8.10 -34.58
N MET D 270 -12.94 8.12 -35.81
CA MET D 270 -12.83 9.30 -36.65
C MET D 270 -14.11 10.11 -36.62
N TYR D 271 -13.98 11.40 -36.92
CA TYR D 271 -15.09 12.34 -36.77
C TYR D 271 -16.19 12.09 -37.79
N GLU D 272 -16.69 10.86 -37.82
CA GLU D 272 -18.00 10.57 -38.38
C GLU D 272 -18.87 9.82 -37.38
N ASP D 273 -18.30 9.37 -36.27
CA ASP D 273 -19.02 8.77 -35.16
C ASP D 273 -19.20 9.73 -34.01
N LEU D 274 -18.21 10.59 -33.77
CA LEU D 274 -18.22 11.49 -32.62
C LEU D 274 -19.31 12.54 -32.71
N GLU D 275 -19.72 12.93 -33.92
CA GLU D 275 -20.72 13.96 -34.08
C GLU D 275 -21.99 13.58 -33.32
N GLY D 276 -22.70 14.61 -32.86
CA GLY D 276 -23.67 14.46 -31.80
C GLY D 276 -23.07 14.79 -30.46
N GLY D 277 -21.77 14.59 -30.32
CA GLY D 277 -21.05 15.06 -29.16
C GLY D 277 -20.93 16.57 -29.23
N ASN D 278 -19.87 17.07 -29.89
CA ASN D 278 -19.70 18.49 -30.13
C ASN D 278 -19.64 19.27 -28.82
N ILE D 279 -18.44 19.46 -28.28
CA ILE D 279 -18.25 20.24 -27.07
C ILE D 279 -18.91 21.60 -27.25
N PRO D 280 -19.42 22.22 -26.20
CA PRO D 280 -20.09 23.51 -26.35
C PRO D 280 -19.09 24.67 -26.29
N ALA D 281 -19.52 25.80 -26.85
CA ALA D 281 -18.67 26.97 -26.93
C ALA D 281 -18.81 27.80 -25.66
N LEU D 282 -17.68 28.35 -25.20
CA LEU D 282 -17.68 29.09 -23.95
C LEU D 282 -18.38 30.43 -24.12
N LEU D 283 -19.01 30.87 -23.03
CA LEU D 283 -19.67 32.17 -23.02
C LEU D 283 -18.69 33.28 -22.66
N ASP D 284 -18.83 34.41 -23.36
CA ASP D 284 -17.95 35.56 -23.16
C ASP D 284 -18.33 36.26 -21.87
N VAL D 285 -17.77 35.79 -20.76
CA VAL D 285 -18.01 36.41 -19.47
C VAL D 285 -17.42 37.81 -19.39
N ALA D 286 -16.70 38.25 -20.43
CA ALA D 286 -16.31 39.64 -20.55
C ALA D 286 -17.40 40.49 -21.17
N LYS D 287 -18.60 39.93 -21.35
CA LYS D 287 -19.75 40.68 -21.85
C LYS D 287 -20.95 40.42 -20.96
N TYR D 288 -21.23 39.15 -20.68
CA TYR D 288 -22.29 38.79 -19.73
C TYR D 288 -22.11 39.54 -18.42
N GLU D 289 -20.94 39.41 -17.80
CA GLU D 289 -20.60 40.17 -16.61
C GLU D 289 -20.14 41.58 -16.94
N ALA D 290 -20.36 42.02 -18.18
CA ALA D 290 -20.13 43.40 -18.57
C ALA D 290 -21.38 44.09 -19.12
N SER D 291 -22.35 43.33 -19.63
CA SER D 291 -23.60 43.92 -20.07
C SER D 291 -24.48 44.29 -18.89
N ILE D 292 -24.41 43.53 -17.80
CA ILE D 292 -25.19 43.87 -16.62
C ILE D 292 -24.75 45.21 -16.05
N GLN D 293 -23.50 45.61 -16.29
CA GLN D 293 -23.11 46.97 -16.01
C GLN D 293 -23.96 47.96 -16.79
N LYS D 294 -24.19 47.68 -18.06
CA LYS D 294 -25.06 48.50 -18.88
C LYS D 294 -26.52 48.37 -18.47
N ALA D 295 -26.88 47.33 -17.71
CA ALA D 295 -28.24 47.12 -17.28
C ALA D 295 -28.48 47.55 -15.84
N LYS D 296 -27.67 47.06 -14.91
CA LYS D 296 -27.83 47.40 -13.50
C LYS D 296 -27.39 48.83 -13.23
N LEU D 314 -28.80 41.32 -21.75
CA LEU D 314 -27.80 40.27 -21.74
C LEU D 314 -27.32 39.95 -23.15
N VAL D 315 -26.02 39.77 -23.29
CA VAL D 315 -25.43 39.42 -24.58
C VAL D 315 -24.67 38.10 -24.46
N ILE D 316 -25.40 36.99 -24.53
CA ILE D 316 -24.82 35.66 -24.41
C ILE D 316 -24.09 35.29 -25.69
N GLU D 317 -23.08 36.08 -26.05
CA GLU D 317 -22.33 35.84 -27.28
C GLU D 317 -21.20 34.85 -27.02
N PRO D 318 -21.19 33.68 -27.66
CA PRO D 318 -20.06 32.77 -27.52
C PRO D 318 -18.76 33.40 -28.02
N VAL D 319 -17.65 32.82 -27.59
CA VAL D 319 -16.33 33.30 -27.94
C VAL D 319 -15.80 32.51 -29.13
N ALA D 320 -15.09 33.19 -30.01
CA ALA D 320 -14.34 32.55 -31.09
C ALA D 320 -12.87 32.92 -31.04
N LYS D 321 -12.55 34.19 -30.79
CA LYS D 321 -11.18 34.67 -30.77
C LYS D 321 -10.77 34.91 -29.32
N ASP D 322 -10.18 33.90 -28.71
CA ASP D 322 -9.50 34.08 -27.43
C ASP D 322 -8.09 34.59 -27.66
N SER D 323 -7.50 35.16 -26.62
CA SER D 323 -6.19 35.80 -26.73
C SER D 323 -5.21 34.88 -27.46
N LYS D 324 -4.33 35.49 -28.25
CA LYS D 324 -3.68 34.78 -29.34
C LYS D 324 -4.77 34.16 -30.20
N ASN D 325 -5.38 34.99 -31.05
CA ASN D 325 -6.61 34.65 -31.75
C ASN D 325 -6.57 33.31 -32.49
N ARG D 326 -7.27 32.33 -31.95
CA ARG D 326 -7.50 31.04 -32.59
C ARG D 326 -8.98 30.75 -32.54
N SER D 327 -9.62 30.69 -33.70
CA SER D 327 -11.04 30.38 -33.74
C SER D 327 -11.28 28.95 -33.27
N TYR D 328 -12.20 28.77 -32.34
CA TYR D 328 -12.49 27.42 -31.84
C TYR D 328 -13.14 26.54 -32.86
N ASN D 329 -13.16 26.92 -34.14
CA ASN D 329 -13.84 26.17 -35.18
C ASN D 329 -15.30 25.95 -34.82
N LEU D 330 -15.95 27.01 -34.35
CA LEU D 330 -17.38 26.93 -34.06
C LEU D 330 -18.17 26.88 -35.35
N LEU D 331 -18.97 25.84 -35.52
CA LEU D 331 -19.65 25.61 -36.77
C LEU D 331 -20.67 26.72 -37.02
N PRO D 332 -20.79 27.20 -38.27
CA PRO D 332 -21.44 28.50 -38.50
C PRO D 332 -22.96 28.48 -38.44
N ASN D 333 -23.59 27.35 -38.69
CA ASN D 333 -25.06 27.33 -38.71
C ASN D 333 -25.66 27.52 -37.33
N ASP D 334 -24.95 27.13 -36.26
CA ASP D 334 -25.43 27.38 -34.89
C ASP D 334 -24.20 27.74 -34.04
N GLN D 335 -24.04 29.03 -33.74
CA GLN D 335 -22.87 29.50 -33.04
C GLN D 335 -22.91 29.21 -31.55
N ASN D 336 -23.96 28.57 -31.05
CA ASN D 336 -23.99 28.14 -29.67
C ASN D 336 -23.31 26.79 -29.47
N ASN D 337 -22.65 26.29 -30.50
CA ASN D 337 -21.88 25.06 -30.44
C ASN D 337 -20.55 25.28 -31.16
N THR D 338 -19.68 24.27 -31.13
CA THR D 338 -18.43 24.35 -31.86
C THR D 338 -18.05 22.96 -32.35
N ALA D 339 -16.94 22.90 -33.09
CA ALA D 339 -16.42 21.62 -33.54
C ALA D 339 -15.63 21.02 -32.39
N TYR D 340 -14.54 20.33 -32.70
CA TYR D 340 -13.78 19.60 -31.70
C TYR D 340 -14.68 18.56 -31.02
N ARG D 341 -15.48 17.88 -31.83
CA ARG D 341 -16.47 16.95 -31.30
C ARG D 341 -15.79 15.84 -30.51
N SER D 342 -15.76 15.96 -29.20
CA SER D 342 -15.03 15.04 -28.35
C SER D 342 -15.52 13.61 -28.46
N TRP D 343 -14.84 12.70 -27.78
CA TRP D 343 -15.31 11.33 -27.68
C TRP D 343 -16.16 11.11 -26.44
N PHE D 344 -15.69 11.62 -25.30
CA PHE D 344 -16.60 11.85 -24.20
C PHE D 344 -17.64 12.87 -24.65
N LEU D 345 -18.66 13.07 -23.80
CA LEU D 345 -19.88 13.75 -24.21
C LEU D 345 -20.62 12.89 -25.23
N ALA D 346 -19.93 12.52 -26.31
CA ALA D 346 -20.49 11.62 -27.29
C ALA D 346 -20.64 10.19 -26.78
N TYR D 347 -20.25 9.93 -25.54
CA TYR D 347 -20.53 8.68 -24.86
C TYR D 347 -21.26 8.95 -23.55
N ASN D 348 -22.05 10.02 -23.53
CA ASN D 348 -22.67 10.51 -22.32
C ASN D 348 -23.86 11.38 -22.71
N TYR D 349 -23.59 12.61 -23.10
CA TYR D 349 -24.63 13.51 -23.58
C TYR D 349 -24.96 13.29 -25.05
N GLY D 350 -24.90 12.05 -25.50
CA GLY D 350 -25.16 11.73 -26.89
C GLY D 350 -26.40 10.89 -27.07
N ASP D 351 -26.25 9.69 -27.61
CA ASP D 351 -27.41 8.86 -27.91
C ASP D 351 -27.06 7.38 -27.78
N PRO D 352 -27.66 6.66 -26.84
CA PRO D 352 -27.43 5.22 -26.76
C PRO D 352 -27.91 4.52 -28.02
N LYS D 353 -27.32 3.35 -28.28
CA LYS D 353 -27.58 2.52 -29.45
C LYS D 353 -27.57 3.33 -30.75
N LYS D 354 -26.99 4.52 -30.73
CA LYS D 354 -26.92 5.38 -31.92
C LYS D 354 -25.53 5.99 -32.05
N GLY D 355 -25.13 6.79 -31.05
CA GLY D 355 -23.85 7.46 -31.08
C GLY D 355 -22.67 6.54 -30.86
N VAL D 356 -21.62 7.04 -30.19
CA VAL D 356 -20.42 6.24 -29.98
C VAL D 356 -20.68 5.08 -29.04
N GLN D 357 -21.80 5.08 -28.33
CA GLN D 357 -22.23 3.90 -27.61
C GLN D 357 -22.46 2.76 -28.59
N SER D 358 -22.45 1.53 -28.06
CA SER D 358 -22.72 0.26 -28.73
C SER D 358 -21.48 -0.34 -29.36
N TRP D 359 -20.31 0.28 -29.21
CA TRP D 359 -19.06 -0.38 -29.60
C TRP D 359 -17.87 0.27 -28.90
N THR D 360 -18.13 1.17 -27.95
CA THR D 360 -17.09 1.77 -27.14
C THR D 360 -17.50 1.74 -25.67
N LEU D 361 -16.69 1.09 -24.85
CA LEU D 361 -16.95 1.05 -23.41
C LEU D 361 -16.43 2.30 -22.73
N LEU D 362 -15.96 2.15 -21.49
CA LEU D 362 -15.26 3.21 -20.78
C LEU D 362 -14.55 2.62 -19.57
N THR D 363 -13.65 1.68 -19.81
CA THR D 363 -12.97 1.03 -18.71
C THR D 363 -12.01 2.00 -18.02
N THR D 364 -11.45 1.56 -16.91
CA THR D 364 -10.55 2.40 -16.14
C THR D 364 -9.29 2.69 -16.94
N ALA D 365 -8.63 3.79 -16.58
CA ALA D 365 -7.41 4.19 -17.29
C ALA D 365 -6.29 3.19 -17.03
N ASP D 366 -6.46 1.96 -17.50
CA ASP D 366 -5.52 0.87 -17.26
C ASP D 366 -4.20 1.18 -17.94
N VAL D 367 -3.16 1.48 -17.16
CA VAL D 367 -1.87 1.82 -17.74
C VAL D 367 -1.02 0.59 -18.07
N THR D 368 -1.15 -0.48 -17.30
CA THR D 368 -0.30 -1.64 -17.50
C THR D 368 -0.66 -2.42 -18.77
N CYS D 369 -0.82 -1.72 -19.89
CA CYS D 369 -1.08 -2.34 -21.20
C CYS D 369 -2.21 -3.37 -21.13
N GLY D 370 -3.14 -3.16 -20.20
CA GLY D 370 -4.08 -4.21 -19.86
C GLY D 370 -3.34 -5.31 -19.14
N SER D 371 -2.95 -6.33 -19.88
CA SER D 371 -2.13 -7.43 -19.35
C SER D 371 -1.77 -8.34 -20.51
N GLN D 372 -0.80 -9.21 -20.27
CA GLN D 372 -0.40 -10.23 -21.22
C GLN D 372 -0.06 -11.49 -20.45
N GLN D 373 -0.29 -12.63 -21.09
CA GLN D 373 0.21 -13.87 -20.51
C GLN D 373 1.72 -13.91 -20.66
N VAL D 374 2.34 -14.86 -19.98
CA VAL D 374 3.76 -15.10 -20.13
C VAL D 374 3.99 -16.60 -20.19
N TYR D 375 3.72 -17.19 -21.34
CA TYR D 375 3.76 -18.64 -21.46
C TYR D 375 5.12 -19.19 -21.07
N TRP D 376 5.21 -19.73 -19.87
CA TRP D 376 6.40 -20.44 -19.44
C TRP D 376 6.61 -21.64 -20.35
N SER D 377 7.84 -22.15 -20.40
CA SER D 377 8.11 -23.25 -21.31
C SER D 377 9.41 -23.96 -20.95
N LEU D 378 9.32 -25.28 -20.74
CA LEU D 378 10.49 -26.13 -20.55
C LEU D 378 10.45 -27.22 -21.61
N PRO D 379 11.12 -27.05 -22.75
CA PRO D 379 11.00 -28.06 -23.82
C PRO D 379 11.44 -29.44 -23.38
N ASP D 380 12.35 -29.53 -22.41
CA ASP D 380 12.66 -30.80 -21.79
C ASP D 380 12.18 -30.76 -20.34
N MET D 381 12.47 -31.83 -19.61
CA MET D 381 11.94 -32.07 -18.27
C MET D 381 10.44 -32.27 -18.31
N MET D 382 9.69 -31.20 -18.54
CA MET D 382 8.23 -31.27 -18.61
C MET D 382 7.82 -31.88 -19.94
N GLN D 383 7.03 -32.95 -19.88
CA GLN D 383 6.60 -33.70 -21.06
C GLN D 383 6.03 -32.80 -22.15
N ASP D 384 4.73 -32.57 -22.08
CA ASP D 384 4.06 -31.65 -22.99
C ASP D 384 2.61 -31.49 -22.52
N PRO D 385 1.93 -30.42 -22.89
CA PRO D 385 0.50 -30.36 -22.62
C PRO D 385 -0.25 -31.43 -23.39
N VAL D 386 -1.57 -31.42 -23.28
CA VAL D 386 -2.38 -32.51 -23.84
C VAL D 386 -2.12 -32.67 -25.34
N THR D 387 -1.81 -31.57 -26.02
CA THR D 387 -1.71 -31.61 -27.48
C THR D 387 -0.79 -30.51 -28.00
N PHE D 388 0.50 -30.65 -27.79
CA PHE D 388 1.46 -29.69 -28.30
C PHE D 388 2.42 -30.37 -29.26
N ARG D 389 2.95 -29.58 -30.19
CA ARG D 389 3.83 -30.09 -31.23
C ARG D 389 5.25 -30.16 -30.67
N PRO D 390 5.80 -31.35 -30.46
CA PRO D 390 7.18 -31.44 -29.95
C PRO D 390 8.17 -30.87 -30.95
N SER D 391 8.21 -29.55 -31.06
CA SER D 391 8.92 -28.87 -32.12
C SER D 391 10.21 -28.24 -31.60
N THR D 392 10.91 -27.56 -32.50
CA THR D 392 12.16 -26.87 -32.19
C THR D 392 12.15 -25.54 -32.93
N GLN D 393 12.08 -24.44 -32.17
CA GLN D 393 11.93 -23.10 -32.69
C GLN D 393 11.79 -22.17 -31.49
N VAL D 394 12.10 -20.88 -31.70
CA VAL D 394 11.82 -19.89 -30.66
C VAL D 394 10.36 -19.96 -30.23
N SER D 395 9.48 -20.28 -31.17
CA SER D 395 8.07 -20.50 -30.90
C SER D 395 7.82 -22.01 -30.78
N ASN D 396 6.54 -22.38 -30.68
CA ASN D 396 6.09 -23.77 -30.68
C ASN D 396 6.62 -24.58 -29.51
N TYR D 397 7.27 -23.94 -28.54
CA TYR D 397 7.69 -24.65 -27.34
C TYR D 397 6.48 -25.23 -26.62
N PRO D 398 6.60 -26.41 -26.05
CA PRO D 398 5.51 -26.94 -25.21
C PRO D 398 5.31 -26.08 -23.97
N VAL D 399 4.24 -25.29 -23.95
CA VAL D 399 4.01 -24.36 -22.85
C VAL D 399 3.64 -25.13 -21.60
N VAL D 400 4.21 -24.73 -20.47
CA VAL D 400 3.94 -25.35 -19.17
C VAL D 400 3.83 -24.23 -18.15
N GLY D 401 2.63 -23.99 -17.65
CA GLY D 401 2.43 -22.89 -16.72
C GLY D 401 2.22 -21.59 -17.45
N VAL D 402 1.19 -20.83 -17.06
CA VAL D 402 0.89 -19.55 -17.68
C VAL D 402 0.61 -18.52 -16.61
N GLU D 403 1.65 -17.86 -16.12
CA GLU D 403 1.41 -16.82 -15.12
C GLU D 403 0.80 -15.61 -15.78
N LEU D 404 0.74 -14.51 -15.05
CA LEU D 404 0.48 -13.21 -15.62
C LEU D 404 1.80 -12.47 -15.79
N LEU D 405 1.78 -11.44 -16.62
CA LEU D 405 2.94 -10.57 -16.74
C LEU D 405 3.06 -9.77 -15.46
N PRO D 406 4.00 -10.11 -14.57
CA PRO D 406 3.95 -9.57 -13.21
C PRO D 406 4.11 -8.07 -13.18
N VAL D 407 3.06 -7.36 -13.59
CA VAL D 407 3.02 -5.91 -13.61
C VAL D 407 1.76 -5.50 -12.88
N HIS D 408 1.91 -5.07 -11.63
CA HIS D 408 0.79 -4.62 -10.82
C HIS D 408 0.71 -3.11 -10.89
N ALA D 409 -0.37 -2.59 -11.44
CA ALA D 409 -0.52 -1.15 -11.61
C ALA D 409 -0.90 -0.52 -10.28
N LYS D 410 -0.02 0.29 -9.72
CA LYS D 410 -0.31 0.98 -8.47
C LYS D 410 -1.20 2.18 -8.76
N SER D 411 -1.47 2.99 -7.74
CA SER D 411 -2.29 4.19 -7.89
C SER D 411 -1.99 5.11 -6.74
N PHE D 412 -1.50 6.31 -7.02
CA PHE D 412 -1.09 7.26 -6.01
C PHE D 412 -1.92 8.52 -6.15
N TYR D 413 -2.27 9.12 -5.02
CA TYR D 413 -3.06 10.35 -5.04
C TYR D 413 -2.20 11.46 -5.61
N ASN D 414 -2.51 11.89 -6.84
CA ASN D 414 -1.74 12.93 -7.48
C ASN D 414 -1.73 14.20 -6.64
N GLU D 415 -0.60 14.89 -6.67
CA GLU D 415 -0.43 16.11 -5.87
C GLU D 415 -0.45 17.38 -6.69
N GLN D 416 -0.06 17.32 -7.96
CA GLN D 416 0.01 18.52 -8.79
C GLN D 416 -1.34 19.23 -8.89
N ALA D 417 -2.44 18.50 -8.68
CA ALA D 417 -3.74 19.14 -8.59
C ALA D 417 -3.74 20.25 -7.54
N VAL D 418 -2.99 20.06 -6.45
CA VAL D 418 -2.84 21.09 -5.43
C VAL D 418 -1.82 22.12 -5.89
N THR D 430 5.18 28.50 -20.02
CA THR D 430 6.57 28.27 -19.69
C THR D 430 6.95 26.82 -19.94
N HIS D 431 5.94 25.95 -19.92
CA HIS D 431 6.17 24.52 -20.05
C HIS D 431 6.24 24.15 -21.54
N VAL D 432 6.40 22.85 -21.80
CA VAL D 432 6.53 22.35 -23.15
C VAL D 432 5.37 21.45 -23.55
N PHE D 433 4.72 20.80 -22.57
CA PHE D 433 3.49 20.08 -22.88
C PHE D 433 2.32 21.03 -23.04
N ASN D 434 2.20 21.98 -22.11
CA ASN D 434 1.17 23.03 -22.18
C ASN D 434 1.67 24.13 -23.13
N ARG D 435 1.68 23.80 -24.42
CA ARG D 435 2.20 24.73 -25.40
C ARG D 435 1.32 25.97 -25.51
N PHE D 436 0.03 25.78 -25.78
CA PHE D 436 -0.90 26.88 -25.89
C PHE D 436 -1.51 27.13 -24.52
N PRO D 437 -1.19 28.25 -23.86
CA PRO D 437 -1.70 28.51 -22.52
C PRO D 437 -2.99 29.31 -22.46
N GLU D 438 -3.59 29.64 -23.59
CA GLU D 438 -4.84 30.39 -23.62
C GLU D 438 -5.98 29.62 -24.23
N ASN D 439 -5.75 28.93 -25.34
CA ASN D 439 -6.79 28.14 -25.99
C ASN D 439 -7.41 27.17 -25.00
N GLN D 440 -8.64 27.45 -24.57
CA GLN D 440 -9.28 26.68 -23.51
C GLN D 440 -9.48 25.22 -23.90
N ILE D 441 -9.44 24.89 -25.20
CA ILE D 441 -9.58 23.50 -25.59
C ILE D 441 -8.22 22.83 -25.70
N LEU D 442 -7.22 23.55 -26.20
CA LEU D 442 -5.89 22.98 -26.44
C LEU D 442 -5.00 23.02 -25.21
N VAL D 443 -5.45 23.61 -24.11
CA VAL D 443 -4.61 23.71 -22.92
C VAL D 443 -4.27 22.31 -22.41
N ARG D 444 -3.26 22.25 -21.56
CA ARG D 444 -2.81 20.97 -21.02
C ARG D 444 -3.95 20.28 -20.29
N PRO D 445 -4.29 19.06 -20.65
CA PRO D 445 -5.38 18.36 -19.97
C PRO D 445 -5.02 18.10 -18.52
N PRO D 446 -5.75 18.72 -17.58
CA PRO D 446 -5.39 18.59 -16.17
C PRO D 446 -5.31 17.13 -15.73
N ALA D 447 -4.44 16.89 -14.75
CA ALA D 447 -4.12 15.52 -14.38
C ALA D 447 -5.27 14.90 -13.59
N PRO D 448 -5.56 13.62 -13.82
CA PRO D 448 -6.58 12.96 -13.01
C PRO D 448 -6.12 12.84 -11.58
N THR D 449 -7.09 12.86 -10.66
CA THR D 449 -6.74 12.91 -9.25
C THR D 449 -5.99 11.67 -8.80
N ILE D 450 -6.22 10.54 -9.45
CA ILE D 450 -5.57 9.29 -9.06
C ILE D 450 -4.58 8.91 -10.16
N THR D 451 -3.32 9.31 -9.98
CA THR D 451 -2.30 9.00 -10.98
C THR D 451 -1.88 7.55 -10.82
N THR D 452 -2.06 6.76 -11.86
CA THR D 452 -1.62 5.38 -11.82
C THR D 452 -0.29 5.22 -12.55
N VAL D 453 0.38 4.11 -12.26
CA VAL D 453 1.70 3.85 -12.80
C VAL D 453 1.99 2.36 -12.65
N SER D 454 2.71 1.80 -13.61
CA SER D 454 3.02 0.39 -13.56
C SER D 454 4.09 0.11 -12.51
N GLU D 455 4.27 -1.17 -12.20
CA GLU D 455 5.26 -1.59 -11.23
C GLU D 455 5.81 -2.95 -11.67
N ASN D 456 6.57 -3.60 -10.81
CA ASN D 456 7.12 -4.91 -11.11
C ASN D 456 7.24 -5.68 -9.80
N VAL D 457 6.25 -6.51 -9.51
CA VAL D 457 6.23 -7.35 -8.32
C VAL D 457 6.76 -8.73 -8.69
N PRO D 458 7.69 -9.29 -7.96
CA PRO D 458 8.21 -10.61 -8.31
C PRO D 458 7.20 -11.70 -7.99
N ALA D 459 6.48 -12.16 -9.01
CA ALA D 459 5.38 -13.08 -8.81
C ALA D 459 5.87 -14.48 -8.49
N LEU D 460 6.01 -14.79 -7.20
CA LEU D 460 6.41 -16.14 -6.77
C LEU D 460 5.19 -17.04 -6.91
N THR D 461 4.88 -17.38 -8.16
CA THR D 461 3.63 -18.10 -8.43
C THR D 461 3.77 -19.58 -8.13
N ASP D 462 2.96 -20.40 -8.80
CA ASP D 462 2.93 -21.83 -8.59
C ASP D 462 2.19 -22.45 -9.76
N HIS D 463 2.45 -23.74 -9.97
CA HIS D 463 1.72 -24.53 -10.95
C HIS D 463 1.57 -25.94 -10.41
N GLY D 464 0.40 -26.52 -10.61
CA GLY D 464 0.16 -27.85 -10.11
C GLY D 464 1.11 -28.87 -10.68
N THR D 465 1.03 -30.08 -10.12
CA THR D 465 1.86 -31.17 -10.60
C THR D 465 1.58 -31.45 -12.06
N LEU D 466 2.63 -31.84 -12.80
CA LEU D 466 2.50 -32.08 -14.21
C LEU D 466 3.67 -32.97 -14.64
N PRO D 467 3.48 -33.84 -15.63
CA PRO D 467 4.39 -34.97 -15.81
C PRO D 467 5.78 -34.52 -16.22
N LEU D 468 6.74 -35.42 -16.01
CA LEU D 468 8.14 -35.19 -16.29
C LEU D 468 8.60 -36.09 -17.42
N ARG D 469 9.65 -35.66 -18.12
CA ARG D 469 10.15 -36.39 -19.28
C ARG D 469 10.74 -37.73 -18.88
N SER D 470 10.80 -38.00 -17.58
CA SER D 470 11.32 -39.25 -17.02
C SER D 470 12.77 -39.52 -17.39
N SER D 471 13.49 -38.50 -17.86
CA SER D 471 14.90 -38.61 -18.19
C SER D 471 15.50 -37.24 -18.41
N ILE D 472 15.47 -36.41 -17.38
CA ILE D 472 16.01 -35.05 -17.51
C ILE D 472 17.45 -35.11 -17.97
N SER D 473 17.82 -34.20 -18.87
CA SER D 473 19.20 -34.09 -19.30
C SER D 473 19.95 -33.13 -18.38
N GLY D 474 21.27 -33.19 -18.46
CA GLY D 474 22.08 -32.30 -17.66
C GLY D 474 21.94 -30.84 -17.99
N VAL D 475 21.33 -30.51 -19.13
CA VAL D 475 21.17 -29.13 -19.55
C VAL D 475 19.73 -28.92 -19.98
N GLN D 476 19.05 -27.97 -19.34
CA GLN D 476 17.69 -27.57 -19.69
C GLN D 476 17.71 -26.17 -20.28
N ARG D 477 16.53 -25.72 -20.70
CA ARG D 477 16.42 -24.38 -21.28
C ARG D 477 15.04 -23.83 -20.95
N VAL D 478 14.99 -23.03 -19.89
CA VAL D 478 13.78 -22.27 -19.59
C VAL D 478 13.56 -21.27 -20.70
N THR D 479 12.34 -20.75 -20.81
CA THR D 479 12.01 -19.79 -21.85
C THR D 479 10.68 -19.12 -21.57
N ILE D 480 10.62 -17.80 -21.71
CA ILE D 480 9.46 -17.01 -21.34
C ILE D 480 8.94 -16.31 -22.59
N THR D 481 7.78 -16.74 -23.08
CA THR D 481 7.22 -16.24 -24.32
C THR D 481 5.86 -15.59 -24.06
N ASP D 482 5.60 -14.49 -24.76
CA ASP D 482 4.34 -13.78 -24.63
C ASP D 482 3.24 -14.46 -25.44
N ALA D 483 2.23 -13.69 -25.84
CA ALA D 483 1.12 -14.23 -26.62
C ALA D 483 1.61 -14.63 -28.00
N ARG D 484 1.80 -13.66 -28.88
CA ARG D 484 2.51 -13.89 -30.13
C ARG D 484 3.87 -14.49 -29.77
N ARG D 485 4.12 -15.73 -30.16
CA ARG D 485 5.13 -16.53 -29.49
C ARG D 485 6.54 -16.02 -29.71
N ARG D 486 6.83 -14.82 -29.23
CA ARG D 486 8.17 -14.30 -29.16
C ARG D 486 8.69 -14.43 -27.73
N THR D 487 10.00 -14.60 -27.59
CA THR D 487 10.59 -14.67 -26.28
C THR D 487 10.69 -13.27 -25.68
N CYS D 488 10.11 -13.10 -24.50
CA CYS D 488 10.02 -11.79 -23.88
C CYS D 488 11.42 -11.26 -23.60
N PRO D 489 11.81 -10.12 -24.19
CA PRO D 489 13.14 -9.57 -23.95
C PRO D 489 13.21 -8.63 -22.75
N TYR D 490 12.20 -8.64 -21.88
CA TYR D 490 12.18 -7.76 -20.73
C TYR D 490 12.25 -8.48 -19.39
N VAL D 491 12.09 -9.80 -19.38
CA VAL D 491 12.29 -10.53 -18.13
C VAL D 491 13.70 -10.29 -17.63
N HIS D 492 13.82 -10.04 -16.33
CA HIS D 492 15.09 -9.71 -15.70
C HIS D 492 15.73 -10.87 -14.98
N LYS D 493 14.93 -11.79 -14.45
CA LYS D 493 15.45 -12.98 -13.80
C LYS D 493 14.33 -14.00 -13.65
N ALA D 494 14.61 -15.23 -14.00
CA ALA D 494 13.69 -16.32 -13.77
C ALA D 494 14.41 -17.42 -13.01
N LEU D 495 13.64 -18.24 -12.30
CA LEU D 495 14.21 -19.38 -11.59
C LEU D 495 13.47 -20.62 -12.05
N GLY D 496 12.85 -21.33 -11.12
CA GLY D 496 12.05 -22.47 -11.51
C GLY D 496 12.41 -23.73 -10.76
N ILE D 497 12.24 -23.69 -9.44
CA ILE D 497 12.38 -24.89 -8.64
C ILE D 497 11.44 -25.95 -9.19
N VAL D 498 11.88 -27.20 -9.17
CA VAL D 498 11.07 -28.31 -9.65
C VAL D 498 11.18 -29.44 -8.65
N ALA D 499 10.06 -29.78 -8.01
CA ALA D 499 10.07 -30.84 -7.02
C ALA D 499 9.43 -32.08 -7.62
N PRO D 500 10.21 -33.07 -8.06
CA PRO D 500 9.62 -34.28 -8.60
C PRO D 500 8.97 -35.12 -7.51
N LYS D 501 8.10 -36.02 -7.93
CA LYS D 501 7.42 -36.97 -7.06
C LYS D 501 6.62 -37.92 -7.92
N VAL D 502 6.28 -39.07 -7.35
CA VAL D 502 5.55 -40.07 -8.10
C VAL D 502 4.11 -39.59 -8.36
N LEU D 503 3.51 -40.14 -9.41
CA LEU D 503 2.08 -39.94 -9.66
C LEU D 503 1.36 -41.26 -9.84
N SER D 504 2.03 -42.25 -10.40
CA SER D 504 1.42 -43.55 -10.68
C SER D 504 2.54 -44.57 -10.86
N SER D 505 2.16 -45.77 -11.29
CA SER D 505 3.10 -46.84 -11.54
C SER D 505 3.19 -47.12 -13.03
N ARG D 506 4.07 -48.06 -13.38
CA ARG D 506 4.29 -48.46 -14.77
C ARG D 506 4.66 -47.27 -15.66
N ARG E 50 -6.28 -48.14 -16.86
CA ARG E 50 -7.00 -46.89 -16.63
C ARG E 50 -6.04 -45.71 -16.63
N ASN E 51 -6.60 -44.50 -16.53
CA ASN E 51 -5.82 -43.28 -16.44
C ASN E 51 -4.90 -43.14 -17.64
N SER E 52 -5.44 -42.67 -18.76
CA SER E 52 -4.63 -42.50 -19.97
C SER E 52 -5.26 -41.48 -20.90
N ILE E 53 -5.02 -40.20 -20.65
CA ILE E 53 -5.55 -39.16 -21.51
C ILE E 53 -4.98 -39.30 -22.92
N ARG E 54 -5.84 -39.19 -23.91
CA ARG E 54 -5.45 -39.37 -25.31
C ARG E 54 -5.87 -38.15 -26.11
N TYR E 55 -5.35 -38.07 -27.34
CA TYR E 55 -5.71 -36.99 -28.25
C TYR E 55 -5.91 -37.54 -29.65
N SER E 56 -5.82 -38.87 -29.80
CA SER E 56 -5.97 -39.57 -31.07
C SER E 56 -4.80 -39.28 -32.00
N GLU E 57 -3.86 -40.24 -32.09
CA GLU E 57 -2.76 -40.24 -33.04
C GLU E 57 -1.68 -39.21 -32.69
N LEU E 58 -1.61 -38.77 -31.43
CA LEU E 58 -0.51 -37.94 -30.98
C LEU E 58 0.16 -38.50 -29.73
N ALA E 59 0.12 -39.83 -29.56
CA ALA E 59 0.80 -40.54 -28.47
C ALA E 59 0.17 -40.18 -27.13
N PRO E 60 -0.46 -41.13 -26.45
CA PRO E 60 -1.14 -40.82 -25.19
C PRO E 60 -0.14 -40.41 -24.11
N LEU E 61 -0.34 -39.20 -23.60
CA LEU E 61 0.47 -38.68 -22.50
C LEU E 61 -0.20 -38.94 -21.15
N TYR E 62 -0.30 -40.22 -20.81
CA TYR E 62 -1.16 -40.70 -19.72
C TYR E 62 -0.89 -39.99 -18.39
N ASP E 63 -1.90 -40.02 -17.52
CA ASP E 63 -1.92 -39.39 -16.21
C ASP E 63 -2.01 -37.88 -16.33
N THR E 64 -1.88 -37.18 -15.22
CA THR E 64 -2.24 -35.76 -15.11
C THR E 64 -1.52 -34.94 -16.18
N THR E 65 -2.29 -34.11 -16.88
CA THR E 65 -1.76 -33.14 -17.83
C THR E 65 -2.34 -31.78 -17.52
N ARG E 66 -2.28 -30.86 -18.47
CA ARG E 66 -2.90 -29.56 -18.32
C ARG E 66 -3.41 -29.09 -19.68
N VAL E 67 -4.34 -28.15 -19.65
CA VAL E 67 -4.95 -27.62 -20.88
C VAL E 67 -5.34 -26.18 -20.62
N TYR E 68 -4.99 -25.30 -21.55
CA TYR E 68 -4.97 -23.87 -21.30
C TYR E 68 -6.08 -23.20 -22.11
N LEU E 69 -7.22 -22.96 -21.45
CA LEU E 69 -8.27 -22.16 -22.05
C LEU E 69 -7.80 -20.72 -22.16
N VAL E 70 -6.88 -20.46 -23.08
CA VAL E 70 -6.35 -19.12 -23.28
C VAL E 70 -7.42 -18.26 -23.93
N ASP E 71 -7.05 -17.04 -24.29
CA ASP E 71 -8.03 -16.08 -24.76
C ASP E 71 -7.55 -15.33 -25.99
N ASN E 72 -6.32 -14.81 -25.94
CA ASN E 72 -5.80 -13.96 -27.00
C ASN E 72 -5.72 -14.72 -28.33
N LYS E 73 -5.65 -16.06 -28.26
CA LYS E 73 -5.66 -16.87 -29.47
C LYS E 73 -5.86 -18.35 -29.13
N SER E 79 -6.97 -17.37 -34.57
CA SER E 79 -8.16 -17.98 -34.02
C SER E 79 -9.14 -16.92 -33.53
N LEU E 80 -8.77 -15.66 -33.74
CA LEU E 80 -9.68 -14.53 -33.51
C LEU E 80 -10.49 -14.25 -34.76
N ASN E 81 -10.79 -15.31 -35.51
CA ASN E 81 -11.49 -15.18 -36.78
C ASN E 81 -12.92 -15.69 -36.73
N TYR E 82 -13.21 -16.68 -35.88
CA TYR E 82 -14.56 -17.23 -35.82
C TYR E 82 -15.22 -16.93 -34.49
N GLN E 83 -14.69 -15.97 -33.74
CA GLN E 83 -15.36 -15.54 -32.52
C GLN E 83 -15.38 -14.03 -32.42
N ASN E 84 -15.29 -13.35 -33.56
CA ASN E 84 -15.66 -11.95 -33.59
C ASN E 84 -17.17 -11.83 -33.45
N ASP E 85 -17.62 -10.61 -33.12
CA ASP E 85 -19.03 -10.37 -32.83
C ASP E 85 -19.45 -11.17 -31.59
N HIS E 86 -19.54 -12.49 -31.73
CA HIS E 86 -19.78 -13.38 -30.61
C HIS E 86 -18.53 -13.33 -29.72
N SER E 87 -18.47 -12.29 -28.88
CA SER E 87 -17.21 -11.96 -28.23
C SER E 87 -17.40 -11.33 -26.87
N ASN E 88 -17.37 -9.99 -26.82
CA ASN E 88 -17.14 -9.26 -25.58
C ASN E 88 -15.94 -9.91 -24.90
N PHE E 89 -16.17 -10.62 -23.81
CA PHE E 89 -15.20 -11.60 -23.35
C PHE E 89 -15.90 -12.75 -22.65
N GLN E 90 -17.09 -13.09 -23.11
CA GLN E 90 -17.64 -14.44 -22.95
C GLN E 90 -17.32 -15.27 -24.18
N THR E 91 -16.02 -15.27 -24.50
CA THR E 91 -15.47 -15.77 -25.74
C THR E 91 -15.76 -17.26 -25.96
N THR E 92 -15.39 -17.75 -27.13
CA THR E 92 -15.47 -19.17 -27.46
C THR E 92 -14.09 -19.55 -27.99
N VAL E 93 -13.19 -19.92 -27.07
CA VAL E 93 -11.79 -20.12 -27.43
C VAL E 93 -11.57 -21.56 -27.85
N VAL E 94 -10.35 -21.85 -28.27
CA VAL E 94 -9.99 -23.16 -28.80
C VAL E 94 -8.80 -23.72 -28.02
N GLN E 95 -8.70 -25.03 -27.98
CA GLN E 95 -7.48 -25.68 -27.55
C GLN E 95 -6.76 -26.24 -28.78
N ASN E 96 -5.91 -27.25 -28.61
CA ASN E 96 -5.11 -27.76 -29.72
C ASN E 96 -4.39 -26.61 -30.40
N ASN E 97 -3.69 -25.78 -29.64
CA ASN E 97 -3.14 -24.54 -30.18
C ASN E 97 -1.96 -24.80 -31.12
N ASP E 98 -2.02 -25.87 -31.91
CA ASP E 98 -1.16 -26.03 -33.06
C ASP E 98 -1.79 -25.33 -34.26
N PHE E 99 -1.12 -25.42 -35.41
CA PHE E 99 -1.68 -24.93 -36.66
C PHE E 99 -0.84 -25.40 -37.82
N THR E 108 -10.89 -33.69 -30.89
CA THR E 108 -11.70 -34.04 -29.73
C THR E 108 -10.89 -34.79 -28.70
N ILE E 109 -10.43 -34.08 -27.66
CA ILE E 109 -9.59 -34.66 -26.63
C ILE E 109 -10.39 -35.67 -25.83
N ASN E 110 -10.41 -36.91 -26.29
CA ASN E 110 -11.12 -37.95 -25.56
C ASN E 110 -10.34 -38.34 -24.32
N PHE E 111 -10.84 -37.95 -23.16
CA PHE E 111 -10.23 -38.38 -21.89
C PHE E 111 -10.48 -39.86 -21.68
N ASP E 112 -9.65 -40.48 -20.86
CA ASP E 112 -9.77 -41.91 -20.61
C ASP E 112 -10.99 -42.19 -19.76
N GLU E 113 -11.83 -43.09 -20.23
CA GLU E 113 -12.95 -43.56 -19.43
C GLU E 113 -12.42 -44.42 -18.29
N ARG E 114 -13.32 -45.09 -17.58
CA ARG E 114 -12.98 -45.87 -16.40
C ARG E 114 -12.32 -45.02 -15.32
N SER E 115 -12.63 -43.73 -15.29
CA SER E 115 -12.12 -42.82 -14.28
C SER E 115 -12.83 -41.49 -14.36
N ARG E 116 -13.61 -41.15 -13.32
CA ARG E 116 -14.33 -39.89 -13.30
C ARG E 116 -13.33 -38.75 -13.23
N TRP E 117 -12.87 -38.29 -14.38
CA TRP E 117 -11.82 -37.29 -14.45
C TRP E 117 -12.24 -35.99 -13.79
N GLY E 118 -11.53 -35.59 -12.75
CA GLY E 118 -11.68 -34.26 -12.18
C GLY E 118 -10.63 -33.31 -12.70
N ALA E 119 -10.77 -32.06 -12.31
CA ALA E 119 -9.89 -31.04 -12.86
C ALA E 119 -9.78 -29.87 -11.91
N ASP E 120 -8.54 -29.44 -11.65
CA ASP E 120 -8.33 -28.16 -11.00
C ASP E 120 -8.56 -27.05 -12.00
N LEU E 121 -9.06 -25.92 -11.52
CA LEU E 121 -9.40 -24.79 -12.37
C LEU E 121 -8.86 -23.52 -11.75
N LYS E 122 -7.57 -23.26 -11.95
CA LYS E 122 -7.06 -21.93 -11.69
C LYS E 122 -7.58 -20.98 -12.77
N THR E 123 -7.32 -19.69 -12.60
CA THR E 123 -7.79 -18.73 -13.57
C THR E 123 -7.12 -17.40 -13.34
N ILE E 124 -7.40 -16.47 -14.24
CA ILE E 124 -6.95 -15.08 -14.16
C ILE E 124 -8.09 -14.22 -14.65
N LEU E 125 -8.38 -13.14 -13.93
CA LEU E 125 -9.61 -12.40 -14.11
C LEU E 125 -9.32 -10.90 -14.17
N ARG E 126 -8.36 -10.52 -15.00
CA ARG E 126 -8.01 -9.11 -15.09
C ARG E 126 -9.21 -8.34 -15.62
N THR E 127 -10.00 -7.82 -14.71
CA THR E 127 -11.20 -7.08 -15.07
C THR E 127 -10.84 -5.65 -15.42
N ASN E 128 -11.86 -4.83 -15.65
CA ASN E 128 -11.68 -3.46 -16.08
C ASN E 128 -13.03 -2.75 -16.08
N MET E 129 -13.34 -2.04 -15.01
CA MET E 129 -14.68 -1.51 -14.87
C MET E 129 -14.71 -0.28 -13.98
N PRO E 130 -15.26 0.83 -14.44
CA PRO E 130 -15.40 2.00 -13.58
C PRO E 130 -16.45 1.76 -12.51
N ASN E 131 -16.38 2.59 -11.46
CA ASN E 131 -17.34 2.47 -10.38
C ASN E 131 -18.70 3.05 -10.73
N ILE E 132 -18.82 3.78 -11.84
CA ILE E 132 -20.09 4.36 -12.28
C ILE E 132 -20.32 3.87 -13.70
N ASN E 133 -21.18 2.87 -13.86
CA ASN E 133 -21.35 2.19 -15.14
C ASN E 133 -22.81 1.80 -15.35
N GLU E 134 -23.40 2.30 -16.42
CA GLU E 134 -24.81 2.01 -16.68
C GLU E 134 -25.07 0.55 -17.00
N PHE E 135 -24.07 -0.33 -16.90
CA PHE E 135 -24.31 -1.75 -17.09
C PHE E 135 -25.05 -2.32 -15.89
N MET E 136 -24.38 -2.37 -14.73
CA MET E 136 -25.07 -2.61 -13.47
C MET E 136 -25.57 -1.25 -12.98
N SER E 137 -26.90 -1.11 -12.90
CA SER E 137 -27.52 0.19 -12.63
C SER E 137 -26.83 0.88 -11.47
N THR E 138 -26.05 1.91 -11.78
CA THR E 138 -25.26 2.61 -10.78
C THR E 138 -25.15 4.10 -11.08
N ASN E 139 -25.46 4.53 -12.30
CA ASN E 139 -25.40 5.93 -12.67
C ASN E 139 -26.78 6.57 -12.73
N LYS E 140 -27.75 6.00 -12.01
CA LYS E 140 -29.10 6.53 -11.97
C LYS E 140 -29.60 6.51 -10.53
N PHE E 141 -30.52 7.43 -10.22
CA PHE E 141 -31.12 7.48 -8.90
C PHE E 141 -32.35 8.38 -8.98
N LYS E 142 -33.54 7.80 -8.89
CA LYS E 142 -34.74 8.60 -8.96
C LYS E 142 -34.80 9.55 -7.77
N ALA E 143 -34.88 10.85 -8.04
CA ALA E 143 -34.89 11.85 -7.00
C ALA E 143 -36.05 12.81 -7.24
N ARG E 144 -36.87 13.01 -6.22
CA ARG E 144 -37.94 13.99 -6.30
C ARG E 144 -37.33 15.39 -6.22
N LEU E 145 -38.12 16.38 -6.64
CA LEU E 145 -37.61 17.75 -6.65
C LEU E 145 -38.78 18.69 -6.93
N MET E 146 -38.70 19.89 -6.36
CA MET E 146 -39.76 20.88 -6.48
C MET E 146 -39.76 21.44 -7.89
N VAL E 147 -40.72 21.00 -8.71
CA VAL E 147 -40.72 21.36 -10.12
C VAL E 147 -41.33 22.74 -10.33
N GLU E 148 -42.52 22.96 -9.78
CA GLU E 148 -43.28 24.19 -10.01
C GLU E 148 -43.57 24.87 -8.69
N LYS E 149 -43.30 26.17 -8.61
CA LYS E 149 -43.58 26.96 -7.43
C LYS E 149 -44.84 27.77 -7.64
N LYS E 150 -45.85 27.53 -6.81
CA LYS E 150 -47.12 28.27 -6.84
C LYS E 150 -47.75 28.19 -8.23
N ASN E 151 -48.20 26.99 -8.58
CA ASN E 151 -48.95 26.83 -9.81
C ASN E 151 -50.31 27.53 -9.67
N LYS E 152 -50.97 27.72 -10.81
CA LYS E 152 -52.24 28.44 -10.81
C LYS E 152 -53.28 27.72 -9.96
N GLU E 153 -53.62 26.49 -10.33
CA GLU E 153 -54.56 25.70 -9.55
C GLU E 153 -53.89 25.23 -8.26
N THR E 154 -54.57 25.45 -7.13
CA THR E 154 -54.08 25.07 -5.81
C THR E 154 -52.78 25.81 -5.50
N GLY E 155 -52.89 26.95 -4.84
CA GLY E 155 -51.71 27.78 -4.59
C GLY E 155 -50.74 27.09 -3.65
N LEU E 156 -50.02 26.11 -4.19
CA LEU E 156 -49.14 25.24 -3.43
C LEU E 156 -48.16 24.60 -4.40
N PRO E 157 -46.88 24.51 -4.06
CA PRO E 157 -45.89 24.00 -5.01
C PRO E 157 -46.19 22.55 -5.41
N ARG E 158 -45.58 22.15 -6.51
CA ARG E 158 -45.82 20.84 -7.11
C ARG E 158 -44.52 20.04 -7.17
N TYR E 159 -44.60 18.75 -6.89
CA TYR E 159 -43.45 17.86 -6.89
C TYR E 159 -43.67 16.75 -7.90
N GLU E 160 -42.62 16.42 -8.65
CA GLU E 160 -42.69 15.38 -9.67
C GLU E 160 -41.38 14.64 -9.71
N TRP E 161 -41.43 13.33 -9.49
CA TRP E 161 -40.23 12.49 -9.52
C TRP E 161 -39.46 12.68 -10.83
N PHE E 162 -38.18 12.99 -10.70
CA PHE E 162 -37.26 13.02 -11.83
C PHE E 162 -36.31 11.83 -11.74
N GLU E 163 -35.77 11.43 -12.88
CA GLU E 163 -34.86 10.30 -12.97
C GLU E 163 -33.54 10.79 -13.55
N PHE E 164 -32.50 10.81 -12.74
CA PHE E 164 -31.24 11.45 -13.07
C PHE E 164 -30.21 10.46 -13.59
N THR E 165 -29.20 11.00 -14.26
CA THR E 165 -28.10 10.20 -14.77
C THR E 165 -26.84 11.05 -14.75
N LEU E 166 -25.77 10.49 -14.20
CA LEU E 166 -24.50 11.19 -14.16
C LEU E 166 -23.48 10.47 -15.05
N PRO E 167 -22.50 11.19 -15.59
CA PRO E 167 -21.56 10.58 -16.53
C PRO E 167 -20.84 9.39 -15.92
N GLU E 168 -20.33 8.52 -16.79
CA GLU E 168 -19.59 7.36 -16.36
C GLU E 168 -18.16 7.75 -16.02
N GLY E 169 -17.33 6.75 -15.75
CA GLY E 169 -15.95 7.05 -15.42
C GLY E 169 -15.63 6.65 -13.99
N ASN E 170 -14.50 5.96 -13.83
CA ASN E 170 -14.12 5.44 -12.52
C ASN E 170 -13.84 6.59 -11.57
N TYR E 171 -14.88 7.06 -10.89
CA TYR E 171 -14.82 8.29 -10.12
C TYR E 171 -14.45 8.02 -8.67
N SER E 172 -13.68 8.93 -8.09
CA SER E 172 -13.37 8.87 -6.68
C SER E 172 -14.60 9.21 -5.85
N GLU E 173 -14.44 9.18 -4.54
CA GLU E 173 -15.56 9.43 -3.65
C GLU E 173 -16.05 10.86 -3.75
N THR E 174 -15.26 11.80 -3.23
CA THR E 174 -15.71 13.19 -3.08
C THR E 174 -15.98 13.88 -4.40
N MET E 175 -15.95 13.14 -5.51
CA MET E 175 -16.40 13.67 -6.78
C MET E 175 -17.75 13.10 -7.20
N THR E 176 -18.03 11.84 -6.88
CA THR E 176 -19.34 11.29 -7.19
C THR E 176 -20.44 12.08 -6.50
N ILE E 177 -20.32 12.26 -5.18
CA ILE E 177 -21.24 13.14 -4.46
C ILE E 177 -21.19 14.53 -5.05
N ASP E 178 -19.97 15.06 -5.23
CA ASP E 178 -19.84 16.39 -5.82
C ASP E 178 -20.37 16.45 -7.24
N LEU E 179 -20.67 15.30 -7.84
CA LEU E 179 -21.39 15.24 -9.10
C LEU E 179 -22.89 15.07 -8.91
N MET E 180 -23.29 14.35 -7.87
CA MET E 180 -24.71 14.20 -7.57
C MET E 180 -25.39 15.54 -7.42
N ASN E 181 -24.95 16.35 -6.45
CA ASN E 181 -25.54 17.66 -6.25
C ASN E 181 -25.11 18.63 -7.34
N ASN E 182 -24.66 18.12 -8.48
CA ASN E 182 -24.62 18.89 -9.71
C ASN E 182 -25.66 18.42 -10.71
N ALA E 183 -25.95 17.12 -10.76
CA ALA E 183 -27.05 16.64 -11.59
C ALA E 183 -28.36 17.27 -11.15
N ILE E 184 -28.67 17.17 -9.86
CA ILE E 184 -29.92 17.73 -9.32
C ILE E 184 -29.79 19.23 -9.15
N VAL E 185 -28.82 19.82 -9.83
CA VAL E 185 -28.82 21.24 -10.10
C VAL E 185 -29.15 21.53 -11.56
N ASP E 186 -28.72 20.69 -12.49
CA ASP E 186 -29.12 20.87 -13.88
C ASP E 186 -30.63 20.79 -14.03
N ASN E 187 -31.24 19.75 -13.47
CA ASN E 187 -32.70 19.64 -13.53
C ASN E 187 -33.37 20.62 -12.58
N TYR E 188 -32.59 21.57 -12.07
CA TYR E 188 -33.11 22.83 -11.55
C TYR E 188 -32.96 23.97 -12.55
N LEU E 189 -31.82 24.04 -13.25
CA LEU E 189 -31.65 25.05 -14.27
C LEU E 189 -32.46 24.72 -15.52
N GLU E 190 -32.63 23.45 -15.81
CA GLU E 190 -33.35 23.01 -17.00
C GLU E 190 -34.84 23.27 -16.85
N VAL E 191 -35.52 22.38 -16.13
CA VAL E 191 -36.96 22.50 -15.92
C VAL E 191 -37.23 22.81 -14.46
N GLY E 192 -37.27 24.10 -14.12
CA GLY E 192 -37.46 24.50 -12.74
C GLY E 192 -37.17 25.96 -12.51
N ARG E 193 -35.94 26.38 -12.80
CA ARG E 193 -35.58 27.78 -12.58
C ARG E 193 -36.39 28.71 -13.47
N GLN E 194 -36.83 28.22 -14.63
CA GLN E 194 -37.62 29.07 -15.52
C GLN E 194 -39.01 29.33 -14.96
N ASN E 195 -39.56 28.40 -14.19
CA ASN E 195 -40.90 28.57 -13.62
C ASN E 195 -40.87 29.49 -12.42
N GLY E 196 -40.55 28.96 -11.24
CA GLY E 196 -40.65 29.76 -10.04
C GLY E 196 -39.65 29.45 -8.94
N VAL E 197 -38.97 28.31 -9.02
CA VAL E 197 -38.03 27.94 -7.96
C VAL E 197 -36.96 29.00 -7.83
N LEU E 198 -36.75 29.48 -6.60
CA LEU E 198 -35.90 30.63 -6.35
C LEU E 198 -34.55 30.22 -5.76
N GLU E 199 -33.97 29.15 -6.29
CA GLU E 199 -32.60 28.70 -6.06
C GLU E 199 -32.31 28.32 -4.60
N SER E 200 -33.15 28.75 -3.68
CA SER E 200 -33.04 28.32 -2.29
C SER E 200 -33.86 27.07 -2.02
N ASP E 201 -34.65 26.61 -2.98
CA ASP E 201 -35.51 25.45 -2.82
C ASP E 201 -35.08 24.33 -3.74
N ILE E 202 -33.77 24.13 -3.88
CA ILE E 202 -33.24 23.11 -4.77
C ILE E 202 -33.80 21.74 -4.44
N GLY E 203 -34.15 21.51 -3.18
CA GLY E 203 -34.66 20.23 -2.77
C GLY E 203 -33.55 19.35 -2.23
N VAL E 204 -33.54 18.08 -2.67
CA VAL E 204 -32.46 17.19 -2.28
C VAL E 204 -31.13 17.81 -2.66
N LYS E 205 -30.13 17.63 -1.80
CA LYS E 205 -28.78 18.07 -2.11
C LYS E 205 -27.84 17.23 -1.26
N PHE E 206 -27.18 16.25 -1.89
CA PHE E 206 -26.25 15.42 -1.17
C PHE E 206 -25.16 16.25 -0.54
N ASP E 207 -24.80 15.91 0.69
CA ASP E 207 -23.78 16.63 1.43
C ASP E 207 -23.03 15.60 2.27
N THR E 208 -22.07 16.07 3.07
CA THR E 208 -21.27 15.14 3.85
C THR E 208 -20.73 15.79 5.13
N ARG E 209 -21.56 16.60 5.77
CA ARG E 209 -21.16 17.24 7.01
C ARG E 209 -22.06 16.77 8.15
N ASN E 210 -21.81 17.34 9.32
CA ASN E 210 -22.62 17.12 10.53
C ASN E 210 -22.94 18.51 11.04
N PHE E 211 -24.07 19.06 10.59
CA PHE E 211 -24.36 20.47 10.76
C PHE E 211 -24.47 20.89 12.22
N ARG E 212 -24.83 19.98 13.11
CA ARG E 212 -25.07 20.32 14.52
C ARG E 212 -23.86 19.92 15.35
N LEU E 213 -22.86 20.80 15.37
CA LEU E 213 -21.77 20.67 16.34
C LEU E 213 -21.72 21.87 17.27
N GLY E 214 -21.33 23.04 16.78
CA GLY E 214 -21.26 24.22 17.62
C GLY E 214 -22.63 24.66 18.11
N TRP E 215 -23.40 23.74 18.66
CA TRP E 215 -24.81 23.94 18.97
C TRP E 215 -24.98 23.88 20.48
N ASP E 216 -24.68 24.99 21.14
CA ASP E 216 -24.74 25.04 22.59
C ASP E 216 -26.20 25.04 23.06
N PRO E 217 -26.65 24.02 23.77
CA PRO E 217 -28.07 23.89 24.07
C PRO E 217 -28.60 24.92 25.07
N VAL E 218 -27.97 26.08 25.16
CA VAL E 218 -28.57 27.21 25.87
C VAL E 218 -29.32 28.13 24.91
N THR E 219 -28.89 28.21 23.65
CA THR E 219 -29.59 28.96 22.62
C THR E 219 -30.08 28.09 21.48
N LYS E 220 -29.56 26.87 21.35
CA LYS E 220 -29.96 25.89 20.34
C LYS E 220 -29.63 26.34 18.92
N LEU E 221 -28.74 27.31 18.75
CA LEU E 221 -28.30 27.69 17.42
C LEU E 221 -27.02 26.95 17.05
N VAL E 222 -26.19 27.54 16.19
CA VAL E 222 -24.88 27.01 15.84
C VAL E 222 -23.91 28.18 15.93
N MET E 223 -23.16 28.24 17.03
CA MET E 223 -22.42 29.45 17.36
C MET E 223 -21.34 29.84 16.34
N PRO E 224 -20.44 28.97 15.91
CA PRO E 224 -19.31 29.44 15.11
C PRO E 224 -19.73 29.92 13.73
N GLY E 225 -20.61 30.92 13.68
CA GLY E 225 -20.99 31.58 12.45
C GLY E 225 -21.45 30.66 11.33
N VAL E 226 -20.61 29.71 10.94
CA VAL E 226 -20.87 28.84 9.82
C VAL E 226 -20.80 27.39 10.29
N TYR E 227 -21.42 26.50 9.52
CA TYR E 227 -21.31 25.09 9.82
C TYR E 227 -19.86 24.64 9.71
N THR E 228 -19.56 23.51 10.34
CA THR E 228 -18.20 23.02 10.36
C THR E 228 -17.87 22.25 9.09
N ASN E 229 -16.64 22.41 8.63
CA ASN E 229 -16.21 21.87 7.34
C ASN E 229 -15.56 20.50 7.45
N GLU E 230 -15.40 19.97 8.65
CA GLU E 230 -14.79 18.65 8.80
C GLU E 230 -15.81 17.60 8.39
N ALA E 231 -15.64 17.04 7.19
CA ALA E 231 -16.63 16.12 6.65
C ALA E 231 -16.57 14.79 7.39
N PHE E 232 -17.72 14.35 7.87
CA PHE E 232 -17.80 13.07 8.58
C PHE E 232 -18.29 11.99 7.63
N HIS E 233 -19.56 11.78 7.62
CA HIS E 233 -20.13 10.85 6.67
C HIS E 233 -21.00 11.59 5.66
N PRO E 234 -21.09 11.11 4.42
CA PRO E 234 -22.07 11.66 3.49
C PRO E 234 -23.48 11.47 4.00
N ASP E 235 -24.37 12.33 3.52
CA ASP E 235 -25.75 12.32 3.98
C ASP E 235 -26.59 13.17 3.05
N ILE E 236 -27.89 12.96 3.10
CA ILE E 236 -28.83 13.68 2.26
C ILE E 236 -29.32 14.90 3.03
N VAL E 237 -29.76 15.92 2.30
CA VAL E 237 -30.32 17.13 2.88
C VAL E 237 -31.56 17.50 2.07
N LEU E 238 -32.73 17.47 2.71
CA LEU E 238 -33.97 17.54 1.98
C LEU E 238 -34.62 18.91 2.02
N LEU E 239 -35.95 18.95 1.98
CA LEU E 239 -36.76 20.16 2.07
C LEU E 239 -38.22 19.73 2.13
N PRO E 240 -39.11 20.51 2.77
CA PRO E 240 -40.52 20.11 2.85
C PRO E 240 -41.10 19.66 1.53
N GLY E 241 -41.32 18.34 1.42
CA GLY E 241 -41.86 17.75 0.22
C GLY E 241 -40.82 17.44 -0.83
N CYS E 242 -39.87 16.57 -0.50
CA CYS E 242 -38.87 16.11 -1.47
C CYS E 242 -38.54 14.65 -1.23
N GLY E 243 -37.27 14.28 -1.37
CA GLY E 243 -36.84 12.92 -1.11
C GLY E 243 -36.24 12.28 -2.35
N VAL E 244 -35.61 11.12 -2.11
CA VAL E 244 -34.92 10.38 -3.15
C VAL E 244 -35.42 8.95 -3.18
N ASP E 245 -35.14 8.27 -4.28
CA ASP E 245 -35.36 6.85 -4.43
C ASP E 245 -34.07 6.21 -4.91
N PHE E 246 -33.75 5.04 -4.37
CA PHE E 246 -32.55 4.35 -4.78
C PHE E 246 -32.79 2.93 -5.23
N THR E 247 -34.00 2.39 -5.05
CA THR E 247 -34.36 1.16 -5.73
C THR E 247 -34.43 1.43 -7.23
N GLN E 248 -34.36 0.35 -8.02
CA GLN E 248 -34.15 0.47 -9.46
C GLN E 248 -32.86 1.23 -9.74
N SER E 249 -31.92 1.13 -8.82
CA SER E 249 -30.63 1.81 -8.87
C SER E 249 -29.77 1.20 -7.77
N ARG E 250 -28.63 1.84 -7.51
CA ARG E 250 -27.74 1.30 -6.47
C ARG E 250 -26.72 2.32 -6.00
N LEU E 251 -26.89 3.60 -6.33
CA LEU E 251 -25.99 4.62 -5.81
C LEU E 251 -26.37 4.92 -4.36
N SER E 252 -26.36 3.88 -3.55
CA SER E 252 -26.58 3.98 -2.12
C SER E 252 -25.37 3.51 -1.33
N ASN E 253 -24.85 2.32 -1.64
CA ASN E 253 -23.63 1.87 -1.03
C ASN E 253 -22.51 2.89 -1.21
N LEU E 254 -22.45 3.52 -2.39
CA LEU E 254 -21.50 4.61 -2.59
C LEU E 254 -21.76 5.73 -1.60
N LEU E 255 -23.03 6.03 -1.35
CA LEU E 255 -23.35 6.99 -0.29
C LEU E 255 -23.23 6.37 1.09
N GLY E 256 -23.34 5.04 1.19
CA GLY E 256 -23.23 4.36 2.45
C GLY E 256 -24.43 4.57 3.35
N ILE E 257 -25.62 4.32 2.81
CA ILE E 257 -26.87 4.53 3.52
C ILE E 257 -27.70 3.27 3.39
N ARG E 258 -27.04 2.13 3.24
CA ARG E 258 -27.79 0.92 2.95
C ARG E 258 -28.74 0.60 4.11
N LYS E 259 -29.81 -0.12 3.78
CA LYS E 259 -31.01 -0.15 4.60
C LYS E 259 -31.14 -1.47 5.34
N ARG E 260 -31.44 -1.41 6.63
CA ARG E 260 -31.76 -2.61 7.38
C ARG E 260 -32.91 -3.34 6.72
N LEU E 261 -32.89 -4.66 6.82
CA LEU E 261 -33.77 -5.47 5.97
C LEU E 261 -33.43 -5.11 4.54
N PRO E 262 -32.21 -5.44 4.07
CA PRO E 262 -31.75 -4.89 2.79
C PRO E 262 -32.47 -5.43 1.60
N PHE E 263 -33.24 -6.51 1.76
CA PHE E 263 -34.13 -6.93 0.70
C PHE E 263 -35.38 -6.06 0.80
N GLN E 264 -36.55 -6.61 0.45
CA GLN E 264 -37.77 -5.84 0.54
C GLN E 264 -37.65 -4.57 -0.30
N GLU E 265 -37.93 -4.69 -1.59
CA GLU E 265 -37.66 -3.61 -2.53
C GLU E 265 -38.33 -2.30 -2.09
N GLY E 266 -37.66 -1.20 -2.37
CA GLY E 266 -38.13 0.10 -1.92
C GLY E 266 -37.15 0.74 -0.97
N PHE E 267 -36.67 1.92 -1.32
CA PHE E 267 -35.79 2.69 -0.46
C PHE E 267 -35.99 4.16 -0.82
N GLN E 268 -36.79 4.86 -0.02
CA GLN E 268 -37.22 6.22 -0.35
C GLN E 268 -37.05 7.11 0.88
N ILE E 269 -35.89 7.75 0.99
CA ILE E 269 -35.61 8.63 2.12
C ILE E 269 -36.24 9.99 1.87
N MET E 270 -37.56 10.06 1.96
CA MET E 270 -38.25 11.31 1.71
C MET E 270 -38.57 12.03 3.02
N TYR E 271 -38.75 13.35 2.92
CA TYR E 271 -38.90 14.18 4.11
C TYR E 271 -40.23 13.93 4.81
N GLU E 272 -40.48 12.67 5.17
CA GLU E 272 -41.44 12.33 6.20
C GLU E 272 -40.80 11.45 7.26
N ASP E 273 -39.60 10.96 7.02
CA ASP E 273 -38.80 10.22 7.99
C ASP E 273 -37.71 11.07 8.60
N LEU E 274 -37.13 11.97 7.82
CA LEU E 274 -36.00 12.76 8.27
C LEU E 274 -36.36 13.74 9.37
N GLU E 275 -37.62 14.19 9.42
CA GLU E 275 -38.02 15.17 10.43
C GLU E 275 -37.72 14.63 11.83
N GLY E 276 -37.45 15.56 12.74
CA GLY E 276 -36.76 15.25 13.97
C GLY E 276 -35.28 15.52 13.84
N GLY E 277 -34.76 15.40 12.62
CA GLY E 277 -33.41 15.83 12.35
C GLY E 277 -33.36 17.34 12.36
N ASN E 278 -33.61 17.97 11.20
CA ASN E 278 -33.70 19.41 11.11
C ASN E 278 -32.41 20.08 11.53
N ILE E 279 -31.51 20.32 10.57
CA ILE E 279 -30.26 21.01 10.83
C ILE E 279 -30.56 22.33 11.53
N PRO E 280 -29.69 22.82 12.41
CA PRO E 280 -29.96 24.06 13.11
C PRO E 280 -29.53 25.28 12.30
N ALA E 281 -30.13 26.42 12.63
CA ALA E 281 -29.88 27.65 11.91
C ALA E 281 -28.68 28.36 12.51
N LEU E 282 -27.86 28.94 11.65
CA LEU E 282 -26.63 29.59 12.10
C LEU E 282 -26.93 30.88 12.84
N LEU E 283 -26.08 31.19 13.81
CA LEU E 283 -26.20 32.43 14.56
C LEU E 283 -25.50 33.57 13.86
N ASP E 284 -26.14 34.74 13.87
CA ASP E 284 -25.61 35.93 13.21
C ASP E 284 -24.47 36.50 14.05
N VAL E 285 -23.26 35.97 13.81
CA VAL E 285 -22.08 36.47 14.48
C VAL E 285 -21.75 37.90 14.09
N ALA E 286 -22.48 38.47 13.13
CA ALA E 286 -22.40 39.89 12.85
C ALA E 286 -23.28 40.71 13.78
N LYS E 287 -23.86 40.08 14.81
CA LYS E 287 -24.65 40.78 15.81
C LYS E 287 -24.20 40.36 17.20
N TYR E 288 -24.07 39.05 17.43
CA TYR E 288 -23.54 38.54 18.68
C TYR E 288 -22.19 39.19 19.00
N GLU E 289 -21.25 39.10 18.06
CA GLU E 289 -19.97 39.78 18.18
C GLU E 289 -20.07 41.24 17.78
N ALA E 290 -21.28 41.77 17.64
CA ALA E 290 -21.51 43.20 17.44
C ALA E 290 -22.38 43.82 18.51
N SER E 291 -23.21 43.04 19.20
CA SER E 291 -23.98 43.57 20.31
C SER E 291 -23.12 43.77 21.55
N ILE E 292 -22.11 42.93 21.74
CA ILE E 292 -21.22 43.12 22.88
C ILE E 292 -20.46 44.43 22.76
N GLN E 293 -20.29 44.94 21.54
CA GLN E 293 -19.81 46.30 21.38
C GLN E 293 -20.76 47.29 22.05
N LYS E 294 -22.06 47.09 21.84
CA LYS E 294 -23.07 47.92 22.50
C LYS E 294 -23.14 47.66 24.00
N ALA E 295 -22.59 46.53 24.46
CA ALA E 295 -22.62 46.17 25.87
C ALA E 295 -21.30 46.46 26.58
N LYS E 296 -20.20 45.96 26.05
CA LYS E 296 -18.90 46.18 26.67
C LYS E 296 -18.42 47.61 26.47
N LEU E 314 -27.35 40.75 24.47
CA LEU E 314 -27.09 39.77 23.43
C LEU E 314 -28.29 39.61 22.51
N VAL E 315 -28.02 39.53 21.22
CA VAL E 315 -29.09 39.34 20.23
C VAL E 315 -28.81 38.07 19.42
N ILE E 316 -29.17 36.92 19.99
CA ILE E 316 -28.94 35.63 19.35
C ILE E 316 -29.95 35.42 18.22
N GLU E 317 -29.92 36.31 17.22
CA GLU E 317 -30.87 36.22 16.13
C GLU E 317 -30.32 35.31 15.03
N PRO E 318 -31.00 34.20 14.72
CA PRO E 318 -30.55 33.37 13.61
C PRO E 318 -30.59 34.13 12.29
N VAL E 319 -29.87 33.59 11.31
CA VAL E 319 -29.76 34.20 10.00
C VAL E 319 -30.77 33.55 9.05
N ALA E 320 -31.34 34.36 8.17
CA ALA E 320 -32.16 33.86 7.08
C ALA E 320 -31.64 34.33 5.73
N LYS E 321 -31.22 35.59 5.62
CA LYS E 321 -30.75 36.18 4.38
C LYS E 321 -29.24 36.32 4.46
N ASP E 322 -28.53 35.31 4.00
CA ASP E 322 -27.10 35.43 3.77
C ASP E 322 -26.85 36.07 2.40
N SER E 323 -25.64 36.59 2.22
CA SER E 323 -25.30 37.33 1.01
C SER E 323 -25.73 36.54 -0.23
N LYS E 324 -26.17 37.28 -1.25
CA LYS E 324 -27.05 36.71 -2.27
C LYS E 324 -28.23 36.10 -1.56
N ASN E 325 -29.19 36.94 -1.17
CA ASN E 325 -30.26 36.57 -0.24
C ASN E 325 -31.01 35.30 -0.65
N ARG E 326 -30.78 34.23 0.09
CA ARG E 326 -31.53 32.99 -0.02
C ARG E 326 -31.95 32.58 1.38
N SER E 327 -33.26 32.57 1.63
CA SER E 327 -33.76 32.16 2.94
C SER E 327 -33.48 30.69 3.16
N TYR E 328 -32.88 30.36 4.31
CA TYR E 328 -32.58 28.96 4.61
C TYR E 328 -33.80 28.12 4.81
N ASN E 329 -34.99 28.61 4.48
CA ASN E 329 -36.24 27.89 4.74
C ASN E 329 -36.37 27.54 6.21
N LEU E 330 -36.07 28.50 7.07
CA LEU E 330 -36.23 28.29 8.50
C LEU E 330 -37.72 28.30 8.85
N LEU E 331 -38.18 27.21 9.45
CA LEU E 331 -39.60 27.04 9.69
C LEU E 331 -40.09 28.09 10.68
N PRO E 332 -41.28 28.65 10.47
CA PRO E 332 -41.63 29.91 11.13
C PRO E 332 -42.05 29.79 12.58
N ASN E 333 -42.57 28.63 13.01
CA ASN E 333 -43.04 28.52 14.38
C ASN E 333 -41.90 28.54 15.40
N ASP E 334 -40.69 28.12 15.02
CA ASP E 334 -39.53 28.22 15.90
C ASP E 334 -38.33 28.60 15.04
N GLN E 335 -37.92 29.86 15.11
CA GLN E 335 -36.85 30.37 14.26
C GLN E 335 -35.47 29.95 14.73
N ASN E 336 -35.36 29.20 15.81
CA ASN E 336 -34.07 28.65 16.22
C ASN E 336 -33.76 27.34 15.51
N ASN E 337 -34.56 26.97 14.53
CA ASN E 337 -34.32 25.80 13.69
C ASN E 337 -34.58 26.18 12.24
N THR E 338 -34.33 25.25 11.33
CA THR E 338 -34.63 25.47 9.93
C THR E 338 -35.06 24.16 9.28
N ALA E 339 -35.41 24.24 8.01
CA ALA E 339 -35.74 23.05 7.25
C ALA E 339 -34.44 22.41 6.79
N TYR E 340 -34.43 21.82 5.60
CA TYR E 340 -33.28 21.07 5.12
C TYR E 340 -32.99 19.92 6.08
N ARG E 341 -34.05 19.25 6.53
CA ARG E 341 -33.89 18.22 7.53
C ARG E 341 -33.00 17.10 7.02
N SER E 342 -31.73 17.11 7.41
CA SER E 342 -30.74 16.18 6.89
C SER E 342 -31.08 14.73 7.19
N TRP E 343 -30.28 13.82 6.68
CA TRP E 343 -30.42 12.41 7.01
C TRP E 343 -29.52 12.04 8.18
N PHE E 344 -28.26 12.47 8.14
CA PHE E 344 -27.49 12.55 9.36
C PHE E 344 -28.18 13.53 10.31
N LEU E 345 -27.69 13.58 11.54
CA LEU E 345 -28.42 14.20 12.65
C LEU E 345 -29.66 13.37 12.94
N ALA E 346 -30.49 13.15 11.92
CA ALA E 346 -31.66 12.29 12.06
C ALA E 346 -31.29 10.82 12.23
N TYR E 347 -30.01 10.49 12.21
CA TYR E 347 -29.52 9.16 12.58
C TYR E 347 -28.49 9.28 13.68
N ASN E 348 -28.66 10.28 14.53
CA ASN E 348 -27.68 10.62 15.55
C ASN E 348 -28.37 11.43 16.64
N TYR E 349 -28.59 12.70 16.38
CA TYR E 349 -29.32 13.56 17.30
C TYR E 349 -30.82 13.44 17.15
N GLY E 350 -31.31 12.24 16.82
CA GLY E 350 -32.72 12.03 16.62
C GLY E 350 -33.33 11.11 17.66
N ASP E 351 -33.87 9.98 17.24
CA ASP E 351 -34.55 9.09 18.16
C ASP E 351 -34.41 7.63 17.73
N PRO E 352 -33.74 6.80 18.52
CA PRO E 352 -33.66 5.38 18.19
C PRO E 352 -35.05 4.75 18.19
N LYS E 353 -35.17 3.65 17.44
CA LYS E 353 -36.43 2.91 17.25
C LYS E 353 -37.61 3.81 16.93
N LYS E 354 -37.34 5.04 16.48
CA LYS E 354 -38.39 5.99 16.13
C LYS E 354 -38.04 6.72 14.84
N GLY E 355 -36.94 7.45 14.84
CA GLY E 355 -36.52 8.22 13.68
C GLY E 355 -35.99 7.38 12.54
N VAL E 356 -35.01 7.90 11.81
CA VAL E 356 -34.48 7.18 10.66
C VAL E 356 -33.73 5.93 11.08
N GLN E 357 -33.41 5.78 12.36
CA GLN E 357 -32.92 4.52 12.87
C GLN E 357 -33.99 3.44 12.69
N SER E 358 -33.56 2.19 12.72
CA SER E 358 -34.34 0.96 12.66
C SER E 358 -34.58 0.50 11.22
N TRP E 359 -34.04 1.19 10.22
CA TRP E 359 -34.05 0.66 8.86
C TRP E 359 -32.98 1.34 8.01
N THR E 360 -32.10 2.12 8.63
CA THR E 360 -30.98 2.74 7.95
C THR E 360 -29.73 2.56 8.79
N LEU E 361 -28.71 1.91 8.22
CA LEU E 361 -27.45 1.73 8.90
C LEU E 361 -26.57 2.95 8.73
N LEU E 362 -25.26 2.73 8.65
CA LEU E 362 -24.31 3.78 8.31
C LEU E 362 -22.97 3.15 7.95
N THR E 363 -22.96 2.30 6.94
CA THR E 363 -21.75 1.61 6.57
C THR E 363 -20.74 2.59 5.97
N THR E 364 -19.53 2.10 5.74
CA THR E 364 -18.47 2.94 5.20
C THR E 364 -18.82 3.39 3.79
N ALA E 365 -18.22 4.50 3.37
CA ALA E 365 -18.48 5.04 2.04
C ALA E 365 -17.94 4.12 0.97
N ASP E 366 -18.51 2.92 0.87
CA ASP E 366 -18.04 1.89 -0.05
C ASP E 366 -18.25 2.34 -1.49
N VAL E 367 -17.17 2.65 -2.19
CA VAL E 367 -17.31 3.14 -3.57
C VAL E 367 -17.42 2.00 -4.58
N THR E 368 -16.79 0.85 -4.32
CA THR E 368 -16.79 -0.21 -5.31
C THR E 368 -18.13 -0.92 -5.44
N CYS E 369 -19.22 -0.13 -5.56
CA CYS E 369 -20.57 -0.66 -5.77
C CYS E 369 -20.91 -1.77 -4.77
N GLY E 370 -20.31 -1.70 -3.59
CA GLY E 370 -20.34 -2.84 -2.71
C GLY E 370 -19.48 -3.94 -3.29
N SER E 371 -20.12 -4.88 -3.98
CA SER E 371 -19.43 -5.94 -4.70
C SER E 371 -20.46 -6.72 -5.48
N GLN E 372 -19.97 -7.53 -6.42
CA GLN E 372 -20.80 -8.44 -7.18
C GLN E 372 -20.04 -9.74 -7.39
N GLN E 373 -20.78 -10.84 -7.47
CA GLN E 373 -20.15 -12.07 -7.89
C GLN E 373 -19.82 -12.00 -9.38
N VAL E 374 -19.03 -12.95 -9.83
CA VAL E 374 -18.74 -13.07 -11.26
C VAL E 374 -18.81 -14.55 -11.62
N TYR E 375 -20.03 -15.06 -11.78
CA TYR E 375 -20.21 -16.49 -12.00
C TYR E 375 -19.44 -16.95 -13.22
N TRP E 376 -18.30 -17.58 -12.98
CA TRP E 376 -17.56 -18.25 -14.05
C TRP E 376 -18.42 -19.34 -14.64
N SER E 377 -18.11 -19.75 -15.86
CA SER E 377 -18.95 -20.76 -16.51
C SER E 377 -18.24 -21.40 -17.69
N LEU E 378 -18.14 -22.73 -17.67
CA LEU E 378 -17.65 -23.50 -18.81
C LEU E 378 -18.73 -24.50 -19.19
N PRO E 379 -19.59 -24.19 -20.16
CA PRO E 379 -20.69 -25.11 -20.47
C PRO E 379 -20.22 -26.49 -20.89
N ASP E 380 -19.02 -26.59 -21.46
CA ASP E 380 -18.41 -27.89 -21.68
C ASP E 380 -17.18 -28.01 -20.77
N MET E 381 -16.45 -29.11 -20.93
CA MET E 381 -15.35 -29.48 -20.04
C MET E 381 -15.88 -29.80 -18.64
N MET E 382 -16.27 -28.77 -17.90
CA MET E 382 -16.80 -28.95 -16.56
C MET E 382 -18.22 -29.46 -16.64
N GLN E 383 -18.48 -30.59 -15.97
CA GLN E 383 -19.76 -31.28 -16.00
C GLN E 383 -20.92 -30.33 -15.71
N ASP E 384 -21.26 -30.20 -14.43
CA ASP E 384 -22.28 -29.26 -13.99
C ASP E 384 -22.27 -29.25 -12.46
N PRO E 385 -22.78 -28.21 -11.83
CA PRO E 385 -22.97 -28.27 -10.38
C PRO E 385 -23.99 -29.32 -10.01
N VAL E 386 -24.31 -29.42 -8.72
CA VAL E 386 -25.15 -30.51 -8.23
C VAL E 386 -26.49 -30.53 -8.94
N THR E 387 -26.98 -29.37 -9.36
CA THR E 387 -28.33 -29.28 -9.90
C THR E 387 -28.48 -28.07 -10.82
N PHE E 388 -27.89 -28.14 -12.00
CA PHE E 388 -28.01 -27.07 -12.97
C PHE E 388 -28.67 -27.60 -14.24
N ARG E 389 -29.34 -26.70 -14.95
CA ARG E 389 -30.06 -27.05 -16.16
C ARG E 389 -29.10 -27.06 -17.34
N PRO E 390 -28.79 -28.23 -17.91
CA PRO E 390 -27.88 -28.26 -19.07
C PRO E 390 -28.50 -27.53 -20.26
N SER E 391 -28.51 -26.21 -20.19
CA SER E 391 -29.26 -25.38 -21.13
C SER E 391 -28.32 -24.72 -22.13
N THR E 392 -28.92 -23.91 -23.01
CA THR E 392 -28.20 -23.16 -24.02
C THR E 392 -28.83 -21.78 -24.12
N GLN E 393 -28.07 -20.76 -23.72
CA GLN E 393 -28.54 -19.38 -23.61
C GLN E 393 -27.40 -18.58 -23.02
N VAL E 394 -27.42 -17.26 -23.24
CA VAL E 394 -26.47 -16.37 -22.57
C VAL E 394 -26.52 -16.59 -21.07
N SER E 395 -27.71 -16.89 -20.55
CA SER E 395 -27.90 -17.24 -19.15
C SER E 395 -27.96 -18.76 -19.02
N ASN E 396 -28.28 -19.24 -17.82
CA ASN E 396 -28.49 -20.65 -17.52
C ASN E 396 -27.26 -21.51 -17.75
N TYR E 397 -26.11 -20.91 -18.00
CA TYR E 397 -24.88 -21.68 -18.09
C TYR E 397 -24.60 -22.40 -16.78
N PRO E 398 -24.09 -23.62 -16.83
CA PRO E 398 -23.67 -24.29 -15.60
C PRO E 398 -22.51 -23.56 -14.95
N VAL E 399 -22.78 -22.85 -13.85
CA VAL E 399 -21.76 -22.04 -13.21
C VAL E 399 -20.73 -22.93 -12.54
N VAL E 400 -19.45 -22.58 -12.70
CA VAL E 400 -18.35 -23.32 -12.10
C VAL E 400 -17.35 -22.30 -11.59
N GLY E 401 -17.23 -22.19 -10.26
CA GLY E 401 -16.36 -21.19 -9.68
C GLY E 401 -17.05 -19.85 -9.58
N VAL E 402 -16.95 -19.21 -8.42
CA VAL E 402 -17.57 -17.92 -8.20
C VAL E 402 -16.58 -16.99 -7.50
N GLU E 403 -15.76 -16.30 -8.28
CA GLU E 403 -14.83 -15.37 -7.65
C GLU E 403 -15.58 -14.15 -7.15
N LEU E 404 -14.84 -13.13 -6.76
CA LEU E 404 -15.39 -11.80 -6.58
C LEU E 404 -15.10 -10.96 -7.81
N LEU E 405 -15.84 -9.88 -7.95
CA LEU E 405 -15.54 -8.92 -8.99
C LEU E 405 -14.23 -8.22 -8.64
N PRO E 406 -13.12 -8.55 -9.29
CA PRO E 406 -11.81 -8.13 -8.77
C PRO E 406 -11.66 -6.63 -8.77
N VAL E 407 -12.33 -5.98 -7.83
CA VAL E 407 -12.28 -4.53 -7.67
C VAL E 407 -11.96 -4.27 -6.21
N HIS E 408 -10.71 -3.94 -5.92
CA HIS E 408 -10.26 -3.64 -4.57
C HIS E 408 -10.27 -2.14 -4.38
N ALA E 409 -11.11 -1.66 -3.47
CA ALA E 409 -11.23 -0.22 -3.24
C ALA E 409 -10.05 0.26 -2.41
N LYS E 410 -9.20 1.09 -3.00
CA LYS E 410 -8.08 1.65 -2.28
C LYS E 410 -8.57 2.81 -1.41
N SER E 411 -7.63 3.51 -0.76
CA SER E 411 -7.97 4.64 0.08
C SER E 411 -6.73 5.49 0.24
N PHE E 412 -6.78 6.74 -0.20
CA PHE E 412 -5.63 7.63 -0.18
C PHE E 412 -5.96 8.84 0.68
N TYR E 413 -4.97 9.31 1.43
CA TYR E 413 -5.17 10.48 2.27
C TYR E 413 -5.38 11.69 1.39
N ASN E 414 -6.61 12.20 1.36
CA ASN E 414 -6.93 13.34 0.52
C ASN E 414 -6.05 14.53 0.90
N GLU E 415 -5.68 15.31 -0.11
CA GLU E 415 -4.80 16.46 0.08
C GLU E 415 -5.52 17.79 -0.03
N GLN E 416 -6.61 17.86 -0.80
CA GLN E 416 -7.30 19.14 -1.00
C GLN E 416 -7.78 19.75 0.31
N ALA E 417 -7.97 18.93 1.35
CA ALA E 417 -8.25 19.46 2.67
C ALA E 417 -7.20 20.47 3.11
N VAL E 418 -5.95 20.25 2.71
CA VAL E 418 -4.87 21.20 2.97
C VAL E 418 -4.93 22.34 1.96
N THR E 430 -15.78 30.36 -8.39
CA THR E 430 -15.04 30.20 -9.64
C THR E 430 -15.24 28.81 -10.20
N HIS E 431 -15.60 27.87 -9.33
CA HIS E 431 -15.73 26.48 -9.72
C HIS E 431 -17.13 26.23 -10.28
N VAL E 432 -17.40 24.98 -10.65
CA VAL E 432 -18.68 24.60 -11.22
C VAL E 432 -19.45 23.64 -10.33
N PHE E 433 -18.77 22.88 -9.48
CA PHE E 433 -19.49 22.09 -8.48
C PHE E 433 -19.94 22.98 -7.32
N ASN E 434 -19.06 23.83 -6.84
CA ASN E 434 -19.39 24.80 -5.79
C ASN E 434 -20.07 26.01 -6.44
N ARG E 435 -21.30 25.79 -6.88
CA ARG E 435 -22.03 26.84 -7.59
C ARG E 435 -22.34 28.01 -6.67
N PHE E 436 -23.01 27.74 -5.55
CA PHE E 436 -23.34 28.78 -4.59
C PHE E 436 -22.21 28.88 -3.57
N PRO E 437 -21.43 29.96 -3.57
CA PRO E 437 -20.29 30.07 -2.65
C PRO E 437 -20.61 30.77 -1.33
N GLU E 438 -21.85 31.13 -1.08
CA GLU E 438 -22.22 31.80 0.16
C GLU E 438 -23.21 31.00 0.99
N ASN E 439 -24.23 30.42 0.36
CA ASN E 439 -25.21 29.61 1.07
C ASN E 439 -24.52 28.52 1.88
N GLN E 440 -24.48 28.68 3.19
CA GLN E 440 -23.72 27.76 4.05
C GLN E 440 -24.23 26.34 3.98
N ILE E 441 -25.47 26.12 3.52
CA ILE E 441 -25.96 24.77 3.39
C ILE E 441 -25.68 24.21 2.00
N LEU E 442 -25.79 25.03 0.97
CA LEU E 442 -25.64 24.59 -0.41
C LEU E 442 -24.19 24.58 -0.89
N VAL E 443 -23.26 25.05 -0.06
CA VAL E 443 -21.87 25.12 -0.48
C VAL E 443 -21.35 23.71 -0.77
N ARG E 444 -20.23 23.65 -1.48
CA ARG E 444 -19.66 22.38 -1.86
C ARG E 444 -19.35 21.54 -0.62
N PRO E 445 -19.86 20.33 -0.52
CA PRO E 445 -19.60 19.50 0.65
C PRO E 445 -18.12 19.15 0.73
N PRO E 446 -17.43 19.63 1.77
CA PRO E 446 -15.98 19.41 1.85
C PRO E 446 -15.63 17.93 1.77
N ALA E 447 -14.45 17.68 1.23
CA ALA E 447 -14.07 16.31 0.90
C ALA E 447 -13.71 15.54 2.17
N PRO E 448 -14.09 14.27 2.26
CA PRO E 448 -13.68 13.47 3.41
C PRO E 448 -12.18 13.26 3.40
N THR E 449 -11.61 13.14 4.60
CA THR E 449 -10.16 13.10 4.73
C THR E 449 -9.58 11.89 4.02
N ILE E 450 -10.33 10.79 3.94
CA ILE E 450 -9.82 9.57 3.32
C ILE E 450 -10.57 9.36 2.01
N THR E 451 -9.99 9.83 0.91
CA THR E 451 -10.64 9.68 -0.39
C THR E 451 -10.43 8.26 -0.89
N THR E 452 -11.52 7.55 -1.11
CA THR E 452 -11.42 6.20 -1.64
C THR E 452 -11.69 6.20 -3.14
N VAL E 453 -11.27 5.12 -3.80
CA VAL E 453 -11.39 5.01 -5.24
C VAL E 453 -11.24 3.54 -5.61
N SER E 454 -11.96 3.11 -6.64
CA SER E 454 -11.89 1.73 -7.06
C SER E 454 -10.57 1.45 -7.76
N GLU E 455 -10.29 0.16 -7.96
CA GLU E 455 -9.09 -0.28 -8.65
C GLU E 455 -9.42 -1.54 -9.43
N ASN E 456 -8.38 -2.20 -9.94
CA ASN E 456 -8.57 -3.44 -10.69
C ASN E 456 -7.34 -4.31 -10.47
N VAL E 457 -7.42 -5.23 -9.52
CA VAL E 457 -6.34 -6.16 -9.22
C VAL E 457 -6.62 -7.46 -9.97
N PRO E 458 -5.65 -8.01 -10.67
CA PRO E 458 -5.89 -9.26 -11.40
C PRO E 458 -5.97 -10.44 -10.45
N ALA E 459 -7.19 -10.86 -10.13
CA ALA E 459 -7.39 -11.88 -9.10
C ALA E 459 -7.01 -13.26 -9.62
N LEU E 460 -5.77 -13.66 -9.38
CA LEU E 460 -5.31 -15.01 -9.75
C LEU E 460 -5.88 -15.99 -8.73
N THR E 461 -7.17 -16.25 -8.84
CA THR E 461 -7.86 -17.03 -7.82
C THR E 461 -7.61 -18.52 -7.99
N ASP E 462 -8.54 -19.33 -7.51
CA ASP E 462 -8.43 -20.77 -7.56
C ASP E 462 -9.81 -21.35 -7.28
N HIS E 463 -10.00 -22.59 -7.71
CA HIS E 463 -11.20 -23.35 -7.40
C HIS E 463 -10.81 -24.80 -7.23
N GLY E 464 -11.40 -25.45 -6.24
CA GLY E 464 -11.07 -26.84 -5.97
C GLY E 464 -11.37 -27.73 -7.15
N THR E 465 -10.94 -28.98 -7.02
CA THR E 465 -11.19 -29.97 -8.06
C THR E 465 -12.69 -30.15 -8.27
N LEU E 466 -13.07 -30.39 -9.51
CA LEU E 466 -14.47 -30.53 -9.87
C LEU E 466 -14.56 -31.29 -11.17
N PRO E 467 -15.60 -32.09 -11.38
CA PRO E 467 -15.55 -33.13 -12.42
C PRO E 467 -15.47 -32.55 -13.82
N LEU E 468 -15.02 -33.39 -14.74
CA LEU E 468 -14.84 -33.04 -16.14
C LEU E 468 -15.82 -33.81 -17.00
N ARG E 469 -16.14 -33.24 -18.17
CA ARG E 469 -17.11 -33.83 -19.07
C ARG E 469 -16.62 -35.15 -19.63
N SER E 470 -15.39 -35.54 -19.32
CA SER E 470 -14.76 -36.78 -19.76
C SER E 470 -14.68 -36.90 -21.26
N SER E 471 -14.84 -35.80 -21.99
CA SER E 471 -14.72 -35.79 -23.44
C SER E 471 -14.66 -34.36 -23.95
N ILE E 472 -13.65 -33.61 -23.54
CA ILE E 472 -13.53 -32.22 -23.94
C ILE E 472 -13.51 -32.14 -25.46
N SER E 473 -14.19 -31.13 -26.00
CA SER E 473 -14.17 -30.88 -27.43
C SER E 473 -13.01 -29.95 -27.76
N GLY E 474 -12.68 -29.90 -29.04
CA GLY E 474 -11.61 -29.03 -29.48
C GLY E 474 -11.89 -27.55 -29.31
N VAL E 475 -13.14 -27.19 -29.04
CA VAL E 475 -13.51 -25.79 -28.90
C VAL E 475 -14.36 -25.65 -27.64
N GLN E 476 -13.92 -24.80 -26.71
CA GLN E 476 -14.65 -24.49 -25.50
C GLN E 476 -15.13 -23.04 -25.55
N ARG E 477 -15.87 -22.64 -24.53
CA ARG E 477 -16.39 -21.28 -24.47
C ARG E 477 -16.47 -20.84 -23.02
N VAL E 478 -15.44 -20.15 -22.56
CA VAL E 478 -15.48 -19.51 -21.25
C VAL E 478 -16.56 -18.43 -21.29
N THR E 479 -17.01 -18.00 -20.12
CA THR E 479 -18.05 -16.98 -20.05
C THR E 479 -18.17 -16.45 -18.63
N ILE E 480 -18.25 -15.12 -18.49
CA ILE E 480 -18.22 -14.46 -17.20
C ILE E 480 -19.52 -13.68 -17.02
N THR E 481 -20.37 -14.16 -16.12
CA THR E 481 -21.70 -13.61 -15.91
C THR E 481 -21.84 -13.09 -14.49
N ASP E 482 -22.53 -11.95 -14.36
CA ASP E 482 -22.76 -11.35 -13.04
C ASP E 482 -23.91 -12.03 -12.32
N ALA E 483 -24.56 -11.31 -11.41
CA ALA E 483 -25.67 -11.86 -10.66
C ALA E 483 -26.85 -12.11 -11.59
N ARG E 484 -27.58 -11.06 -11.95
CA ARG E 484 -28.54 -11.15 -13.02
C ARG E 484 -27.80 -11.66 -14.25
N ARG E 485 -28.18 -12.84 -14.73
CA ARG E 485 -27.27 -13.63 -15.56
C ARG E 485 -27.01 -13.00 -16.91
N ARG E 486 -26.40 -11.82 -16.92
CA ARG E 486 -25.88 -11.21 -18.12
C ARG E 486 -24.37 -11.42 -18.19
N THR E 487 -23.84 -11.50 -19.40
CA THR E 487 -22.41 -11.63 -19.57
C THR E 487 -21.74 -10.29 -19.34
N CYS E 488 -20.78 -10.26 -18.42
CA CYS E 488 -20.16 -9.01 -18.01
C CYS E 488 -19.43 -8.40 -19.20
N PRO E 489 -19.80 -7.20 -19.64
CA PRO E 489 -19.12 -6.57 -20.77
C PRO E 489 -17.92 -5.73 -20.37
N TYR E 490 -17.39 -5.90 -19.17
CA TYR E 490 -16.27 -5.10 -18.70
C TYR E 490 -15.03 -5.93 -18.43
N VAL E 491 -15.12 -7.25 -18.40
CA VAL E 491 -13.92 -8.07 -18.28
C VAL E 491 -12.98 -7.77 -19.43
N HIS E 492 -11.71 -7.62 -19.11
CA HIS E 492 -10.71 -7.24 -20.10
C HIS E 492 -9.88 -8.41 -20.59
N LYS E 493 -9.68 -9.43 -19.75
CA LYS E 493 -8.97 -10.63 -20.17
C LYS E 493 -9.22 -11.73 -19.16
N ALA E 494 -9.54 -12.91 -19.65
CA ALA E 494 -9.67 -14.08 -18.81
C ALA E 494 -8.78 -15.18 -19.36
N LEU E 495 -8.40 -16.11 -18.50
CA LEU E 495 -7.61 -17.27 -18.93
C LEU E 495 -8.34 -18.52 -18.48
N GLY E 496 -7.70 -19.34 -17.68
CA GLY E 496 -8.38 -20.49 -17.15
C GLY E 496 -7.62 -21.78 -17.39
N ILE E 497 -6.43 -21.87 -16.81
CA ILE E 497 -5.69 -23.11 -16.80
C ILE E 497 -6.57 -24.19 -16.20
N VAL E 498 -6.48 -25.41 -16.72
CA VAL E 498 -7.25 -26.53 -16.21
C VAL E 498 -6.32 -27.73 -16.11
N ALA E 499 -6.10 -28.19 -14.90
CA ALA E 499 -5.21 -29.33 -14.69
C ALA E 499 -6.04 -30.57 -14.39
N PRO E 500 -6.27 -31.45 -15.36
CA PRO E 500 -7.04 -32.66 -15.08
C PRO E 500 -6.25 -33.62 -14.22
N LYS E 501 -6.98 -34.55 -13.60
CA LYS E 501 -6.41 -35.62 -12.79
C LYS E 501 -7.53 -36.55 -12.38
N VAL E 502 -7.16 -37.76 -11.99
CA VAL E 502 -8.16 -38.76 -11.62
C VAL E 502 -8.83 -38.36 -10.30
N LEU E 503 -10.04 -38.86 -10.11
CA LEU E 503 -10.72 -38.75 -8.81
C LEU E 503 -11.19 -40.10 -8.31
N SER E 504 -11.57 -40.99 -9.21
CA SER E 504 -12.10 -42.29 -8.84
C SER E 504 -11.97 -43.22 -10.05
N SER E 505 -12.56 -44.40 -9.95
CA SER E 505 -12.56 -45.38 -11.02
C SER E 505 -13.96 -45.52 -11.59
N ARG E 506 -14.08 -46.36 -12.61
CA ARG E 506 -15.35 -46.63 -13.29
C ARG E 506 -16.00 -45.34 -13.80
#